data_9GCH
#
_entry.id   9GCH
#
_cell.length_a   1.00
_cell.length_b   1.00
_cell.length_c   1.00
_cell.angle_alpha   90.00
_cell.angle_beta   90.00
_cell.angle_gamma   90.00
#
_symmetry.space_group_name_H-M   'P 1'
#
loop_
_entity.id
_entity.type
_entity.pdbx_description
1 polymer '3-hydroxyacyl-CoA dehydrogenase type-2'
2 polymer 'tRNA methyltransferase 10 homolog C'
3 polymer mt-tRNA-His-CCA
4 non-polymer S-ADENOSYLMETHIONINE
5 non-polymer "GUANOSINE-5'-TRIPHOSPHATE"
6 non-polymer 'MAGNESIUM ION'
7 water water
#
loop_
_entity_poly.entity_id
_entity_poly.type
_entity_poly.pdbx_seq_one_letter_code
_entity_poly.pdbx_strand_id
1 'polypeptide(L)'
;MAAACRSVKGLVAVITGGASGLGLATAERLVGQGASAVLLDLPNSGGEAQAKKLGNNCVFAPADVTSEKDVQTALALAKG
KFGRVDVAVNCAGIAVASKTYNLKKGQTHTLEDFQRVLDVNLMGTFNVIRLVAGEMGQNEPDQGGQRGVIINTASVAAFE
GQVGQAAYSASKGGIVGMTLPIARDLAPIGIRVMTIAPGLFGTPLLTSLPEKVCNFLASQVPFPSRLGDPAEYAHLVQAI
IENPFLNGEVIRLDGAIRMQP
;
A,B,C,D
2 'polypeptide(L)'
;MKSSVQEECVSTISSSKDEDPLAATREFIEMWRLLGREVPEHITEEELKTLMECVSNTAKKKYLKYLYTKEKVKKARQIK
KEMKAAAREEAKNIKLLETTEEDKQKNFLFLRLWDRNMDIAMGWKGAQAMQFGQPLVFDMAYENYMKRKELQNTVSQLLE
SEGWNRRNVDPFHIYFCNLKIDGALHRELVKRYQEKWDKLLLTSTEKSHVDLFPKDSIIYLTADSPNVMTTFRHDKVYVI
GSFVDKSMQPGTSLAKAKRLNLATECLPLDKYLQWEIGNKNLTLDQMIRILLCLKNNGNWQEALQFVPKRKHTGFLEISQ
HSQEFINRLKKAKTAENLYFQSHHHHHHDYKDDDDK
;
F
3 'polyribonucleotide' UAAAUAUAGUUUAACCAAAACAUCAGAUUGUGAAUCUGACAACAGAGGCUUACGACCCCUUAUUUACCCCA T
#
# COMPACT_ATOMS: atom_id res chain seq x y z
N SER A 7 31.72 -7.79 12.46
CA SER A 7 32.46 -7.94 11.17
C SER A 7 32.06 -9.23 10.47
N VAL A 8 32.00 -9.20 9.14
CA VAL A 8 31.66 -10.37 8.36
C VAL A 8 32.90 -11.13 7.91
N LYS A 9 34.10 -10.64 8.28
CA LYS A 9 35.33 -11.32 7.89
C LYS A 9 35.37 -12.71 8.50
N GLY A 10 35.65 -13.72 7.66
CA GLY A 10 35.76 -15.09 8.10
C GLY A 10 34.42 -15.83 8.15
N LEU A 11 33.29 -15.12 8.00
CA LEU A 11 32.00 -15.78 7.98
C LEU A 11 31.79 -16.51 6.66
N VAL A 12 31.02 -17.61 6.71
CA VAL A 12 30.66 -18.35 5.53
C VAL A 12 29.18 -18.13 5.26
N ALA A 13 28.87 -17.64 4.06
CA ALA A 13 27.51 -17.32 3.67
C ALA A 13 27.07 -18.25 2.55
N VAL A 14 25.92 -18.88 2.73
CA VAL A 14 25.26 -19.60 1.65
C VAL A 14 24.20 -18.69 1.06
N ILE A 15 24.40 -18.32 -0.21
CA ILE A 15 23.56 -17.34 -0.86
C ILE A 15 22.75 -18.03 -1.96
N THR A 16 21.45 -18.12 -1.72
CA THR A 16 20.55 -18.77 -2.66
C THR A 16 20.25 -17.81 -3.81
N GLY A 17 20.18 -18.35 -5.03
CA GLY A 17 20.04 -17.50 -6.20
C GLY A 17 21.25 -16.57 -6.39
N GLY A 18 22.45 -17.06 -6.02
CA GLY A 18 23.63 -16.22 -5.93
C GLY A 18 24.35 -16.01 -7.26
N ALA A 19 23.83 -16.55 -8.37
CA ALA A 19 24.49 -16.42 -9.67
C ALA A 19 24.12 -15.11 -10.37
N SER A 20 23.14 -14.36 -9.85
CA SER A 20 22.70 -13.14 -10.51
C SER A 20 21.93 -12.26 -9.54
N GLY A 21 21.67 -11.02 -9.95
CA GLY A 21 20.77 -10.13 -9.25
C GLY A 21 21.21 -9.86 -7.81
N LEU A 22 20.24 -9.90 -6.89
CA LEU A 22 20.50 -9.55 -5.50
C LEU A 22 21.45 -10.54 -4.86
N GLY A 23 21.30 -11.82 -5.16
CA GLY A 23 22.16 -12.84 -4.59
C GLY A 23 23.62 -12.64 -4.99
N LEU A 24 23.86 -12.33 -6.26
CA LEU A 24 25.22 -12.12 -6.74
C LEU A 24 25.83 -10.88 -6.09
N ALA A 25 25.07 -9.77 -6.02
CA ALA A 25 25.58 -8.56 -5.40
C ALA A 25 25.94 -8.81 -3.94
N THR A 26 25.12 -9.61 -3.24
CA THR A 26 25.41 -9.96 -1.87
C THR A 26 26.72 -10.75 -1.79
N ALA A 27 26.94 -11.66 -2.73
CA ALA A 27 28.16 -12.46 -2.76
C ALA A 27 29.38 -11.58 -2.99
N GLU A 28 29.29 -10.64 -3.94
CA GLU A 28 30.43 -9.80 -4.28
C GLU A 28 30.82 -8.94 -3.08
N ARG A 29 29.82 -8.39 -2.38
CA ARG A 29 30.10 -7.53 -1.24
C ARG A 29 30.72 -8.33 -0.10
N LEU A 30 30.10 -9.45 0.26
CA LEU A 30 30.56 -10.23 1.39
C LEU A 30 31.97 -10.78 1.13
N VAL A 31 32.21 -11.28 -0.08
CA VAL A 31 33.54 -11.78 -0.42
C VAL A 31 34.55 -10.64 -0.37
N GLY A 32 34.18 -9.47 -0.90
CA GLY A 32 35.03 -8.29 -0.86
C GLY A 32 35.33 -7.84 0.57
N GLN A 33 34.45 -8.14 1.52
CA GLN A 33 34.62 -7.77 2.92
C GLN A 33 35.31 -8.87 3.72
N GLY A 34 35.74 -9.96 3.06
CA GLY A 34 36.55 -10.97 3.72
C GLY A 34 35.77 -12.24 4.07
N ALA A 35 34.49 -12.33 3.69
CA ALA A 35 33.70 -13.52 3.97
C ALA A 35 33.87 -14.54 2.84
N SER A 36 33.42 -15.77 3.12
CA SER A 36 33.35 -16.83 2.13
C SER A 36 31.90 -17.03 1.71
N ALA A 37 31.69 -17.24 0.41
CA ALA A 37 30.34 -17.34 -0.14
C ALA A 37 30.19 -18.66 -0.89
N VAL A 38 28.99 -19.24 -0.77
CA VAL A 38 28.58 -20.37 -1.57
C VAL A 38 27.39 -19.96 -2.41
N LEU A 39 27.56 -19.98 -3.74
CA LEU A 39 26.50 -19.59 -4.65
C LEU A 39 25.61 -20.80 -4.91
N LEU A 40 24.41 -20.79 -4.32
CA LEU A 40 23.43 -21.83 -4.51
C LEU A 40 22.45 -21.35 -5.58
N ASP A 41 22.54 -21.95 -6.77
CA ASP A 41 21.68 -21.59 -7.88
C ASP A 41 21.52 -22.78 -8.81
N LEU A 42 20.64 -22.64 -9.79
CA LEU A 42 20.36 -23.74 -10.71
C LEU A 42 21.59 -24.06 -11.54
N PRO A 43 21.72 -25.31 -12.02
CA PRO A 43 22.83 -25.69 -12.90
C PRO A 43 22.99 -24.82 -14.15
N ASN A 44 21.88 -24.29 -14.68
CA ASN A 44 21.95 -23.50 -15.91
C ASN A 44 22.15 -22.01 -15.65
N SER A 45 22.32 -21.61 -14.38
CA SER A 45 22.33 -20.19 -14.01
C SER A 45 23.64 -19.50 -14.38
N GLY A 46 24.69 -20.25 -14.69
CA GLY A 46 25.98 -19.64 -14.94
C GLY A 46 26.73 -19.29 -13.65
N GLY A 47 26.39 -19.96 -12.54
CA GLY A 47 27.02 -19.66 -11.27
C GLY A 47 28.49 -20.06 -11.20
N GLU A 48 28.90 -21.04 -12.00
CA GLU A 48 30.29 -21.47 -12.01
C GLU A 48 31.21 -20.33 -12.45
N ALA A 49 30.81 -19.57 -13.48
CA ALA A 49 31.61 -18.45 -13.96
C ALA A 49 31.68 -17.35 -12.90
N GLN A 50 30.56 -17.08 -12.23
CA GLN A 50 30.53 -16.06 -11.20
C GLN A 50 31.41 -16.46 -10.02
N ALA A 51 31.34 -17.73 -9.61
CA ALA A 51 32.15 -18.20 -8.49
C ALA A 51 33.64 -18.10 -8.80
N LYS A 52 34.02 -18.45 -10.03
CA LYS A 52 35.41 -18.34 -10.44
C LYS A 52 35.85 -16.87 -10.45
N LYS A 53 34.95 -15.98 -10.89
CA LYS A 53 35.27 -14.56 -10.94
C LYS A 53 35.52 -14.00 -9.53
N LEU A 54 34.73 -14.46 -8.55
CA LEU A 54 34.82 -13.93 -7.20
C LEU A 54 36.06 -14.42 -6.45
N GLY A 55 36.71 -15.49 -6.92
CA GLY A 55 37.97 -15.94 -6.35
C GLY A 55 37.82 -17.23 -5.57
N ASN A 56 38.85 -17.55 -4.79
CA ASN A 56 38.95 -18.83 -4.10
C ASN A 56 38.01 -18.90 -2.90
N ASN A 57 37.53 -17.75 -2.42
CA ASN A 57 36.63 -17.75 -1.28
C ASN A 57 35.16 -17.89 -1.70
N CYS A 58 34.92 -18.14 -2.99
CA CYS A 58 33.57 -18.34 -3.51
C CYS A 58 33.52 -19.63 -4.33
N VAL A 59 32.49 -20.45 -4.07
CA VAL A 59 32.26 -21.66 -4.83
C VAL A 59 30.81 -21.70 -5.27
N PHE A 60 30.57 -22.42 -6.37
CA PHE A 60 29.25 -22.61 -6.91
C PHE A 60 28.71 -23.97 -6.48
N ALA A 61 27.51 -23.97 -5.90
CA ALA A 61 26.82 -25.17 -5.51
C ALA A 61 25.53 -25.28 -6.31
N PRO A 62 25.49 -26.13 -7.37
CA PRO A 62 24.28 -26.24 -8.17
C PRO A 62 23.19 -26.93 -7.36
N ALA A 63 22.02 -26.30 -7.28
CA ALA A 63 20.92 -26.88 -6.54
C ALA A 63 19.62 -26.20 -6.94
N ASP A 64 18.53 -26.95 -6.81
CA ASP A 64 17.18 -26.41 -6.86
C ASP A 64 16.66 -26.29 -5.42
N VAL A 65 16.25 -25.09 -5.03
CA VAL A 65 15.85 -24.85 -3.65
C VAL A 65 14.57 -25.61 -3.30
N THR A 66 13.77 -25.95 -4.31
CA THR A 66 12.56 -26.74 -4.08
C THR A 66 12.87 -28.20 -3.72
N SER A 67 14.12 -28.63 -3.92
CA SER A 67 14.52 -30.00 -3.70
C SER A 67 15.29 -30.12 -2.39
N GLU A 68 14.82 -31.00 -1.49
CA GLU A 68 15.53 -31.25 -0.25
C GLU A 68 16.91 -31.86 -0.54
N LYS A 69 16.98 -32.80 -1.48
CA LYS A 69 18.24 -33.45 -1.80
C LYS A 69 19.24 -32.46 -2.40
N ASP A 70 18.78 -31.58 -3.29
CA ASP A 70 19.67 -30.60 -3.91
C ASP A 70 20.28 -29.67 -2.85
N VAL A 71 19.45 -29.18 -1.93
CA VAL A 71 19.95 -28.26 -0.91
C VAL A 71 20.88 -29.00 0.04
N GLN A 72 20.55 -30.24 0.38
CA GLN A 72 21.41 -31.04 1.25
C GLN A 72 22.78 -31.22 0.62
N THR A 73 22.82 -31.49 -0.69
CA THR A 73 24.09 -31.62 -1.39
C THR A 73 24.87 -30.30 -1.37
N ALA A 74 24.18 -29.18 -1.59
CA ALA A 74 24.82 -27.88 -1.58
C ALA A 74 25.41 -27.56 -0.21
N LEU A 75 24.65 -27.84 0.86
CA LEU A 75 25.14 -27.56 2.21
C LEU A 75 26.31 -28.46 2.57
N ALA A 76 26.29 -29.71 2.08
CA ALA A 76 27.42 -30.60 2.27
C ALA A 76 28.66 -30.05 1.55
N LEU A 77 28.46 -29.50 0.35
CA LEU A 77 29.55 -28.88 -0.39
C LEU A 77 30.08 -27.67 0.38
N ALA A 78 29.17 -26.86 0.94
CA ALA A 78 29.57 -25.68 1.69
C ALA A 78 30.39 -26.08 2.92
N LYS A 79 29.92 -27.09 3.64
CA LYS A 79 30.61 -27.56 4.82
C LYS A 79 31.96 -28.18 4.45
N GLY A 80 31.99 -28.93 3.35
CA GLY A 80 33.21 -29.58 2.91
C GLY A 80 34.30 -28.57 2.55
N LYS A 81 33.93 -27.48 1.88
CA LYS A 81 34.92 -26.52 1.43
C LYS A 81 35.32 -25.57 2.54
N PHE A 82 34.35 -25.05 3.30
CA PHE A 82 34.61 -23.96 4.23
C PHE A 82 34.46 -24.36 5.70
N GLY A 83 33.87 -25.52 6.00
CA GLY A 83 33.92 -26.06 7.35
C GLY A 83 32.67 -25.76 8.18
N ARG A 84 31.90 -24.74 7.79
CA ARG A 84 30.76 -24.31 8.57
C ARG A 84 29.91 -23.37 7.72
N VAL A 85 28.70 -23.09 8.22
CA VAL A 85 27.83 -22.09 7.62
C VAL A 85 27.41 -21.11 8.72
N ASP A 86 27.64 -19.83 8.47
CA ASP A 86 27.33 -18.78 9.43
C ASP A 86 26.13 -17.94 8.99
N VAL A 87 25.96 -17.77 7.68
CA VAL A 87 24.92 -16.90 7.14
C VAL A 87 24.22 -17.63 6.01
N ALA A 88 22.90 -17.51 5.97
CA ALA A 88 22.12 -17.95 4.82
C ALA A 88 21.33 -16.76 4.30
N VAL A 89 21.47 -16.48 3.00
CA VAL A 89 20.72 -15.44 2.34
C VAL A 89 19.86 -16.06 1.25
N ASN A 90 18.54 -15.97 1.40
CA ASN A 90 17.60 -16.51 0.44
C ASN A 90 17.23 -15.44 -0.58
N CYS A 91 17.80 -15.52 -1.78
CA CYS A 91 17.52 -14.54 -2.82
C CYS A 91 16.91 -15.17 -4.08
N ALA A 92 16.76 -16.49 -4.13
CA ALA A 92 16.14 -17.11 -5.30
C ALA A 92 14.65 -16.80 -5.31
N GLY A 93 14.14 -16.44 -6.47
CA GLY A 93 12.73 -16.11 -6.58
C GLY A 93 12.32 -16.00 -8.04
N ILE A 94 11.05 -16.32 -8.31
CA ILE A 94 10.46 -16.14 -9.62
C ILE A 94 9.14 -15.38 -9.44
N ALA A 95 8.64 -14.83 -10.54
CA ALA A 95 7.33 -14.21 -10.54
C ALA A 95 6.59 -14.58 -11.83
N VAL A 96 5.28 -14.37 -11.81
CA VAL A 96 4.46 -14.36 -13.00
C VAL A 96 3.62 -13.08 -12.96
N ALA A 97 3.27 -12.59 -14.15
CA ALA A 97 2.33 -11.50 -14.29
C ALA A 97 1.03 -12.09 -14.86
N SER A 98 0.08 -12.33 -13.97
CA SER A 98 -1.18 -12.96 -14.35
C SER A 98 -2.28 -12.51 -13.41
N LYS A 99 -3.37 -11.98 -13.96
CA LYS A 99 -4.51 -11.61 -13.16
C LYS A 99 -5.20 -12.85 -12.60
N THR A 100 -5.82 -12.70 -11.43
CA THR A 100 -6.60 -13.77 -10.83
C THR A 100 -7.71 -14.21 -11.81
N TYR A 101 -8.43 -13.22 -12.34
CA TYR A 101 -9.47 -13.49 -13.33
C TYR A 101 -9.67 -12.23 -14.16
N ASN A 102 -9.80 -12.43 -15.48
CA ASN A 102 -10.04 -11.35 -16.42
C ASN A 102 -11.40 -11.60 -17.07
N LEU A 103 -12.39 -10.79 -16.72
CA LEU A 103 -13.75 -10.99 -17.20
C LEU A 103 -13.83 -10.76 -18.70
N LYS A 104 -13.20 -9.69 -19.18
CA LYS A 104 -13.29 -9.31 -20.59
C LYS A 104 -12.71 -10.42 -21.47
N LYS A 105 -11.54 -10.94 -21.08
CA LYS A 105 -10.88 -11.98 -21.84
C LYS A 105 -11.37 -13.38 -21.45
N GLY A 106 -12.14 -13.50 -20.37
CA GLY A 106 -12.57 -14.80 -19.88
C GLY A 106 -11.40 -15.69 -19.48
N GLN A 107 -10.34 -15.08 -18.93
CA GLN A 107 -9.10 -15.76 -18.63
C GLN A 107 -8.95 -15.88 -17.12
N THR A 108 -8.62 -17.09 -16.68
CA THR A 108 -8.45 -17.39 -15.27
C THR A 108 -6.97 -17.69 -15.01
N HIS A 109 -6.48 -17.19 -13.88
CA HIS A 109 -5.14 -17.52 -13.44
C HIS A 109 -5.00 -19.03 -13.35
N THR A 110 -3.93 -19.56 -13.91
CA THR A 110 -3.67 -20.99 -13.86
C THR A 110 -3.27 -21.39 -12.44
N LEU A 111 -3.75 -22.55 -12.00
CA LEU A 111 -3.37 -23.09 -10.71
C LEU A 111 -1.88 -23.46 -10.70
N GLU A 112 -1.39 -23.98 -11.83
CA GLU A 112 0.01 -24.39 -11.93
C GLU A 112 0.95 -23.17 -11.80
N ASP A 113 0.56 -22.04 -12.38
CA ASP A 113 1.35 -20.82 -12.25
C ASP A 113 1.46 -20.39 -10.80
N PHE A 114 0.35 -20.44 -10.07
CA PHE A 114 0.34 -20.09 -8.67
C PHE A 114 1.22 -21.06 -7.87
N GLN A 115 1.11 -22.35 -8.17
CA GLN A 115 1.85 -23.37 -7.44
C GLN A 115 3.36 -23.22 -7.67
N ARG A 116 3.77 -22.96 -8.91
CA ARG A 116 5.18 -22.87 -9.24
C ARG A 116 5.84 -21.71 -8.49
N VAL A 117 5.14 -20.58 -8.41
CA VAL A 117 5.68 -19.42 -7.71
C VAL A 117 5.82 -19.71 -6.22
N LEU A 118 4.81 -20.34 -5.62
CA LEU A 118 4.88 -20.69 -4.21
C LEU A 118 6.02 -21.65 -3.93
N ASP A 119 6.19 -22.67 -4.80
CA ASP A 119 7.19 -23.69 -4.57
C ASP A 119 8.60 -23.10 -4.51
N VAL A 120 8.91 -22.20 -5.44
CA VAL A 120 10.24 -21.62 -5.49
C VAL A 120 10.40 -20.55 -4.41
N ASN A 121 9.50 -19.57 -4.40
CA ASN A 121 9.65 -18.42 -3.53
C ASN A 121 9.48 -18.80 -2.06
N LEU A 122 8.40 -19.51 -1.74
CA LEU A 122 8.00 -19.72 -0.37
C LEU A 122 8.49 -21.07 0.14
N MET A 123 8.11 -22.15 -0.55
CA MET A 123 8.55 -23.48 -0.15
C MET A 123 10.07 -23.60 -0.27
N GLY A 124 10.65 -23.01 -1.31
CA GLY A 124 12.09 -23.06 -1.49
C GLY A 124 12.83 -22.34 -0.36
N THR A 125 12.31 -21.19 0.05
CA THR A 125 12.91 -20.45 1.14
C THR A 125 12.87 -21.28 2.43
N PHE A 126 11.71 -21.85 2.75
CA PHE A 126 11.59 -22.64 3.96
C PHE A 126 12.48 -23.87 3.90
N ASN A 127 12.58 -24.49 2.72
CA ASN A 127 13.43 -25.66 2.55
C ASN A 127 14.88 -25.33 2.90
N VAL A 128 15.37 -24.19 2.43
CA VAL A 128 16.72 -23.76 2.75
C VAL A 128 16.83 -23.45 4.25
N ILE A 129 15.84 -22.74 4.79
CA ILE A 129 15.89 -22.32 6.18
C ILE A 129 16.00 -23.54 7.09
N ARG A 130 15.12 -24.53 6.89
CA ARG A 130 15.06 -25.66 7.81
C ARG A 130 16.34 -26.50 7.74
N LEU A 131 17.00 -26.53 6.59
CA LEU A 131 18.21 -27.33 6.42
C LEU A 131 19.46 -26.59 6.87
N VAL A 132 19.54 -25.28 6.59
CA VAL A 132 20.70 -24.52 7.02
C VAL A 132 20.68 -24.33 8.54
N ALA A 133 19.49 -24.30 9.14
CA ALA A 133 19.40 -24.17 10.59
C ALA A 133 20.07 -25.36 11.27
N GLY A 134 19.87 -26.56 10.72
CA GLY A 134 20.55 -27.75 11.22
C GLY A 134 22.07 -27.63 11.08
N GLU A 135 22.53 -27.08 9.95
CA GLU A 135 23.95 -26.85 9.76
C GLU A 135 24.47 -25.79 10.73
N MET A 136 23.72 -24.69 10.89
CA MET A 136 24.10 -23.63 11.81
C MET A 136 24.06 -24.12 13.26
N GLY A 137 23.16 -25.05 13.57
CA GLY A 137 23.03 -25.57 14.93
C GLY A 137 24.30 -26.26 15.40
N GLN A 138 25.11 -26.78 14.46
CA GLN A 138 26.35 -27.44 14.82
C GLN A 138 27.44 -26.44 15.21
N ASN A 139 27.25 -25.15 14.91
CA ASN A 139 28.24 -24.14 15.24
C ASN A 139 28.29 -23.94 16.76
N GLU A 140 29.50 -23.71 17.27
CA GLU A 140 29.65 -23.24 18.62
C GLU A 140 29.18 -21.79 18.68
N PRO A 141 28.37 -21.41 19.69
CA PRO A 141 27.92 -20.02 19.78
C PRO A 141 29.10 -19.07 19.98
N ASP A 142 28.97 -17.86 19.43
CA ASP A 142 29.95 -16.81 19.64
C ASP A 142 29.78 -16.23 21.04
N GLN A 143 30.52 -15.16 21.35
CA GLN A 143 30.45 -14.57 22.68
C GLN A 143 29.04 -14.08 23.00
N GLY A 144 28.30 -13.68 21.97
CA GLY A 144 26.92 -13.23 22.12
C GLY A 144 25.89 -14.35 22.05
N GLY A 145 26.35 -15.60 21.92
CA GLY A 145 25.44 -16.74 21.90
C GLY A 145 24.85 -17.00 20.52
N GLN A 146 25.37 -16.35 19.47
CA GLN A 146 24.79 -16.48 18.14
C GLN A 146 25.47 -17.60 17.38
N ARG A 147 24.66 -18.43 16.72
CA ARG A 147 25.16 -19.52 15.89
C ARG A 147 25.02 -19.21 14.40
N GLY A 148 24.14 -18.29 14.00
CA GLY A 148 23.96 -18.02 12.60
C GLY A 148 22.94 -16.91 12.38
N VAL A 149 22.89 -16.43 11.13
CA VAL A 149 21.93 -15.43 10.71
C VAL A 149 21.31 -15.91 9.40
N ILE A 150 19.99 -15.87 9.33
CA ILE A 150 19.26 -16.17 8.11
C ILE A 150 18.53 -14.93 7.65
N ILE A 151 18.78 -14.54 6.39
CA ILE A 151 18.16 -13.38 5.79
C ILE A 151 17.35 -13.83 4.59
N ASN A 152 16.07 -13.49 4.61
CA ASN A 152 15.14 -13.86 3.55
C ASN A 152 14.81 -12.63 2.72
N THR A 153 14.37 -12.89 1.49
CA THR A 153 13.97 -11.83 0.57
C THR A 153 12.47 -11.94 0.34
N ALA A 154 11.73 -11.01 0.96
CA ALA A 154 10.33 -10.80 0.62
C ALA A 154 10.26 -9.77 -0.51
N SER A 155 9.12 -9.11 -0.65
CA SER A 155 9.00 -7.98 -1.58
C SER A 155 8.04 -6.97 -0.97
N VAL A 156 8.07 -5.74 -1.49
CA VAL A 156 7.01 -4.79 -1.19
C VAL A 156 5.66 -5.31 -1.68
N ALA A 157 5.67 -6.25 -2.63
CA ALA A 157 4.45 -6.90 -3.08
C ALA A 157 3.77 -7.67 -1.96
N ALA A 158 4.49 -8.01 -0.89
CA ALA A 158 3.88 -8.64 0.26
C ALA A 158 2.92 -7.69 0.98
N PHE A 159 3.08 -6.38 0.77
CA PHE A 159 2.28 -5.38 1.45
C PHE A 159 1.35 -4.64 0.49
N GLU A 160 1.85 -4.25 -0.67
CA GLU A 160 1.01 -3.68 -1.72
C GLU A 160 1.30 -4.39 -3.04
N GLY A 161 0.70 -5.57 -3.23
CA GLY A 161 0.86 -6.29 -4.48
C GLY A 161 0.01 -5.64 -5.58
N GLN A 162 0.58 -5.54 -6.78
CA GLN A 162 -0.09 -4.91 -7.89
C GLN A 162 -1.06 -5.89 -8.56
N VAL A 163 -1.81 -5.37 -9.53
CA VAL A 163 -2.60 -6.21 -10.41
C VAL A 163 -1.67 -7.19 -11.12
N GLY A 164 -2.07 -8.45 -11.13
CA GLY A 164 -1.29 -9.50 -11.77
C GLY A 164 -0.22 -10.11 -10.85
N GLN A 165 -0.13 -9.66 -9.58
CA GLN A 165 0.94 -10.10 -8.70
C GLN A 165 0.43 -11.01 -7.58
N ALA A 166 -0.74 -11.62 -7.76
CA ALA A 166 -1.36 -12.41 -6.70
C ALA A 166 -0.42 -13.54 -6.24
N ALA A 167 0.12 -14.30 -7.19
CA ALA A 167 0.97 -15.42 -6.83
C ALA A 167 2.25 -14.92 -6.16
N TYR A 168 2.86 -13.88 -6.69
CA TYR A 168 4.08 -13.35 -6.13
C TYR A 168 3.82 -12.79 -4.73
N SER A 169 2.72 -12.04 -4.57
CA SER A 169 2.39 -11.46 -3.28
C SER A 169 2.11 -12.52 -2.22
N ALA A 170 1.41 -13.59 -2.61
CA ALA A 170 1.12 -14.67 -1.69
C ALA A 170 2.43 -15.30 -1.20
N SER A 171 3.36 -15.56 -2.12
CA SER A 171 4.62 -16.19 -1.75
C SER A 171 5.43 -15.28 -0.83
N LYS A 172 5.51 -13.99 -1.18
CA LYS A 172 6.28 -13.06 -0.38
C LYS A 172 5.58 -12.74 0.94
N GLY A 173 4.25 -12.69 0.94
CA GLY A 173 3.52 -12.54 2.19
C GLY A 173 3.75 -13.72 3.11
N GLY A 174 3.90 -14.92 2.55
CA GLY A 174 4.22 -16.09 3.35
C GLY A 174 5.59 -15.97 4.04
N ILE A 175 6.58 -15.42 3.31
CA ILE A 175 7.89 -15.21 3.90
C ILE A 175 7.80 -14.20 5.05
N VAL A 176 7.05 -13.12 4.85
CA VAL A 176 6.86 -12.15 5.91
C VAL A 176 6.17 -12.80 7.11
N GLY A 177 5.14 -13.62 6.85
CA GLY A 177 4.37 -14.21 7.91
C GLY A 177 5.21 -15.14 8.79
N MET A 178 6.11 -15.93 8.18
CA MET A 178 6.84 -16.94 8.93
C MET A 178 8.15 -16.40 9.50
N THR A 179 8.48 -15.13 9.26
CA THR A 179 9.74 -14.59 9.74
C THR A 179 9.80 -14.62 11.28
N LEU A 180 8.77 -14.08 11.94
CA LEU A 180 8.76 -14.03 13.40
C LEU A 180 8.67 -15.44 14.01
N PRO A 181 7.75 -16.34 13.58
CA PRO A 181 7.72 -17.67 14.16
C PRO A 181 9.01 -18.45 14.04
N ILE A 182 9.69 -18.33 12.89
CA ILE A 182 10.95 -19.04 12.72
C ILE A 182 12.01 -18.41 13.63
N ALA A 183 12.02 -17.08 13.73
CA ALA A 183 12.91 -16.40 14.66
C ALA A 183 12.65 -16.89 16.09
N ARG A 184 11.38 -17.03 16.46
CA ARG A 184 11.02 -17.59 17.75
C ARG A 184 11.44 -19.06 17.86
N ASP A 185 11.29 -19.82 16.78
CA ASP A 185 11.70 -21.21 16.76
C ASP A 185 13.21 -21.34 17.04
N LEU A 186 14.02 -20.50 16.38
CA LEU A 186 15.46 -20.64 16.40
C LEU A 186 16.13 -19.75 17.45
N ALA A 187 15.33 -19.00 18.23
CA ALA A 187 15.89 -18.14 19.26
C ALA A 187 16.71 -18.94 20.28
N PRO A 188 16.24 -20.08 20.83
CA PRO A 188 17.02 -20.80 21.83
C PRO A 188 18.39 -21.25 21.34
N ILE A 189 18.53 -21.48 20.04
CA ILE A 189 19.81 -21.94 19.52
C ILE A 189 20.59 -20.80 18.86
N GLY A 190 20.10 -19.56 18.98
CA GLY A 190 20.90 -18.39 18.63
C GLY A 190 21.03 -18.16 17.13
N ILE A 191 19.96 -18.41 16.38
CA ILE A 191 19.93 -18.10 14.95
C ILE A 191 18.93 -16.96 14.75
N ARG A 192 19.43 -15.82 14.29
CA ARG A 192 18.58 -14.69 13.95
C ARG A 192 17.97 -14.89 12.57
N VAL A 193 16.68 -14.54 12.45
CA VAL A 193 15.97 -14.64 11.20
C VAL A 193 15.43 -13.27 10.85
N MET A 194 15.84 -12.75 9.70
CA MET A 194 15.49 -11.41 9.27
C MET A 194 15.02 -11.48 7.82
N THR A 195 14.20 -10.51 7.44
CA THR A 195 13.65 -10.46 6.10
C THR A 195 13.85 -9.05 5.56
N ILE A 196 14.28 -8.98 4.30
CA ILE A 196 14.34 -7.73 3.56
C ILE A 196 13.23 -7.76 2.52
N ALA A 197 12.49 -6.66 2.44
CA ALA A 197 11.44 -6.52 1.45
C ALA A 197 11.87 -5.47 0.44
N PRO A 198 12.63 -5.85 -0.61
CA PRO A 198 13.10 -4.86 -1.56
C PRO A 198 11.96 -4.31 -2.39
N GLY A 199 12.12 -3.06 -2.82
CA GLY A 199 11.17 -2.45 -3.72
C GLY A 199 11.51 -2.78 -5.16
N LEU A 200 11.64 -1.75 -5.99
CA LEU A 200 11.95 -1.92 -7.40
C LEU A 200 13.46 -1.86 -7.55
N PHE A 201 14.07 -2.98 -7.93
CA PHE A 201 15.52 -3.07 -8.07
C PHE A 201 15.87 -3.41 -9.51
N GLY A 202 17.07 -3.00 -9.93
CA GLY A 202 17.57 -3.29 -11.25
C GLY A 202 17.99 -4.76 -11.39
N THR A 203 16.98 -5.64 -11.33
CA THR A 203 17.19 -7.07 -11.45
C THR A 203 16.46 -7.60 -12.68
N PRO A 204 16.84 -8.78 -13.20
CA PRO A 204 16.09 -9.35 -14.34
C PRO A 204 14.60 -9.54 -14.09
N LEU A 205 14.18 -9.69 -12.83
CA LEU A 205 12.78 -9.82 -12.49
C LEU A 205 12.01 -8.55 -12.90
N LEU A 206 12.68 -7.40 -12.88
CA LEU A 206 12.04 -6.15 -13.29
C LEU A 206 12.43 -5.74 -14.71
N THR A 207 13.63 -6.13 -15.16
CA THR A 207 14.10 -5.79 -16.51
C THR A 207 13.21 -6.44 -17.58
N SER A 208 12.58 -7.58 -17.26
CA SER A 208 11.74 -8.27 -18.22
C SER A 208 10.51 -7.45 -18.59
N LEU A 209 10.13 -6.48 -17.74
CA LEU A 209 9.02 -5.59 -18.04
C LEU A 209 9.38 -4.71 -19.23
N PRO A 210 8.39 -4.15 -19.95
CA PRO A 210 8.67 -3.15 -20.98
C PRO A 210 9.48 -2.00 -20.42
N GLU A 211 10.39 -1.47 -21.23
CA GLU A 211 11.34 -0.46 -20.77
C GLU A 211 10.60 0.79 -20.30
N LYS A 212 9.53 1.16 -21.02
CA LYS A 212 8.75 2.34 -20.67
C LYS A 212 8.06 2.14 -19.32
N VAL A 213 7.58 0.93 -19.04
CA VAL A 213 6.98 0.63 -17.75
C VAL A 213 8.04 0.72 -16.64
N CYS A 214 9.23 0.18 -16.89
CA CYS A 214 10.31 0.24 -15.93
C CYS A 214 10.71 1.68 -15.61
N ASN A 215 10.80 2.53 -16.64
CA ASN A 215 11.18 3.91 -16.46
C ASN A 215 10.12 4.66 -15.64
N PHE A 216 8.84 4.41 -15.92
CA PHE A 216 7.79 5.07 -15.18
C PHE A 216 7.83 4.66 -13.70
N LEU A 217 7.99 3.37 -13.45
CA LEU A 217 8.02 2.86 -12.09
C LEU A 217 9.22 3.45 -11.33
N ALA A 218 10.37 3.54 -11.99
CA ALA A 218 11.56 4.11 -11.38
C ALA A 218 11.33 5.57 -11.05
N SER A 219 10.63 6.30 -11.92
CA SER A 219 10.32 7.70 -11.68
C SER A 219 9.36 7.89 -10.50
N GLN A 220 8.62 6.83 -10.13
CA GLN A 220 7.65 6.93 -9.05
C GLN A 220 8.25 6.60 -7.69
N VAL A 221 9.51 6.18 -7.62
CA VAL A 221 10.18 6.04 -6.34
C VAL A 221 10.42 7.45 -5.78
N PRO A 222 9.90 7.80 -4.59
CA PRO A 222 10.02 9.16 -4.08
C PRO A 222 11.46 9.67 -4.06
N PHE A 223 12.34 8.97 -3.35
CA PHE A 223 13.74 9.34 -3.38
C PHE A 223 14.60 8.18 -2.89
N PRO A 224 15.70 7.83 -3.60
CA PRO A 224 16.04 8.39 -4.92
C PRO A 224 15.14 7.84 -6.03
N SER A 225 14.83 8.68 -7.02
CA SER A 225 13.90 8.30 -8.08
C SER A 225 14.61 7.44 -9.11
N ARG A 226 14.89 6.20 -8.73
CA ARG A 226 15.57 5.28 -9.62
C ARG A 226 15.30 3.87 -9.11
N LEU A 227 15.65 2.87 -9.93
CA LEU A 227 15.60 1.51 -9.48
C LEU A 227 16.64 1.30 -8.39
N GLY A 228 16.33 0.41 -7.45
CA GLY A 228 17.29 0.02 -6.46
C GLY A 228 18.53 -0.64 -7.08
N ASP A 229 19.70 -0.23 -6.58
CA ASP A 229 20.95 -0.87 -6.94
C ASP A 229 21.12 -2.13 -6.12
N PRO A 230 21.37 -3.30 -6.76
CA PRO A 230 21.60 -4.53 -6.00
C PRO A 230 22.68 -4.43 -4.92
N ALA A 231 23.69 -3.59 -5.12
CA ALA A 231 24.70 -3.35 -4.10
C ALA A 231 24.08 -2.75 -2.83
N GLU A 232 23.01 -1.96 -2.98
CA GLU A 232 22.31 -1.39 -1.84
C GLU A 232 21.63 -2.49 -1.03
N TYR A 233 21.09 -3.50 -1.71
CA TYR A 233 20.56 -4.67 -1.03
C TYR A 233 21.68 -5.37 -0.26
N ALA A 234 22.85 -5.54 -0.91
CA ALA A 234 23.97 -6.21 -0.29
C ALA A 234 24.44 -5.45 0.96
N HIS A 235 24.43 -4.13 0.89
CA HIS A 235 24.82 -3.32 2.04
C HIS A 235 23.90 -3.57 3.23
N LEU A 236 22.59 -3.65 2.98
CA LEU A 236 21.65 -3.90 4.06
C LEU A 236 21.86 -5.31 4.62
N VAL A 237 22.16 -6.30 3.76
CA VAL A 237 22.41 -7.65 4.22
C VAL A 237 23.59 -7.64 5.19
N GLN A 238 24.67 -6.96 4.84
CA GLN A 238 25.82 -6.89 5.72
C GLN A 238 25.47 -6.20 7.05
N ALA A 239 24.68 -5.12 6.99
CA ALA A 239 24.25 -4.44 8.20
C ALA A 239 23.47 -5.38 9.11
N ILE A 240 22.60 -6.22 8.53
CA ILE A 240 21.84 -7.17 9.33
C ILE A 240 22.76 -8.20 9.97
N ILE A 241 23.75 -8.68 9.21
CA ILE A 241 24.68 -9.66 9.76
C ILE A 241 25.46 -9.05 10.93
N GLU A 242 25.90 -7.81 10.78
CA GLU A 242 26.76 -7.18 11.78
C GLU A 242 25.99 -6.74 13.02
N ASN A 243 24.68 -6.48 12.91
CA ASN A 243 23.91 -5.96 14.02
C ASN A 243 23.29 -7.11 14.79
N PRO A 244 23.74 -7.42 16.02
CA PRO A 244 23.24 -8.60 16.75
C PRO A 244 21.81 -8.51 17.26
N PHE A 245 21.20 -7.32 17.19
CA PHE A 245 19.92 -7.13 17.85
C PHE A 245 18.77 -6.97 16.87
N LEU A 246 19.05 -7.12 15.57
CA LEU A 246 18.02 -7.17 14.54
C LEU A 246 17.55 -8.62 14.43
N ASN A 247 16.28 -8.86 14.73
CA ASN A 247 15.75 -10.20 14.70
C ASN A 247 14.24 -10.16 14.49
N GLY A 248 13.73 -11.08 13.67
CA GLY A 248 12.30 -11.27 13.50
C GLY A 248 11.59 -10.07 12.87
N GLU A 249 12.30 -9.31 12.02
CA GLU A 249 11.78 -8.06 11.49
C GLU A 249 11.88 -8.08 9.97
N VAL A 250 10.96 -7.35 9.32
CA VAL A 250 10.99 -7.13 7.90
C VAL A 250 11.40 -5.69 7.65
N ILE A 251 12.45 -5.49 6.85
CA ILE A 251 12.91 -4.16 6.51
C ILE A 251 12.58 -3.89 5.05
N ARG A 252 11.76 -2.86 4.82
CA ARG A 252 11.46 -2.42 3.46
C ARG A 252 12.62 -1.60 2.92
N LEU A 253 13.14 -2.04 1.77
CA LEU A 253 14.21 -1.34 1.08
C LEU A 253 13.66 -0.91 -0.28
N ASP A 254 13.02 0.27 -0.32
CA ASP A 254 12.18 0.60 -1.46
C ASP A 254 12.21 2.08 -1.84
N GLY A 255 13.05 2.90 -1.22
CA GLY A 255 13.05 4.33 -1.49
C GLY A 255 11.71 5.01 -1.20
N ALA A 256 10.93 4.47 -0.25
CA ALA A 256 9.65 5.02 0.17
C ALA A 256 8.55 4.88 -0.87
N ILE A 257 8.67 3.94 -1.82
CA ILE A 257 7.62 3.75 -2.80
C ILE A 257 6.46 2.96 -2.17
N ARG A 258 5.24 3.26 -2.65
CA ARG A 258 4.06 2.48 -2.35
C ARG A 258 3.37 2.17 -3.68
N MET A 259 3.26 0.89 -4.00
CA MET A 259 2.83 0.47 -5.32
C MET A 259 1.32 0.61 -5.47
N GLN A 260 0.92 1.23 -6.57
CA GLN A 260 -0.47 1.42 -6.94
C GLN A 260 -0.94 0.23 -7.78
N PRO A 261 -2.27 0.06 -8.00
CA PRO A 261 -2.75 -1.03 -8.85
C PRO A 261 -2.11 -1.09 -10.24
N SER B 7 -28.41 -6.22 2.77
CA SER B 7 -28.94 -7.45 3.42
C SER B 7 -28.46 -8.70 2.69
N VAL B 8 -28.31 -9.80 3.44
CA VAL B 8 -27.86 -11.06 2.87
C VAL B 8 -29.02 -11.93 2.41
N LYS B 9 -30.26 -11.47 2.58
CA LYS B 9 -31.41 -12.25 2.15
C LYS B 9 -31.39 -12.44 0.63
N GLY B 10 -31.54 -13.70 0.21
CA GLY B 10 -31.55 -14.04 -1.20
C GLY B 10 -30.16 -14.28 -1.79
N LEU B 11 -29.09 -13.95 -1.06
CA LEU B 11 -27.73 -14.17 -1.55
C LEU B 11 -27.38 -15.65 -1.50
N VAL B 12 -26.49 -16.07 -2.39
CA VAL B 12 -26.01 -17.44 -2.41
C VAL B 12 -24.54 -17.42 -2.02
N ALA B 13 -24.21 -18.16 -0.97
CA ALA B 13 -22.85 -18.21 -0.43
C ALA B 13 -22.28 -19.60 -0.60
N VAL B 14 -21.05 -19.67 -1.12
CA VAL B 14 -20.27 -20.89 -1.12
C VAL B 14 -19.28 -20.82 0.03
N ILE B 15 -19.38 -21.76 0.96
CA ILE B 15 -18.59 -21.75 2.17
C ILE B 15 -17.70 -22.99 2.19
N THR B 16 -16.40 -22.80 2.04
CA THR B 16 -15.46 -23.92 2.06
C THR B 16 -15.20 -24.30 3.50
N GLY B 17 -15.06 -25.60 3.75
CA GLY B 17 -14.95 -26.08 5.12
C GLY B 17 -16.23 -25.80 5.90
N GLY B 18 -17.38 -25.86 5.22
CA GLY B 18 -18.66 -25.45 5.81
C GLY B 18 -19.32 -26.53 6.64
N ALA B 19 -18.70 -27.71 6.78
CA ALA B 19 -19.29 -28.79 7.56
C ALA B 19 -18.98 -28.65 9.05
N SER B 20 -18.05 -27.78 9.45
CA SER B 20 -17.66 -27.67 10.83
C SER B 20 -17.04 -26.30 11.11
N GLY B 21 -16.86 -25.99 12.39
CA GLY B 21 -16.07 -24.85 12.83
C GLY B 21 -16.62 -23.52 12.30
N LEU B 22 -15.71 -22.66 11.83
CA LEU B 22 -16.08 -21.32 11.41
C LEU B 22 -17.00 -21.38 10.19
N GLY B 23 -16.71 -22.27 9.25
CA GLY B 23 -17.50 -22.40 8.05
C GLY B 23 -18.95 -22.79 8.35
N LEU B 24 -19.15 -23.74 9.28
CA LEU B 24 -20.49 -24.16 9.64
C LEU B 24 -21.25 -23.03 10.31
N ALA B 25 -20.61 -22.32 11.25
CA ALA B 25 -21.26 -21.22 11.95
C ALA B 25 -21.67 -20.14 10.94
N THR B 26 -20.83 -19.89 9.94
CA THR B 26 -21.14 -18.92 8.91
C THR B 26 -22.38 -19.37 8.14
N ALA B 27 -22.46 -20.67 7.81
CA ALA B 27 -23.61 -21.19 7.08
C ALA B 27 -24.88 -21.06 7.89
N GLU B 28 -24.83 -21.38 9.18
CA GLU B 28 -26.01 -21.33 10.03
C GLU B 28 -26.54 -19.90 10.12
N ARG B 29 -25.64 -18.92 10.27
CA ARG B 29 -26.06 -17.54 10.39
C ARG B 29 -26.68 -17.04 9.08
N LEU B 30 -25.98 -17.26 7.96
CA LEU B 30 -26.43 -16.75 6.67
C LEU B 30 -27.76 -17.39 6.28
N VAL B 31 -27.89 -18.70 6.48
CA VAL B 31 -29.15 -19.37 6.19
C VAL B 31 -30.26 -18.84 7.09
N GLY B 32 -29.96 -18.64 8.37
CA GLY B 32 -30.91 -18.06 9.31
C GLY B 32 -31.35 -16.64 8.92
N GLN B 33 -30.48 -15.92 8.20
CA GLN B 33 -30.79 -14.56 7.76
C GLN B 33 -31.40 -14.53 6.36
N GLY B 34 -31.69 -15.70 5.78
CA GLY B 34 -32.43 -15.77 4.52
C GLY B 34 -31.54 -16.04 3.30
N ALA B 35 -30.25 -16.29 3.50
CA ALA B 35 -29.36 -16.58 2.39
C ALA B 35 -29.39 -18.07 2.06
N SER B 36 -28.83 -18.42 0.90
CA SER B 36 -28.61 -19.79 0.48
C SER B 36 -27.13 -20.11 0.64
N ALA B 37 -26.84 -21.31 1.16
CA ALA B 37 -25.47 -21.71 1.43
C ALA B 37 -25.15 -23.02 0.72
N VAL B 38 -23.92 -23.11 0.23
CA VAL B 38 -23.37 -24.36 -0.29
C VAL B 38 -22.19 -24.74 0.58
N LEU B 39 -22.31 -25.90 1.23
CA LEU B 39 -21.23 -26.38 2.08
C LEU B 39 -20.22 -27.15 1.22
N LEU B 40 -19.06 -26.52 1.00
CA LEU B 40 -17.98 -27.12 0.25
C LEU B 40 -16.99 -27.70 1.26
N ASP B 41 -16.96 -29.03 1.36
CA ASP B 41 -16.10 -29.70 2.31
C ASP B 41 -15.75 -31.09 1.78
N LEU B 42 -14.81 -31.75 2.44
CA LEU B 42 -14.36 -33.06 2.01
C LEU B 42 -15.50 -34.08 2.13
N PRO B 43 -15.49 -35.14 1.31
CA PRO B 43 -16.53 -36.16 1.36
C PRO B 43 -16.76 -36.79 2.73
N ASN B 44 -15.70 -36.91 3.54
CA ASN B 44 -15.83 -37.55 4.84
C ASN B 44 -16.17 -36.57 5.97
N SER B 45 -16.37 -35.30 5.64
CA SER B 45 -16.53 -34.25 6.65
C SER B 45 -17.89 -34.31 7.35
N GLY B 46 -18.84 -35.07 6.82
CA GLY B 46 -20.18 -35.09 7.38
C GLY B 46 -21.00 -33.87 6.98
N GLY B 47 -20.67 -33.25 5.85
CA GLY B 47 -21.38 -32.06 5.40
C GLY B 47 -22.81 -32.35 4.96
N GLU B 48 -23.10 -33.58 4.53
CA GLU B 48 -24.44 -33.94 4.11
C GLU B 48 -25.43 -33.80 5.28
N ALA B 49 -25.05 -34.26 6.46
CA ALA B 49 -25.91 -34.15 7.63
C ALA B 49 -26.11 -32.69 8.03
N GLN B 50 -25.05 -31.87 7.95
CA GLN B 50 -25.17 -30.47 8.28
C GLN B 50 -26.08 -29.75 7.29
N ALA B 51 -25.93 -30.04 6.01
CA ALA B 51 -26.76 -29.42 4.98
C ALA B 51 -28.23 -29.78 5.19
N LYS B 52 -28.50 -31.05 5.51
CA LYS B 52 -29.85 -31.49 5.78
C LYS B 52 -30.41 -30.78 7.01
N LYS B 53 -29.58 -30.58 8.02
CA LYS B 53 -30.01 -29.90 9.24
C LYS B 53 -30.38 -28.45 8.95
N LEU B 54 -29.65 -27.79 8.05
CA LEU B 54 -29.86 -26.37 7.80
C LEU B 54 -31.08 -26.11 6.90
N GLY B 55 -31.62 -27.14 6.26
CA GLY B 55 -32.87 -27.02 5.51
C GLY B 55 -32.63 -26.96 4.01
N ASN B 56 -33.68 -26.53 3.28
CA ASN B 56 -33.71 -26.59 1.83
C ASN B 56 -32.80 -25.55 1.21
N ASN B 57 -32.48 -24.48 1.94
CA ASN B 57 -31.63 -23.42 1.40
C ASN B 57 -30.15 -23.72 1.61
N CYS B 58 -29.81 -24.95 2.00
CA CYS B 58 -28.43 -25.38 2.17
C CYS B 58 -28.22 -26.71 1.45
N VAL B 59 -27.11 -26.82 0.71
CA VAL B 59 -26.74 -28.05 0.04
C VAL B 59 -25.28 -28.35 0.34
N PHE B 60 -24.94 -29.63 0.27
CA PHE B 60 -23.58 -30.10 0.50
C PHE B 60 -22.92 -30.39 -0.84
N ALA B 61 -21.74 -29.78 -1.07
CA ALA B 61 -20.97 -30.03 -2.27
C ALA B 61 -19.63 -30.64 -1.89
N PRO B 62 -19.45 -31.97 -1.99
CA PRO B 62 -18.18 -32.60 -1.64
C PRO B 62 -17.08 -32.15 -2.59
N ALA B 63 -16.00 -31.61 -2.04
CA ALA B 63 -14.90 -31.15 -2.86
C ALA B 63 -13.65 -31.02 -1.99
N ASP B 64 -12.49 -31.19 -2.65
CA ASP B 64 -11.20 -30.84 -2.09
C ASP B 64 -10.78 -29.52 -2.70
N VAL B 65 -10.52 -28.52 -1.85
CA VAL B 65 -10.21 -27.17 -2.32
C VAL B 65 -8.90 -27.15 -3.11
N THR B 66 -8.03 -28.12 -2.89
CA THR B 66 -6.73 -28.14 -3.54
C THR B 66 -6.81 -28.59 -5.00
N SER B 67 -7.96 -29.13 -5.43
CA SER B 67 -8.09 -29.66 -6.79
C SER B 67 -9.05 -28.81 -7.60
N GLU B 68 -8.62 -28.44 -8.82
CA GLU B 68 -9.42 -27.65 -9.72
C GLU B 68 -10.72 -28.37 -10.08
N LYS B 69 -10.65 -29.68 -10.34
CA LYS B 69 -11.82 -30.42 -10.78
C LYS B 69 -12.89 -30.46 -9.69
N ASP B 70 -12.50 -30.69 -8.44
CA ASP B 70 -13.47 -30.81 -7.36
C ASP B 70 -14.19 -29.48 -7.14
N VAL B 71 -13.45 -28.37 -7.17
CA VAL B 71 -14.07 -27.08 -6.95
C VAL B 71 -14.97 -26.71 -8.12
N GLN B 72 -14.55 -27.05 -9.34
CA GLN B 72 -15.39 -26.81 -10.52
C GLN B 72 -16.69 -27.58 -10.40
N THR B 73 -16.63 -28.83 -9.95
CA THR B 73 -17.84 -29.64 -9.76
C THR B 73 -18.73 -29.02 -8.68
N ALA B 74 -18.12 -28.55 -7.58
CA ALA B 74 -18.89 -27.94 -6.50
C ALA B 74 -19.58 -26.66 -6.97
N LEU B 75 -18.85 -25.83 -7.73
CA LEU B 75 -19.43 -24.58 -8.20
C LEU B 75 -20.53 -24.85 -9.23
N ALA B 76 -20.38 -25.90 -10.04
CA ALA B 76 -21.43 -26.30 -10.97
C ALA B 76 -22.67 -26.75 -10.19
N LEU B 77 -22.47 -27.45 -9.07
CA LEU B 77 -23.58 -27.84 -8.22
C LEU B 77 -24.26 -26.61 -7.63
N ALA B 78 -23.46 -25.62 -7.19
CA ALA B 78 -24.01 -24.40 -6.63
C ALA B 78 -24.82 -23.65 -7.69
N LYS B 79 -24.30 -23.56 -8.91
CA LYS B 79 -25.00 -22.88 -9.98
C LYS B 79 -26.28 -23.63 -10.35
N GLY B 80 -26.21 -24.96 -10.38
CA GLY B 80 -27.39 -25.75 -10.73
C GLY B 80 -28.50 -25.61 -9.70
N LYS B 81 -28.14 -25.62 -8.42
CA LYS B 81 -29.13 -25.61 -7.36
C LYS B 81 -29.71 -24.22 -7.15
N PHE B 82 -28.88 -23.17 -7.20
CA PHE B 82 -29.30 -21.85 -6.79
C PHE B 82 -29.21 -20.80 -7.90
N GLY B 83 -28.53 -21.10 -9.01
CA GLY B 83 -28.56 -20.24 -10.18
C GLY B 83 -27.38 -19.27 -10.26
N ARG B 84 -26.71 -19.02 -9.13
CA ARG B 84 -25.67 -18.00 -9.08
C ARG B 84 -24.88 -18.17 -7.78
N VAL B 85 -23.74 -17.49 -7.73
CA VAL B 85 -22.94 -17.39 -6.53
C VAL B 85 -22.68 -15.91 -6.26
N ASP B 86 -23.03 -15.46 -5.05
CA ASP B 86 -22.84 -14.07 -4.65
C ASP B 86 -21.68 -13.91 -3.66
N VAL B 87 -21.47 -14.91 -2.80
CA VAL B 87 -20.50 -14.82 -1.73
C VAL B 87 -19.69 -16.10 -1.71
N ALA B 88 -18.38 -15.94 -1.52
CA ALA B 88 -17.50 -17.06 -1.23
C ALA B 88 -16.82 -16.80 0.10
N VAL B 89 -16.91 -17.77 1.01
CA VAL B 89 -16.24 -17.72 2.29
C VAL B 89 -15.26 -18.89 2.37
N ASN B 90 -13.97 -18.58 2.41
CA ASN B 90 -12.92 -19.58 2.50
C ASN B 90 -12.62 -19.85 3.96
N CYS B 91 -13.14 -20.96 4.48
CA CYS B 91 -12.86 -21.37 5.85
C CYS B 91 -12.16 -22.72 5.93
N ALA B 92 -11.91 -23.37 4.79
CA ALA B 92 -11.19 -24.63 4.79
C ALA B 92 -9.74 -24.39 5.18
N GLY B 93 -9.21 -25.26 6.01
CA GLY B 93 -7.83 -25.08 6.44
C GLY B 93 -7.41 -26.19 7.40
N ILE B 94 -6.10 -26.41 7.46
CA ILE B 94 -5.50 -27.34 8.40
C ILE B 94 -4.34 -26.63 9.09
N ALA B 95 -3.76 -27.29 10.08
CA ALA B 95 -2.57 -26.79 10.76
C ALA B 95 -1.67 -27.96 11.11
N VAL B 96 -0.39 -27.63 11.29
CA VAL B 96 0.58 -28.56 11.85
C VAL B 96 1.30 -27.83 12.98
N ALA B 97 1.78 -28.61 13.95
CA ALA B 97 2.58 -28.09 15.03
C ALA B 97 3.95 -28.77 14.92
N SER B 98 4.93 -28.03 14.42
CA SER B 98 6.25 -28.57 14.20
C SER B 98 7.26 -27.43 14.20
N LYS B 99 8.31 -27.55 15.01
CA LYS B 99 9.37 -26.57 15.01
C LYS B 99 10.16 -26.66 13.71
N THR B 100 10.72 -25.53 13.28
CA THR B 100 11.57 -25.48 12.11
C THR B 100 12.75 -26.44 12.31
N TYR B 101 13.39 -26.34 13.47
CA TYR B 101 14.51 -27.22 13.79
C TYR B 101 14.64 -27.28 15.31
N ASN B 102 14.84 -28.50 15.82
CA ASN B 102 15.04 -28.74 17.24
C ASN B 102 16.44 -29.29 17.42
N LEU B 103 17.33 -28.47 17.98
CA LEU B 103 18.73 -28.85 18.13
C LEU B 103 18.87 -30.02 19.12
N LYS B 104 18.14 -29.97 20.23
CA LYS B 104 18.25 -31.00 21.26
C LYS B 104 17.86 -32.37 20.71
N LYS B 105 16.74 -32.42 19.99
CA LYS B 105 16.27 -33.69 19.43
C LYS B 105 16.89 -33.98 18.08
N GLY B 106 17.57 -33.00 17.46
CA GLY B 106 18.09 -33.17 16.11
C GLY B 106 16.97 -33.42 15.10
N GLN B 107 15.83 -32.76 15.31
CA GLN B 107 14.64 -32.97 14.48
C GLN B 107 14.43 -31.74 13.60
N THR B 108 14.18 -32.01 12.32
CA THR B 108 13.95 -30.96 11.33
C THR B 108 12.51 -31.06 10.84
N HIS B 109 11.88 -29.89 10.69
CA HIS B 109 10.56 -29.82 10.12
C HIS B 109 10.59 -30.49 8.75
N THR B 110 9.62 -31.37 8.51
CA THR B 110 9.56 -32.03 7.22
C THR B 110 9.03 -31.05 6.17
N LEU B 111 9.59 -31.16 4.96
CA LEU B 111 9.11 -30.37 3.84
C LEU B 111 7.69 -30.75 3.47
N GLU B 112 7.33 -32.03 3.63
CA GLU B 112 5.99 -32.51 3.29
C GLU B 112 4.93 -31.85 4.18
N ASP B 113 5.22 -31.69 5.46
CA ASP B 113 4.29 -31.05 6.38
C ASP B 113 4.05 -29.59 5.97
N PHE B 114 5.14 -28.89 5.62
CA PHE B 114 5.02 -27.51 5.18
C PHE B 114 4.20 -27.44 3.90
N GLN B 115 4.45 -28.34 2.95
CA GLN B 115 3.76 -28.32 1.67
C GLN B 115 2.28 -28.60 1.86
N ARG B 116 1.92 -29.57 2.72
CA ARG B 116 0.53 -29.94 2.90
C ARG B 116 -0.27 -28.78 3.46
N VAL B 117 0.28 -28.06 4.43
CA VAL B 117 -0.40 -26.92 5.00
C VAL B 117 -0.55 -25.80 3.97
N LEU B 118 0.51 -25.54 3.20
CA LEU B 118 0.45 -24.55 2.15
C LEU B 118 -0.62 -24.89 1.10
N ASP B 119 -0.67 -26.16 0.71
CA ASP B 119 -1.59 -26.58 -0.34
C ASP B 119 -3.03 -26.32 0.05
N VAL B 120 -3.40 -26.68 1.27
CA VAL B 120 -4.79 -26.57 1.69
C VAL B 120 -5.10 -25.11 2.04
N ASN B 121 -4.30 -24.49 2.91
CA ASN B 121 -4.63 -23.18 3.44
C ASN B 121 -4.49 -22.11 2.36
N LEU B 122 -3.37 -22.13 1.63
CA LEU B 122 -3.02 -21.02 0.75
C LEU B 122 -3.42 -21.34 -0.69
N MET B 123 -2.90 -22.43 -1.23
CA MET B 123 -3.21 -22.81 -2.60
C MET B 123 -4.70 -23.13 -2.75
N GLY B 124 -5.27 -23.81 -1.75
CA GLY B 124 -6.68 -24.12 -1.80
C GLY B 124 -7.55 -22.87 -1.80
N THR B 125 -7.17 -21.87 -0.98
CA THR B 125 -7.90 -20.61 -0.95
C THR B 125 -7.85 -19.94 -2.32
N PHE B 126 -6.66 -19.85 -2.92
CA PHE B 126 -6.52 -19.21 -4.22
C PHE B 126 -7.29 -19.98 -5.29
N ASN B 127 -7.27 -21.31 -5.20
CA ASN B 127 -7.98 -22.14 -6.16
C ASN B 127 -9.48 -21.84 -6.12
N VAL B 128 -10.03 -21.69 -4.93
CA VAL B 128 -11.44 -21.32 -4.81
C VAL B 128 -11.65 -19.91 -5.34
N ILE B 129 -10.76 -18.97 -4.97
CA ILE B 129 -10.93 -17.58 -5.35
C ILE B 129 -10.97 -17.46 -6.86
N ARG B 130 -9.99 -18.04 -7.55
CA ARG B 130 -9.86 -17.85 -8.98
C ARG B 130 -11.04 -18.47 -9.74
N LEU B 131 -11.65 -19.53 -9.19
CA LEU B 131 -12.76 -20.19 -9.86
C LEU B 131 -14.11 -19.56 -9.52
N VAL B 132 -14.31 -19.15 -8.27
CA VAL B 132 -15.55 -18.50 -7.90
C VAL B 132 -15.64 -17.10 -8.53
N ALA B 133 -14.48 -16.46 -8.75
CA ALA B 133 -14.46 -15.16 -9.41
C ALA B 133 -15.05 -15.27 -10.81
N GLY B 134 -14.74 -16.34 -11.54
CA GLY B 134 -15.34 -16.59 -12.83
C GLY B 134 -16.86 -16.78 -12.71
N GLU B 135 -17.32 -17.48 -11.65
CA GLU B 135 -18.74 -17.65 -11.44
C GLU B 135 -19.40 -16.31 -11.12
N MET B 136 -18.79 -15.53 -10.21
CA MET B 136 -19.38 -14.25 -9.84
C MET B 136 -19.30 -13.27 -11.01
N GLY B 137 -18.31 -13.41 -11.88
CA GLY B 137 -18.18 -12.56 -13.06
C GLY B 137 -19.40 -12.64 -13.97
N GLN B 138 -20.13 -13.76 -13.93
CA GLN B 138 -21.31 -13.92 -14.75
C GLN B 138 -22.51 -13.18 -14.17
N ASN B 139 -22.45 -12.75 -12.90
CA ASN B 139 -23.54 -12.01 -12.30
C ASN B 139 -23.66 -10.64 -12.95
N GLU B 140 -24.90 -10.18 -13.11
CA GLU B 140 -25.15 -8.80 -13.48
C GLU B 140 -24.83 -7.95 -12.26
N PRO B 141 -24.09 -6.84 -12.41
CA PRO B 141 -23.80 -5.97 -11.26
C PRO B 141 -25.08 -5.46 -10.61
N ASP B 142 -25.06 -5.37 -9.29
CA ASP B 142 -26.21 -4.85 -8.55
C ASP B 142 -26.23 -3.33 -8.66
N GLN B 143 -27.08 -2.68 -7.85
CA GLN B 143 -27.23 -1.23 -7.92
C GLN B 143 -25.91 -0.54 -7.63
N GLY B 144 -25.07 -1.14 -6.78
CA GLY B 144 -23.78 -0.57 -6.44
C GLY B 144 -22.64 -1.03 -7.34
N GLY B 145 -22.96 -1.81 -8.38
CA GLY B 145 -21.93 -2.29 -9.29
C GLY B 145 -21.21 -3.54 -8.79
N GLN B 146 -21.72 -4.16 -7.72
CA GLN B 146 -21.05 -5.29 -7.09
C GLN B 146 -21.54 -6.60 -7.72
N ARG B 147 -20.60 -7.50 -8.02
CA ARG B 147 -20.93 -8.82 -8.53
C ARG B 147 -20.75 -9.90 -7.47
N GLY B 148 -19.92 -9.66 -6.46
CA GLY B 148 -19.74 -10.66 -5.43
C GLY B 148 -18.81 -10.18 -4.34
N VAL B 149 -18.73 -10.99 -3.28
CA VAL B 149 -17.85 -10.73 -2.16
C VAL B 149 -17.13 -12.03 -1.85
N ILE B 150 -15.80 -11.94 -1.74
CA ILE B 150 -14.98 -13.06 -1.32
C ILE B 150 -14.35 -12.75 0.03
N ILE B 151 -14.56 -13.64 0.99
CA ILE B 151 -14.03 -13.49 2.33
C ILE B 151 -13.12 -14.67 2.63
N ASN B 152 -11.87 -14.36 2.96
CA ASN B 152 -10.86 -15.37 3.27
C ASN B 152 -10.62 -15.42 4.76
N THR B 153 -10.12 -16.56 5.22
CA THR B 153 -9.77 -16.74 6.62
C THR B 153 -8.25 -16.90 6.72
N ALA B 154 -7.60 -15.85 7.20
CA ALA B 154 -6.21 -15.91 7.61
C ALA B 154 -6.19 -16.27 9.10
N SER B 155 -5.11 -15.94 9.80
CA SER B 155 -5.03 -16.12 11.24
C SER B 155 -4.22 -14.98 11.82
N VAL B 156 -4.34 -14.80 13.14
CA VAL B 156 -3.42 -13.94 13.87
C VAL B 156 -1.99 -14.46 13.73
N ALA B 157 -1.84 -15.77 13.45
CA ALA B 157 -0.53 -16.36 13.23
C ALA B 157 0.18 -15.73 12.02
N ALA B 158 -0.58 -15.09 11.12
CA ALA B 158 0.04 -14.36 10.01
C ALA B 158 0.84 -13.17 10.50
N PHE B 159 0.57 -12.69 11.73
CA PHE B 159 1.24 -11.51 12.26
C PHE B 159 2.21 -11.87 13.39
N GLU B 160 1.75 -12.67 14.36
CA GLU B 160 2.64 -13.18 15.38
C GLU B 160 2.42 -14.69 15.53
N GLY B 161 3.06 -15.46 14.66
CA GLY B 161 2.99 -16.89 14.74
C GLY B 161 3.85 -17.42 15.90
N GLN B 162 3.34 -18.45 16.55
CA GLN B 162 3.98 -19.01 17.73
C GLN B 162 5.07 -19.98 17.31
N VAL B 163 5.83 -20.46 18.30
CA VAL B 163 6.75 -21.56 18.07
C VAL B 163 5.99 -22.77 17.54
N GLY B 164 6.52 -23.36 16.48
CA GLY B 164 5.91 -24.53 15.85
C GLY B 164 4.85 -24.17 14.80
N GLN B 165 4.64 -22.88 14.53
CA GLN B 165 3.59 -22.46 13.62
C GLN B 165 4.13 -21.91 12.30
N ALA B 166 5.37 -22.27 11.93
CA ALA B 166 5.99 -21.75 10.72
C ALA B 166 5.13 -22.03 9.49
N ALA B 167 4.68 -23.27 9.32
CA ALA B 167 3.90 -23.64 8.15
C ALA B 167 2.57 -22.90 8.14
N TYR B 168 1.90 -22.85 9.29
CA TYR B 168 0.61 -22.21 9.40
C TYR B 168 0.76 -20.70 9.16
N SER B 169 1.78 -20.09 9.76
CA SER B 169 2.00 -18.66 9.61
C SER B 169 2.34 -18.29 8.15
N ALA B 170 3.12 -19.13 7.48
CA ALA B 170 3.44 -18.90 6.07
C ALA B 170 2.16 -18.90 5.23
N SER B 171 1.30 -19.91 5.43
CA SER B 171 0.09 -20.02 4.64
C SER B 171 -0.82 -18.82 4.92
N LYS B 172 -0.96 -18.44 6.19
CA LYS B 172 -1.84 -17.34 6.53
C LYS B 172 -1.24 -16.00 6.13
N GLY B 173 0.09 -15.86 6.25
CA GLY B 173 0.77 -14.68 5.74
C GLY B 173 0.60 -14.54 4.23
N GLY B 174 0.54 -15.67 3.51
CA GLY B 174 0.29 -15.66 2.09
C GLY B 174 -1.12 -15.13 1.77
N ILE B 175 -2.11 -15.55 2.56
CA ILE B 175 -3.47 -15.08 2.36
C ILE B 175 -3.54 -13.57 2.58
N VAL B 176 -2.90 -13.08 3.65
CA VAL B 176 -2.87 -11.65 3.91
C VAL B 176 -2.17 -10.92 2.76
N GLY B 177 -1.06 -11.48 2.28
CA GLY B 177 -0.27 -10.83 1.24
C GLY B 177 -1.06 -10.67 -0.06
N MET B 178 -1.85 -11.67 -0.44
CA MET B 178 -2.53 -11.65 -1.72
C MET B 178 -3.91 -11.01 -1.65
N THR B 179 -4.36 -10.59 -0.47
CA THR B 179 -5.69 -10.00 -0.33
C THR B 179 -5.80 -8.73 -1.17
N LEU B 180 -4.84 -7.80 -1.01
CA LEU B 180 -4.89 -6.55 -1.73
C LEU B 180 -4.72 -6.75 -3.24
N PRO B 181 -3.71 -7.49 -3.74
CA PRO B 181 -3.60 -7.67 -5.19
C PRO B 181 -4.82 -8.30 -5.84
N ILE B 182 -5.44 -9.26 -5.17
CA ILE B 182 -6.64 -9.89 -5.72
C ILE B 182 -7.80 -8.89 -5.70
N ALA B 183 -7.92 -8.12 -4.62
CA ALA B 183 -8.92 -7.06 -4.58
C ALA B 183 -8.70 -6.07 -5.72
N ARG B 184 -7.44 -5.72 -5.98
CA ARG B 184 -7.11 -4.87 -7.11
C ARG B 184 -7.42 -5.58 -8.43
N ASP B 185 -7.12 -6.87 -8.52
CA ASP B 185 -7.42 -7.64 -9.72
C ASP B 185 -8.92 -7.60 -10.04
N LEU B 186 -9.76 -7.82 -9.03
CA LEU B 186 -11.19 -8.00 -9.22
C LEU B 186 -11.98 -6.70 -9.06
N ALA B 187 -11.30 -5.58 -8.79
CA ALA B 187 -11.99 -4.32 -8.61
C ALA B 187 -12.77 -3.90 -9.86
N PRO B 188 -12.23 -3.98 -11.09
CA PRO B 188 -13.04 -3.67 -12.28
C PRO B 188 -14.26 -4.57 -12.45
N ILE B 189 -14.21 -5.78 -11.91
CA ILE B 189 -15.32 -6.72 -12.03
C ILE B 189 -16.38 -6.42 -10.97
N GLY B 190 -15.99 -5.73 -9.89
CA GLY B 190 -16.89 -5.43 -8.81
C GLY B 190 -16.99 -6.57 -7.79
N ILE B 191 -15.89 -7.28 -7.56
CA ILE B 191 -15.84 -8.32 -6.54
C ILE B 191 -14.96 -7.82 -5.41
N ARG B 192 -15.55 -7.65 -4.23
CA ARG B 192 -14.79 -7.26 -3.06
C ARG B 192 -14.07 -8.48 -2.47
N VAL B 193 -12.83 -8.26 -2.04
CA VAL B 193 -12.03 -9.31 -1.45
C VAL B 193 -11.61 -8.85 -0.06
N MET B 194 -11.99 -9.61 0.96
CA MET B 194 -11.71 -9.29 2.34
C MET B 194 -11.13 -10.51 3.03
N THR B 195 -10.38 -10.27 4.10
CA THR B 195 -9.77 -11.34 4.87
C THR B 195 -10.05 -11.09 6.35
N ILE B 196 -10.43 -12.15 7.05
CA ILE B 196 -10.56 -12.14 8.50
C ILE B 196 -9.40 -12.92 9.09
N ALA B 197 -8.77 -12.36 10.12
CA ALA B 197 -7.70 -13.02 10.83
C ALA B 197 -8.17 -13.37 12.24
N PRO B 198 -8.84 -14.51 12.42
CA PRO B 198 -9.35 -14.85 13.75
C PRO B 198 -8.22 -15.20 14.70
N GLY B 199 -8.44 -14.91 15.99
CA GLY B 199 -7.50 -15.32 17.02
C GLY B 199 -7.83 -16.74 17.48
N LEU B 200 -7.97 -16.91 18.78
CA LEU B 200 -8.26 -18.22 19.36
C LEU B 200 -9.77 -18.38 19.41
N PHE B 201 -10.28 -19.37 18.67
CA PHE B 201 -11.71 -19.62 18.58
C PHE B 201 -12.02 -21.02 19.09
N GLY B 202 -13.24 -21.19 19.58
CA GLY B 202 -13.70 -22.46 20.07
C GLY B 202 -14.06 -23.41 18.93
N THR B 203 -13.16 -23.56 17.96
CA THR B 203 -13.31 -24.53 16.90
C THR B 203 -13.00 -25.92 17.45
N PRO B 204 -13.47 -27.00 16.80
CA PRO B 204 -13.20 -28.34 17.28
C PRO B 204 -11.72 -28.67 17.48
N LEU B 205 -10.84 -28.03 16.69
CA LEU B 205 -9.42 -28.28 16.84
C LEU B 205 -8.92 -27.75 18.19
N LEU B 206 -9.42 -26.57 18.59
CA LEU B 206 -8.95 -25.96 19.83
C LEU B 206 -9.66 -26.54 21.04
N THR B 207 -10.94 -26.91 20.89
CA THR B 207 -11.67 -27.52 21.99
C THR B 207 -11.16 -28.94 22.27
N SER B 208 -10.47 -29.55 21.30
CA SER B 208 -9.87 -30.88 21.49
C SER B 208 -8.46 -30.79 22.04
N LEU B 209 -7.86 -29.60 22.05
CA LEU B 209 -6.55 -29.41 22.66
C LEU B 209 -6.62 -29.62 24.17
N PRO B 210 -5.49 -29.93 24.82
CA PRO B 210 -5.50 -30.19 26.26
C PRO B 210 -6.08 -29.02 27.04
N GLU B 211 -6.83 -29.35 28.09
CA GLU B 211 -7.52 -28.34 28.88
C GLU B 211 -6.52 -27.39 29.55
N LYS B 212 -5.31 -27.87 29.86
CA LYS B 212 -4.31 -27.04 30.49
C LYS B 212 -3.90 -25.88 29.56
N VAL B 213 -3.61 -26.22 28.30
CA VAL B 213 -3.22 -25.20 27.34
C VAL B 213 -4.45 -24.35 26.99
N CYS B 214 -5.62 -24.97 26.87
CA CYS B 214 -6.83 -24.30 26.41
C CYS B 214 -7.25 -23.23 27.42
N ASN B 215 -7.26 -23.58 28.72
CA ASN B 215 -7.67 -22.63 29.75
C ASN B 215 -6.69 -21.46 29.80
N PHE B 216 -5.39 -21.75 29.67
CA PHE B 216 -4.39 -20.71 29.73
C PHE B 216 -4.55 -19.73 28.56
N LEU B 217 -4.72 -20.27 27.35
CA LEU B 217 -4.83 -19.43 26.17
C LEU B 217 -6.10 -18.59 26.24
N ALA B 218 -7.20 -19.18 26.73
CA ALA B 218 -8.44 -18.43 26.89
C ALA B 218 -8.26 -17.28 27.87
N SER B 219 -7.51 -17.53 28.96
CA SER B 219 -7.21 -16.50 29.94
C SER B 219 -6.28 -15.43 29.37
N GLN B 220 -5.56 -15.74 28.30
CA GLN B 220 -4.62 -14.79 27.71
C GLN B 220 -5.29 -13.78 26.79
N VAL B 221 -6.56 -14.00 26.42
CA VAL B 221 -7.27 -13.01 25.64
C VAL B 221 -7.62 -11.84 26.56
N PRO B 222 -7.18 -10.60 26.26
CA PRO B 222 -7.46 -9.46 27.13
C PRO B 222 -8.93 -9.30 27.48
N PHE B 223 -9.78 -9.15 26.46
CA PHE B 223 -11.21 -9.10 26.71
C PHE B 223 -11.99 -9.36 25.42
N PRO B 224 -13.00 -10.25 25.41
CA PRO B 224 -13.37 -11.08 26.57
C PRO B 224 -12.39 -12.24 26.77
N SER B 225 -12.10 -12.58 28.04
CA SER B 225 -11.09 -13.58 28.36
C SER B 225 -11.69 -14.97 28.18
N ARG B 226 -11.91 -15.33 26.92
CA ARG B 226 -12.44 -16.64 26.57
C ARG B 226 -12.19 -16.86 25.09
N LEU B 227 -12.29 -18.11 24.67
CA LEU B 227 -12.11 -18.45 23.27
C LEU B 227 -13.21 -17.79 22.45
N GLY B 228 -12.84 -17.43 21.21
CA GLY B 228 -13.80 -16.85 20.29
C GLY B 228 -14.95 -17.81 19.98
N ASP B 229 -16.16 -17.29 19.99
CA ASP B 229 -17.33 -18.05 19.58
C ASP B 229 -17.42 -18.02 18.06
N PRO B 230 -17.53 -19.19 17.38
CA PRO B 230 -17.68 -19.20 15.93
C PRO B 230 -18.82 -18.34 15.39
N ALA B 231 -19.89 -18.16 16.19
CA ALA B 231 -20.96 -17.25 15.82
C ALA B 231 -20.45 -15.81 15.65
N GLU B 232 -19.44 -15.43 16.43
CA GLU B 232 -18.87 -14.10 16.31
C GLU B 232 -18.13 -13.94 14.99
N TYR B 233 -17.46 -15.01 14.54
CA TYR B 233 -16.87 -15.01 13.21
C TYR B 233 -17.96 -14.84 12.16
N ALA B 234 -19.06 -15.57 12.30
CA ALA B 234 -20.16 -15.51 11.35
C ALA B 234 -20.75 -14.10 11.30
N HIS B 235 -20.88 -13.46 12.46
CA HIS B 235 -21.39 -12.11 12.52
C HIS B 235 -20.51 -11.15 11.73
N LEU B 236 -19.19 -11.27 11.87
CA LEU B 236 -18.27 -10.42 11.13
C LEU B 236 -18.39 -10.68 9.63
N VAL B 237 -18.54 -11.95 9.24
CA VAL B 237 -18.71 -12.29 7.84
C VAL B 237 -19.92 -11.57 7.27
N GLN B 238 -21.05 -11.61 7.99
CA GLN B 238 -22.24 -10.92 7.54
C GLN B 238 -22.02 -9.41 7.44
N ALA B 239 -21.32 -8.83 8.42
CA ALA B 239 -21.03 -7.41 8.39
C ALA B 239 -20.22 -7.05 7.14
N ILE B 240 -19.26 -7.90 6.77
CA ILE B 240 -18.46 -7.66 5.58
C ILE B 240 -19.33 -7.71 4.33
N ILE B 241 -20.22 -8.70 4.27
CA ILE B 241 -21.09 -8.85 3.11
C ILE B 241 -22.00 -7.62 3.00
N GLU B 242 -22.55 -7.14 4.11
CA GLU B 242 -23.51 -6.05 4.07
C GLU B 242 -22.86 -4.70 3.81
N ASN B 243 -21.59 -4.53 4.20
CA ASN B 243 -20.95 -3.23 4.09
C ASN B 243 -20.28 -3.11 2.73
N PRO B 244 -20.77 -2.27 1.80
CA PRO B 244 -20.23 -2.21 0.44
C PRO B 244 -18.84 -1.62 0.31
N PHE B 245 -18.30 -1.01 1.39
CA PHE B 245 -17.10 -0.24 1.25
C PHE B 245 -15.89 -0.89 1.91
N LEU B 246 -16.08 -2.09 2.48
CA LEU B 246 -14.99 -2.87 3.03
C LEU B 246 -14.36 -3.69 1.90
N ASN B 247 -13.08 -3.43 1.61
CA ASN B 247 -12.42 -4.12 0.52
C ASN B 247 -10.90 -4.09 0.74
N GLY B 248 -10.25 -5.20 0.40
CA GLY B 248 -8.80 -5.26 0.39
C GLY B 248 -8.17 -5.12 1.76
N GLU B 249 -8.86 -5.54 2.82
CA GLU B 249 -8.42 -5.30 4.19
C GLU B 249 -8.46 -6.60 4.97
N VAL B 250 -7.58 -6.70 5.96
CA VAL B 250 -7.57 -7.80 6.90
C VAL B 250 -8.10 -7.29 8.23
N ILE B 251 -9.11 -7.98 8.77
CA ILE B 251 -9.67 -7.63 10.06
C ILE B 251 -9.29 -8.70 11.07
N ARG B 252 -8.55 -8.30 12.10
CA ARG B 252 -8.24 -9.19 13.21
C ARG B 252 -9.46 -9.33 14.12
N LEU B 253 -9.87 -10.57 14.33
CA LEU B 253 -10.96 -10.89 15.23
C LEU B 253 -10.40 -11.77 16.34
N ASP B 254 -9.85 -11.14 17.39
CA ASP B 254 -9.02 -11.86 18.33
C ASP B 254 -9.17 -11.41 19.77
N GLY B 255 -10.12 -10.52 20.09
CA GLY B 255 -10.25 -10.02 21.44
C GLY B 255 -9.00 -9.29 21.95
N ALA B 256 -8.22 -8.69 21.04
CA ALA B 256 -7.05 -7.90 21.35
C ALA B 256 -5.87 -8.74 21.84
N ILE B 257 -5.82 -10.03 21.49
CA ILE B 257 -4.71 -10.86 21.91
C ILE B 257 -3.50 -10.62 20.99
N ARG B 258 -2.31 -10.72 21.57
CA ARG B 258 -1.06 -10.76 20.81
C ARG B 258 -0.27 -11.98 21.27
N MET B 259 -0.06 -12.95 20.38
CA MET B 259 0.43 -14.26 20.77
C MET B 259 1.87 -14.18 21.26
N GLN B 260 2.13 -14.87 22.37
CA GLN B 260 3.49 -15.04 22.89
C GLN B 260 4.22 -16.08 22.04
N PRO B 261 5.57 -16.17 22.11
CA PRO B 261 6.30 -17.26 21.48
C PRO B 261 5.79 -18.65 21.87
N SER C 7 -27.29 -6.51 20.00
CA SER C 7 -28.21 -5.44 19.52
C SER C 7 -27.86 -4.11 20.18
N VAL C 8 -28.02 -3.01 19.45
CA VAL C 8 -27.72 -1.68 19.98
C VAL C 8 -28.96 -1.05 20.61
N LYS C 9 -30.09 -1.74 20.59
CA LYS C 9 -31.31 -1.21 21.18
C LYS C 9 -31.12 -1.00 22.68
N GLY C 10 -31.45 0.20 23.15
CA GLY C 10 -31.34 0.55 24.55
C GLY C 10 -29.95 1.07 24.94
N LEU C 11 -28.95 0.94 24.06
CA LEU C 11 -27.62 1.44 24.38
C LEU C 11 -27.59 2.97 24.27
N VAL C 12 -26.73 3.58 25.08
CA VAL C 12 -26.51 5.02 25.04
C VAL C 12 -25.13 5.27 24.47
N ALA C 13 -25.09 6.05 23.38
CA ALA C 13 -23.85 6.35 22.69
C ALA C 13 -23.52 7.83 22.84
N VAL C 14 -22.29 8.11 23.22
CA VAL C 14 -21.76 9.47 23.16
C VAL C 14 -20.93 9.58 21.89
N ILE C 15 -21.40 10.41 20.95
CA ILE C 15 -20.80 10.50 19.65
C ILE C 15 -20.13 11.87 19.50
N THR C 16 -18.81 11.85 19.52
CA THR C 16 -18.03 13.06 19.41
C THR C 16 -18.03 13.55 17.97
N GLY C 17 -18.13 14.86 17.76
CA GLY C 17 -18.27 15.40 16.43
C GLY C 17 -19.58 14.93 15.77
N GLY C 18 -20.65 14.76 16.56
CA GLY C 18 -21.87 14.14 16.10
C GLY C 18 -22.82 15.08 15.34
N ALA C 19 -22.43 16.35 15.16
CA ALA C 19 -23.30 17.29 14.47
C ALA C 19 -23.18 17.22 12.95
N SER C 20 -22.17 16.51 12.42
CA SER C 20 -21.97 16.44 10.99
C SER C 20 -21.15 15.22 10.61
N GLY C 21 -21.12 14.92 9.32
CA GLY C 21 -20.20 13.93 8.76
C GLY C 21 -20.40 12.54 9.37
N LEU C 22 -19.29 11.88 9.69
CA LEU C 22 -19.34 10.50 10.15
C LEU C 22 -20.06 10.41 11.49
N GLY C 23 -19.84 11.37 12.39
CA GLY C 23 -20.50 11.36 13.69
C GLY C 23 -22.02 11.44 13.56
N LEU C 24 -22.51 12.32 12.69
CA LEU C 24 -23.94 12.48 12.50
C LEU C 24 -24.55 11.22 11.90
N ALA C 25 -23.89 10.63 10.89
CA ALA C 25 -24.38 9.40 10.28
C ALA C 25 -24.45 8.28 11.31
N THR C 26 -23.45 8.20 12.19
CA THR C 26 -23.45 7.21 13.25
C THR C 26 -24.65 7.43 14.17
N ALA C 27 -24.92 8.70 14.51
CA ALA C 27 -26.05 9.02 15.38
C ALA C 27 -27.37 8.63 14.73
N GLU C 28 -27.54 8.95 13.44
CA GLU C 28 -28.78 8.66 12.73
C GLU C 28 -29.03 7.15 12.71
N ARG C 29 -27.99 6.35 12.45
CA ARG C 29 -28.18 4.92 12.37
C ARG C 29 -28.51 4.34 13.75
N LEU C 30 -27.73 4.70 14.76
CA LEU C 30 -27.93 4.14 16.09
C LEU C 30 -29.30 4.52 16.66
N VAL C 31 -29.69 5.78 16.48
CA VAL C 31 -31.00 6.21 16.95
C VAL C 31 -32.10 5.47 16.19
N GLY C 32 -31.94 5.31 14.89
CA GLY C 32 -32.88 4.54 14.07
C GLY C 32 -32.98 3.08 14.50
N GLN C 33 -31.91 2.53 15.08
CA GLN C 33 -31.88 1.15 15.53
C GLN C 33 -32.30 1.01 17.00
N GLY C 34 -32.72 2.10 17.64
CA GLY C 34 -33.28 2.03 18.98
C GLY C 34 -32.31 2.46 20.09
N ALA C 35 -31.15 2.99 19.73
CA ALA C 35 -30.20 3.48 20.73
C ALA C 35 -30.49 4.94 21.06
N SER C 36 -29.87 5.41 22.16
CA SER C 36 -29.88 6.81 22.52
C SER C 36 -28.50 7.40 22.22
N ALA C 37 -28.49 8.62 21.65
CA ALA C 37 -27.26 9.27 21.24
C ALA C 37 -27.12 10.62 21.93
N VAL C 38 -25.88 10.95 22.30
CA VAL C 38 -25.52 12.28 22.76
C VAL C 38 -24.54 12.87 21.75
N LEU C 39 -24.94 13.95 21.09
CA LEU C 39 -24.09 14.62 20.13
C LEU C 39 -23.15 15.57 20.86
N LEU C 40 -21.88 15.19 20.93
CA LEU C 40 -20.83 16.02 21.52
C LEU C 40 -20.12 16.74 20.38
N ASP C 41 -20.35 18.06 20.28
CA ASP C 41 -19.73 18.86 19.25
C ASP C 41 -19.63 20.30 19.73
N LEU C 42 -18.93 21.14 18.95
CA LEU C 42 -18.68 22.51 19.32
C LEU C 42 -20.01 23.27 19.36
N PRO C 43 -20.11 24.33 20.21
CA PRO C 43 -21.32 25.15 20.24
C PRO C 43 -21.69 25.77 18.89
N ASN C 44 -20.69 26.12 18.08
CA ASN C 44 -20.94 26.78 16.81
C ASN C 44 -21.50 25.81 15.78
N SER C 45 -21.42 24.49 16.03
CA SER C 45 -21.99 23.51 15.12
C SER C 45 -23.51 23.54 15.22
N GLY C 46 -24.17 23.00 14.20
CA GLY C 46 -25.62 22.91 14.23
C GLY C 46 -26.08 21.70 15.01
N GLY C 47 -25.41 21.40 16.13
CA GLY C 47 -25.70 20.18 16.87
C GLY C 47 -27.11 20.17 17.47
N GLU C 48 -27.56 21.32 17.95
CA GLU C 48 -28.89 21.41 18.54
C GLU C 48 -29.97 21.09 17.53
N ALA C 49 -29.84 21.58 16.30
CA ALA C 49 -30.80 21.31 15.24
C ALA C 49 -30.78 19.82 14.88
N GLN C 50 -29.59 19.23 14.80
CA GLN C 50 -29.49 17.81 14.47
C GLN C 50 -30.11 16.95 15.57
N ALA C 51 -29.86 17.29 16.83
CA ALA C 51 -30.41 16.53 17.94
C ALA C 51 -31.94 16.60 17.94
N LYS C 52 -32.49 17.78 17.67
CA LYS C 52 -33.94 17.94 17.58
C LYS C 52 -34.49 17.14 16.41
N LYS C 53 -33.76 17.11 15.29
CA LYS C 53 -34.19 16.36 14.12
C LYS C 53 -34.25 14.86 14.41
N LEU C 54 -33.32 14.36 15.24
CA LEU C 54 -33.22 12.93 15.49
C LEU C 54 -34.24 12.44 16.52
N GLY C 55 -34.88 13.35 17.25
CA GLY C 55 -35.96 12.99 18.14
C GLY C 55 -35.55 13.02 19.60
N ASN C 56 -36.39 12.43 20.46
CA ASN C 56 -36.25 12.52 21.89
C ASN C 56 -35.12 11.63 22.41
N ASN C 57 -34.67 10.67 21.60
CA ASN C 57 -33.59 9.78 22.01
C ASN C 57 -32.22 10.37 21.65
N CYS C 58 -32.17 11.63 21.19
CA CYS C 58 -30.92 12.29 20.86
C CYS C 58 -30.89 13.66 21.53
N VAL C 59 -29.76 13.97 22.18
CA VAL C 59 -29.56 15.26 22.81
C VAL C 59 -28.21 15.81 22.38
N PHE C 60 -28.12 17.14 22.35
CA PHE C 60 -26.91 17.84 21.98
C PHE C 60 -26.16 18.28 23.24
N ALA C 61 -24.89 17.90 23.34
CA ALA C 61 -24.03 18.33 24.43
C ALA C 61 -22.89 19.16 23.87
N PRO C 62 -22.95 20.50 23.96
CA PRO C 62 -21.88 21.34 23.43
C PRO C 62 -20.61 21.14 24.26
N ALA C 63 -19.51 20.85 23.57
CA ALA C 63 -18.23 20.65 24.25
C ALA C 63 -17.10 20.77 23.24
N ASP C 64 -15.94 21.16 23.76
CA ASP C 64 -14.68 21.06 23.04
C ASP C 64 -13.92 19.87 23.58
N VAL C 65 -13.54 18.94 22.70
CA VAL C 65 -12.92 17.69 23.11
C VAL C 65 -11.55 17.93 23.74
N THR C 66 -10.91 19.06 23.38
CA THR C 66 -9.61 19.39 23.97
C THR C 66 -9.73 19.85 25.42
N SER C 67 -10.95 20.10 25.90
CA SER C 67 -11.17 20.62 27.24
C SER C 67 -11.69 19.50 28.15
N GLU C 68 -10.99 19.27 29.26
CA GLU C 68 -11.43 18.32 30.27
C GLU C 68 -12.77 18.76 30.86
N LYS C 69 -12.92 20.05 31.16
CA LYS C 69 -14.14 20.55 31.76
C LYS C 69 -15.33 20.38 30.82
N ASP C 70 -15.13 20.69 29.53
CA ASP C 70 -16.19 20.59 28.54
C ASP C 70 -16.70 19.15 28.42
N VAL C 71 -15.77 18.20 28.34
CA VAL C 71 -16.15 16.81 28.18
C VAL C 71 -16.83 16.30 29.45
N GLN C 72 -16.33 16.72 30.61
CA GLN C 72 -16.95 16.34 31.88
C GLN C 72 -18.40 16.83 31.93
N THR C 73 -18.64 18.07 31.49
CA THR C 73 -19.99 18.62 31.47
C THR C 73 -20.87 17.82 30.50
N ALA C 74 -20.33 17.48 29.32
CA ALA C 74 -21.09 16.72 28.33
C ALA C 74 -21.45 15.34 28.86
N LEU C 75 -20.52 14.66 29.52
CA LEU C 75 -20.77 13.33 30.04
C LEU C 75 -21.77 13.38 31.18
N ALA C 76 -21.72 14.44 32.00
CA ALA C 76 -22.70 14.63 33.06
C ALA C 76 -24.09 14.83 32.46
N LEU C 77 -24.17 15.55 31.34
CA LEU C 77 -25.43 15.72 30.64
C LEU C 77 -25.93 14.36 30.12
N ALA C 78 -25.03 13.53 29.60
CA ALA C 78 -25.40 12.21 29.12
C ALA C 78 -25.95 11.36 30.26
N LYS C 79 -25.28 11.37 31.42
CA LYS C 79 -25.74 10.60 32.57
C LYS C 79 -27.09 11.13 33.06
N GLY C 80 -27.24 12.46 33.10
CA GLY C 80 -28.49 13.04 33.57
C GLY C 80 -29.66 12.69 32.66
N LYS C 81 -29.44 12.74 31.34
CA LYS C 81 -30.51 12.52 30.38
C LYS C 81 -30.84 11.03 30.26
N PHE C 82 -29.83 10.16 30.17
CA PHE C 82 -30.05 8.77 29.80
C PHE C 82 -29.62 7.78 30.87
N GLY C 83 -28.85 8.21 31.89
CA GLY C 83 -28.59 7.37 33.04
C GLY C 83 -27.25 6.62 32.96
N ARG C 84 -26.70 6.45 31.75
CA ARG C 84 -25.47 5.70 31.59
C ARG C 84 -24.86 6.02 30.23
N VAL C 85 -23.62 5.54 30.05
CA VAL C 85 -22.96 5.59 28.76
C VAL C 85 -22.46 4.18 28.44
N ASP C 86 -22.88 3.66 27.28
CA ASP C 86 -22.50 2.32 26.86
C ASP C 86 -21.48 2.35 25.71
N VAL C 87 -21.58 3.36 24.84
CA VAL C 87 -20.75 3.44 23.65
C VAL C 87 -20.20 4.86 23.55
N ALA C 88 -18.91 4.95 23.18
CA ALA C 88 -18.31 6.22 22.82
C ALA C 88 -17.75 6.08 21.41
N VAL C 89 -18.14 7.02 20.54
CA VAL C 89 -17.62 7.09 19.19
C VAL C 89 -16.91 8.42 19.01
N ASN C 90 -15.59 8.37 18.81
CA ASN C 90 -14.77 9.56 18.61
C ASN C 90 -14.71 9.86 17.12
N CYS C 91 -15.46 10.87 16.68
CA CYS C 91 -15.45 11.29 15.28
C CYS C 91 -15.05 12.76 15.10
N ALA C 92 -14.75 13.47 16.19
CA ALA C 92 -14.31 14.85 16.06
C ALA C 92 -12.89 14.87 15.53
N GLY C 93 -12.62 15.84 14.67
CA GLY C 93 -11.28 15.97 14.12
C GLY C 93 -11.20 17.12 13.15
N ILE C 94 -9.95 17.55 12.92
CA ILE C 94 -9.68 18.56 11.91
C ILE C 94 -8.57 18.01 11.01
N ALA C 95 -8.51 18.58 9.81
CA ALA C 95 -7.46 18.27 8.86
C ALA C 95 -6.80 19.57 8.40
N VAL C 96 -5.47 19.57 8.36
CA VAL C 96 -4.74 20.62 7.69
C VAL C 96 -3.86 19.97 6.62
N ALA C 97 -3.61 20.73 5.56
CA ALA C 97 -2.68 20.35 4.53
C ALA C 97 -1.57 21.38 4.54
N SER C 98 -0.35 20.94 4.88
CA SER C 98 0.81 21.81 4.87
C SER C 98 2.07 20.97 4.70
N LYS C 99 2.93 21.33 3.75
CA LYS C 99 4.18 20.61 3.58
C LYS C 99 5.11 20.86 4.77
N THR C 100 5.91 19.85 5.11
CA THR C 100 6.89 19.98 6.19
C THR C 100 7.84 21.15 5.86
N TYR C 101 8.35 21.16 4.64
CA TYR C 101 9.24 22.23 4.19
C TYR C 101 9.16 22.32 2.68
N ASN C 102 9.11 23.56 2.18
CA ASN C 102 9.05 23.82 0.75
C ASN C 102 10.31 24.61 0.39
N LEU C 103 11.24 23.97 -0.31
CA LEU C 103 12.52 24.58 -0.63
C LEU C 103 12.36 25.77 -1.57
N LYS C 104 11.52 25.63 -2.59
CA LYS C 104 11.36 26.68 -3.59
C LYS C 104 10.77 27.93 -2.95
N LYS C 105 9.72 27.76 -2.16
CA LYS C 105 9.09 28.90 -1.50
C LYS C 105 9.81 29.31 -0.22
N GLY C 106 10.73 28.47 0.29
CA GLY C 106 11.37 28.74 1.56
C GLY C 106 10.36 28.75 2.70
N GLN C 107 9.34 27.90 2.63
CA GLN C 107 8.26 27.89 3.61
C GLN C 107 8.38 26.65 4.48
N THR C 108 8.25 26.86 5.79
CA THR C 108 8.34 25.80 6.77
C THR C 108 6.97 25.60 7.40
N HIS C 109 6.61 24.34 7.62
CA HIS C 109 5.40 24.01 8.35
C HIS C 109 5.42 24.71 9.70
N THR C 110 4.31 25.35 10.03
CA THR C 110 4.18 26.04 11.30
C THR C 110 4.07 25.01 12.44
N LEU C 111 4.70 25.31 13.57
CA LEU C 111 4.58 24.47 14.75
C LEU C 111 3.15 24.52 15.30
N GLU C 112 2.51 25.69 15.24
CA GLU C 112 1.16 25.85 15.74
C GLU C 112 0.17 25.01 14.92
N ASP C 113 0.37 24.93 13.61
CA ASP C 113 -0.48 24.10 12.76
C ASP C 113 -0.38 22.64 13.19
N PHE C 114 0.84 22.17 13.43
CA PHE C 114 1.04 20.81 13.89
C PHE C 114 0.37 20.58 15.25
N GLN C 115 0.54 21.54 16.16
CA GLN C 115 0.04 21.40 17.52
C GLN C 115 -1.49 21.34 17.54
N ARG C 116 -2.15 22.19 16.76
CA ARG C 116 -3.61 22.27 16.84
C ARG C 116 -4.25 21.00 16.29
N VAL C 117 -3.63 20.38 15.27
CA VAL C 117 -4.14 19.12 14.76
C VAL C 117 -4.01 18.01 15.81
N LEU C 118 -2.86 17.95 16.49
CA LEU C 118 -2.67 16.96 17.54
C LEU C 118 -3.67 17.15 18.67
N ASP C 119 -3.90 18.42 19.08
CA ASP C 119 -4.76 18.71 20.20
C ASP C 119 -6.17 18.17 19.96
N VAL C 120 -6.72 18.41 18.78
CA VAL C 120 -8.09 18.01 18.51
C VAL C 120 -8.15 16.52 18.19
N ASN C 121 -7.34 16.07 17.23
CA ASN C 121 -7.46 14.71 16.72
C ASN C 121 -6.99 13.69 17.75
N LEU C 122 -5.81 13.93 18.34
CA LEU C 122 -5.16 12.92 19.15
C LEU C 122 -5.42 13.16 20.63
N MET C 123 -5.05 14.36 21.10
CA MET C 123 -5.26 14.70 22.51
C MET C 123 -6.75 14.72 22.83
N GLY C 124 -7.57 15.25 21.92
CA GLY C 124 -9.01 15.30 22.13
C GLY C 124 -9.62 13.90 22.22
N THR C 125 -9.15 12.99 21.36
CA THR C 125 -9.64 11.63 21.39
C THR C 125 -9.29 10.97 22.74
N PHE C 126 -8.05 11.12 23.19
CA PHE C 126 -7.63 10.52 24.45
C PHE C 126 -8.41 11.14 25.62
N ASN C 127 -8.65 12.45 25.55
CA ASN C 127 -9.40 13.13 26.60
C ASN C 127 -10.80 12.52 26.75
N VAL C 128 -11.47 12.26 25.63
CA VAL C 128 -12.78 11.63 25.67
C VAL C 128 -12.67 10.21 26.20
N ILE C 129 -11.67 9.46 25.72
CA ILE C 129 -11.50 8.06 26.10
C ILE C 129 -11.35 7.96 27.61
N ARG C 130 -10.43 8.74 28.18
CA ARG C 130 -10.10 8.59 29.60
C ARG C 130 -11.28 8.98 30.49
N LEU C 131 -12.16 9.87 30.02
CA LEU C 131 -13.29 10.32 30.82
C LEU C 131 -14.52 9.43 30.62
N VAL C 132 -14.76 8.94 29.41
CA VAL C 132 -15.88 8.03 29.19
C VAL C 132 -15.59 6.67 29.84
N ALA C 133 -14.31 6.30 29.93
CA ALA C 133 -13.95 5.04 30.58
C ALA C 133 -14.39 5.05 32.04
N GLY C 134 -14.22 6.19 32.72
CA GLY C 134 -14.71 6.35 34.08
C GLY C 134 -16.23 6.21 34.15
N GLU C 135 -16.93 6.80 33.18
CA GLU C 135 -18.38 6.71 33.13
C GLU C 135 -18.80 5.26 32.85
N MET C 136 -18.13 4.59 31.90
CA MET C 136 -18.47 3.22 31.56
C MET C 136 -18.11 2.27 32.71
N GLY C 137 -17.06 2.60 33.48
CA GLY C 137 -16.65 1.78 34.60
C GLY C 137 -17.76 1.62 35.65
N GLN C 138 -18.67 2.60 35.73
CA GLN C 138 -19.77 2.55 36.68
C GLN C 138 -20.87 1.61 36.24
N ASN C 139 -20.88 1.18 34.97
CA ASN C 139 -21.91 0.28 34.47
C ASN C 139 -21.74 -1.10 35.11
N GLU C 140 -22.87 -1.77 35.36
CA GLU C 140 -22.84 -3.17 35.71
C GLU C 140 -22.46 -3.98 34.47
N PRO C 141 -21.50 -4.92 34.56
CA PRO C 141 -21.14 -5.72 33.40
C PRO C 141 -22.34 -6.52 32.89
N ASP C 142 -22.41 -6.68 31.56
CA ASP C 142 -23.45 -7.50 30.95
C ASP C 142 -23.12 -8.97 31.14
N GLN C 143 -23.90 -9.85 30.50
CA GLN C 143 -23.69 -11.28 30.66
C GLN C 143 -22.31 -11.68 30.13
N GLY C 144 -21.79 -10.92 29.16
CA GLY C 144 -20.46 -11.18 28.61
C GLY C 144 -19.34 -10.47 29.36
N GLY C 145 -19.67 -9.76 30.44
CA GLY C 145 -18.66 -9.05 31.21
C GLY C 145 -18.31 -7.69 30.63
N GLN C 146 -19.06 -7.22 29.63
CA GLN C 146 -18.72 -5.99 28.93
C GLN C 146 -19.40 -4.79 29.60
N ARG C 147 -18.62 -3.73 29.82
CA ARG C 147 -19.13 -2.50 30.39
C ARG C 147 -19.31 -1.41 29.34
N GLY C 148 -18.61 -1.49 28.21
CA GLY C 148 -18.75 -0.46 27.20
C GLY C 148 -17.87 -0.75 25.99
N VAL C 149 -18.08 0.05 24.95
CA VAL C 149 -17.30 -0.03 23.73
C VAL C 149 -16.88 1.38 23.36
N ILE C 150 -15.60 1.56 23.04
CA ILE C 150 -15.09 2.82 22.55
C ILE C 150 -14.57 2.61 21.14
N ILE C 151 -15.09 3.42 20.21
CA ILE C 151 -14.69 3.35 18.81
C ILE C 151 -14.07 4.68 18.42
N ASN C 152 -12.81 4.61 17.95
CA ASN C 152 -12.08 5.78 17.53
C ASN C 152 -12.04 5.85 16.01
N THR C 153 -11.82 7.05 15.50
CA THR C 153 -11.70 7.29 14.07
C THR C 153 -10.26 7.72 13.77
N ALA C 154 -9.50 6.81 13.18
CA ALA C 154 -8.21 7.14 12.60
C ALA C 154 -8.44 7.53 11.14
N SER C 155 -7.41 7.43 10.30
CA SER C 155 -7.57 7.61 8.87
C SER C 155 -6.61 6.65 8.17
N VAL C 156 -6.84 6.42 6.88
CA VAL C 156 -5.85 5.74 6.07
C VAL C 156 -4.54 6.54 6.04
N ALA C 157 -4.62 7.85 6.32
CA ALA C 157 -3.43 8.68 6.41
C ALA C 157 -2.50 8.21 7.54
N ALA C 158 -3.01 7.43 8.50
CA ALA C 158 -2.16 6.85 9.52
C ALA C 158 -1.17 5.84 8.92
N PHE C 159 -1.50 5.30 7.73
CA PHE C 159 -0.68 4.27 7.11
C PHE C 159 0.01 4.79 5.86
N GLU C 160 -0.73 5.51 5.00
CA GLU C 160 -0.12 6.16 3.84
C GLU C 160 -0.57 7.61 3.78
N GLY C 161 0.11 8.47 4.54
CA GLY C 161 -0.17 9.88 4.50
C GLY C 161 0.42 10.51 3.24
N GLN C 162 -0.34 11.42 2.64
CA GLN C 162 0.08 12.07 1.40
C GLN C 162 0.98 13.27 1.71
N VAL C 163 1.52 13.89 0.66
CA VAL C 163 2.26 15.12 0.79
C VAL C 163 1.36 16.17 1.45
N GLY C 164 1.89 16.84 2.46
CA GLY C 164 1.14 17.87 3.16
C GLY C 164 0.33 17.32 4.34
N GLN C 165 0.40 16.01 4.62
CA GLN C 165 -0.45 15.42 5.64
C GLN C 165 0.33 15.00 6.88
N ALA C 166 1.51 15.58 7.11
CA ALA C 166 2.35 15.18 8.23
C ALA C 166 1.60 15.32 9.56
N ALA C 167 0.97 16.48 9.80
CA ALA C 167 0.29 16.70 11.06
C ALA C 167 -0.91 15.77 11.18
N TYR C 168 -1.70 15.62 10.12
CA TYR C 168 -2.86 14.76 10.15
C TYR C 168 -2.44 13.31 10.38
N SER C 169 -1.40 12.86 9.67
CA SER C 169 -0.95 11.48 9.77
C SER C 169 -0.41 11.18 11.16
N ALA C 170 0.34 12.14 11.75
CA ALA C 170 0.86 11.95 13.10
C ALA C 170 -0.28 11.74 14.08
N SER C 171 -1.30 12.60 14.01
CA SER C 171 -2.43 12.51 14.93
C SER C 171 -3.18 11.19 14.74
N LYS C 172 -3.42 10.80 13.48
CA LYS C 172 -4.12 9.55 13.21
C LYS C 172 -3.25 8.34 13.52
N GLY C 173 -1.95 8.43 13.26
CA GLY C 173 -1.04 7.37 13.64
C GLY C 173 -0.99 7.20 15.15
N GLY C 174 -1.11 8.30 15.90
CA GLY C 174 -1.17 8.22 17.35
C GLY C 174 -2.40 7.45 17.84
N ILE C 175 -3.54 7.68 17.18
CA ILE C 175 -4.75 6.95 17.54
C ILE C 175 -4.57 5.45 17.27
N VAL C 176 -3.97 5.10 16.13
CA VAL C 176 -3.70 3.71 15.83
C VAL C 176 -2.75 3.13 16.88
N GLY C 177 -1.71 3.88 17.24
CA GLY C 177 -0.71 3.38 18.15
C GLY C 177 -1.29 3.06 19.53
N MET C 178 -2.19 3.90 20.03
CA MET C 178 -2.69 3.74 21.39
C MET C 178 -3.94 2.85 21.45
N THR C 179 -4.43 2.34 20.33
CA THR C 179 -5.63 1.51 20.34
C THR C 179 -5.41 0.24 21.18
N LEU C 180 -4.34 -0.51 20.89
CA LEU C 180 -4.07 -1.74 21.60
C LEU C 180 -3.75 -1.49 23.08
N PRO C 181 -2.85 -0.56 23.46
CA PRO C 181 -2.57 -0.35 24.87
C PRO C 181 -3.80 0.05 25.68
N ILE C 182 -4.67 0.89 25.11
CA ILE C 182 -5.86 1.30 25.83
C ILE C 182 -6.81 0.11 25.96
N ALA C 183 -6.93 -0.70 24.91
CA ALA C 183 -7.70 -1.94 24.99
C ALA C 183 -7.13 -2.84 26.08
N ARG C 184 -5.82 -2.95 26.17
CA ARG C 184 -5.19 -3.70 27.25
C ARG C 184 -5.43 -3.02 28.61
N ASP C 185 -5.39 -1.69 28.65
CA ASP C 185 -5.66 -0.96 29.88
C ASP C 185 -7.06 -1.27 30.40
N LEU C 186 -8.06 -1.25 29.51
CA LEU C 186 -9.46 -1.33 29.91
C LEU C 186 -10.00 -2.76 29.83
N ALA C 187 -9.16 -3.73 29.48
CA ALA C 187 -9.60 -5.11 29.38
C ALA C 187 -10.14 -5.64 30.72
N PRO C 188 -9.48 -5.42 31.88
CA PRO C 188 -10.07 -5.84 33.15
C PRO C 188 -11.43 -5.22 33.43
N ILE C 189 -11.66 -4.01 32.94
CA ILE C 189 -12.90 -3.29 33.19
C ILE C 189 -13.99 -3.83 32.27
N GLY C 190 -13.61 -4.47 31.15
CA GLY C 190 -14.56 -4.95 30.18
C GLY C 190 -15.01 -3.85 29.20
N ILE C 191 -14.08 -2.98 28.82
CA ILE C 191 -14.36 -1.96 27.81
C ILE C 191 -13.55 -2.29 26.56
N ARG C 192 -14.23 -2.56 25.46
CA ARG C 192 -13.56 -2.82 24.20
C ARG C 192 -13.17 -1.49 23.54
N VAL C 193 -11.97 -1.46 22.97
CA VAL C 193 -11.46 -0.29 22.27
C VAL C 193 -11.15 -0.70 20.84
N MET C 194 -11.78 -0.02 19.89
CA MET C 194 -11.64 -0.33 18.48
C MET C 194 -11.43 0.96 17.71
N THR C 195 -10.80 0.85 16.55
CA THR C 195 -10.50 1.99 15.71
C THR C 195 -10.91 1.69 14.28
N ILE C 196 -11.56 2.66 13.64
CA ILE C 196 -11.87 2.61 12.23
C ILE C 196 -10.98 3.60 11.51
N ALA C 197 -10.38 3.16 10.40
CA ALA C 197 -9.55 4.01 9.58
C ALA C 197 -10.26 4.24 8.25
N PRO C 198 -11.12 5.27 8.15
CA PRO C 198 -11.84 5.50 6.91
C PRO C 198 -10.90 5.98 5.80
N GLY C 199 -11.28 5.67 4.56
CA GLY C 199 -10.57 6.21 3.41
C GLY C 199 -11.20 7.54 3.00
N LEU C 200 -11.53 7.66 1.72
CA LEU C 200 -12.15 8.86 1.18
C LEU C 200 -13.66 8.72 1.35
N PHE C 201 -14.25 9.58 2.18
CA PHE C 201 -15.68 9.55 2.44
C PHE C 201 -16.31 10.87 1.98
N GLY C 202 -17.57 10.77 1.59
CA GLY C 202 -18.32 11.92 1.12
C GLY C 202 -18.79 12.78 2.29
N THR C 203 -17.85 13.18 3.15
CA THR C 203 -18.12 14.15 4.20
C THR C 203 -18.19 15.53 3.58
N PRO C 204 -18.82 16.52 4.27
CA PRO C 204 -18.89 17.87 3.73
C PRO C 204 -17.55 18.49 3.36
N LEU C 205 -16.48 18.09 4.05
CA LEU C 205 -15.15 18.59 3.76
C LEU C 205 -14.71 18.14 2.37
N LEU C 206 -15.03 16.91 1.98
CA LEU C 206 -14.64 16.42 0.66
C LEU C 206 -15.65 16.88 -0.39
N THR C 207 -16.94 16.83 -0.07
CA THR C 207 -17.96 17.13 -1.06
C THR C 207 -17.98 18.61 -1.43
N SER C 208 -17.36 19.47 -0.62
CA SER C 208 -17.26 20.89 -0.92
C SER C 208 -16.22 21.18 -1.99
N LEU C 209 -15.39 20.18 -2.32
CA LEU C 209 -14.33 20.38 -3.31
C LEU C 209 -14.99 20.51 -4.69
N PRO C 210 -14.27 21.10 -5.68
CA PRO C 210 -14.79 21.13 -7.05
C PRO C 210 -15.12 19.73 -7.57
N GLU C 211 -16.15 19.65 -8.41
CA GLU C 211 -16.64 18.38 -8.91
C GLU C 211 -15.56 17.63 -9.70
N LYS C 212 -14.66 18.36 -10.36
CA LYS C 212 -13.52 17.73 -11.02
C LYS C 212 -12.65 16.95 -10.02
N VAL C 213 -12.39 17.56 -8.86
CA VAL C 213 -11.60 16.91 -7.84
C VAL C 213 -12.36 15.73 -7.24
N CYS C 214 -13.66 15.92 -6.98
CA CYS C 214 -14.48 14.86 -6.41
C CYS C 214 -14.56 13.65 -7.35
N ASN C 215 -14.69 13.89 -8.66
CA ASN C 215 -14.74 12.82 -9.63
C ASN C 215 -13.42 12.05 -9.66
N PHE C 216 -12.30 12.78 -9.61
CA PHE C 216 -11.00 12.14 -9.62
C PHE C 216 -10.81 11.29 -8.37
N LEU C 217 -11.16 11.83 -7.20
CA LEU C 217 -10.98 11.10 -5.95
C LEU C 217 -11.82 9.83 -5.95
N ALA C 218 -13.05 9.91 -6.47
CA ALA C 218 -13.91 8.73 -6.57
C ALA C 218 -13.27 7.67 -7.45
N SER C 219 -12.65 8.10 -8.56
CA SER C 219 -12.02 7.17 -9.49
C SER C 219 -10.77 6.53 -8.88
N GLN C 220 -10.20 7.13 -7.83
CA GLN C 220 -9.02 6.56 -7.20
C GLN C 220 -9.37 5.36 -6.31
N VAL C 221 -10.61 5.24 -5.86
CA VAL C 221 -11.02 4.11 -5.05
C VAL C 221 -11.18 2.89 -5.97
N PRO C 222 -10.44 1.79 -5.75
CA PRO C 222 -10.56 0.62 -6.62
C PRO C 222 -11.98 0.10 -6.77
N PHE C 223 -12.62 -0.28 -5.66
CA PHE C 223 -14.02 -0.69 -5.73
C PHE C 223 -14.66 -0.62 -4.34
N PRO C 224 -15.84 0.01 -4.18
CA PRO C 224 -16.55 0.72 -5.25
C PRO C 224 -15.91 2.05 -5.60
N SER C 225 -15.91 2.41 -6.89
CA SER C 225 -15.22 3.60 -7.35
C SER C 225 -16.07 4.83 -7.07
N ARG C 226 -16.20 5.14 -5.79
CA ARG C 226 -16.94 6.29 -5.34
C ARG C 226 -16.42 6.67 -3.96
N LEU C 227 -16.79 7.87 -3.52
CA LEU C 227 -16.52 8.27 -2.15
C LEU C 227 -17.31 7.37 -1.21
N GLY C 228 -16.74 7.11 -0.03
CA GLY C 228 -17.43 6.36 0.99
C GLY C 228 -18.70 7.10 1.46
N ASP C 229 -19.79 6.36 1.59
CA ASP C 229 -21.01 6.90 2.15
C ASP C 229 -20.88 6.91 3.68
N PRO C 230 -21.15 8.06 4.35
CA PRO C 230 -21.08 8.08 5.81
C PRO C 230 -21.92 7.01 6.51
N ALA C 231 -23.03 6.61 5.89
CA ALA C 231 -23.85 5.51 6.40
C ALA C 231 -23.06 4.20 6.46
N GLU C 232 -22.10 4.01 5.54
CA GLU C 232 -21.25 2.83 5.56
C GLU C 232 -20.34 2.84 6.78
N TYR C 233 -19.85 4.02 7.17
CA TYR C 233 -19.09 4.14 8.40
C TYR C 233 -19.99 3.76 9.58
N ALA C 234 -21.23 4.29 9.59
CA ALA C 234 -22.16 4.01 10.67
C ALA C 234 -22.46 2.52 10.78
N HIS C 235 -22.60 1.86 9.63
CA HIS C 235 -22.85 0.42 9.62
C HIS C 235 -21.70 -0.34 10.29
N LEU C 236 -20.46 0.04 10.00
CA LEU C 236 -19.32 -0.62 10.61
C LEU C 236 -19.30 -0.37 12.11
N VAL C 237 -19.65 0.85 12.54
CA VAL C 237 -19.71 1.16 13.96
C VAL C 237 -20.68 0.21 14.65
N GLN C 238 -21.86 0.02 14.08
CA GLN C 238 -22.83 -0.89 14.67
C GLN C 238 -22.31 -2.33 14.73
N ALA C 239 -21.65 -2.77 13.65
CA ALA C 239 -21.05 -4.10 13.62
C ALA C 239 -20.05 -4.28 14.76
N ILE C 240 -19.22 -3.25 15.01
CA ILE C 240 -18.25 -3.32 16.08
C ILE C 240 -18.95 -3.41 17.43
N ILE C 241 -20.00 -2.62 17.62
CA ILE C 241 -20.73 -2.64 18.88
C ILE C 241 -21.34 -4.01 19.11
N GLU C 242 -21.92 -4.60 18.07
CA GLU C 242 -22.64 -5.86 18.23
C GLU C 242 -21.69 -7.05 18.37
N ASN C 243 -20.47 -6.97 17.84
CA ASN C 243 -19.57 -8.11 17.83
C ASN C 243 -18.71 -8.07 19.09
N PRO C 244 -18.90 -9.00 20.05
CA PRO C 244 -18.17 -8.92 21.31
C PRO C 244 -16.68 -9.25 21.25
N PHE C 245 -16.20 -9.78 20.13
CA PHE C 245 -14.84 -10.29 20.07
C PHE C 245 -13.90 -9.40 19.27
N LEU C 246 -14.40 -8.26 18.78
CA LEU C 246 -13.59 -7.26 18.13
C LEU C 246 -13.01 -6.34 19.19
N ASN C 247 -11.68 -6.33 19.31
CA ASN C 247 -11.03 -5.51 20.31
C ASN C 247 -9.58 -5.24 19.91
N GLY C 248 -9.13 -4.02 20.18
CA GLY C 248 -7.74 -3.65 19.99
C GLY C 248 -7.30 -3.67 18.53
N GLU C 249 -8.23 -3.47 17.59
CA GLU C 249 -7.95 -3.64 16.17
C GLU C 249 -8.33 -2.38 15.41
N VAL C 250 -7.62 -2.13 14.31
CA VAL C 250 -7.89 -1.05 13.41
C VAL C 250 -8.47 -1.63 12.12
N ILE C 251 -9.66 -1.18 11.73
CA ILE C 251 -10.29 -1.65 10.52
C ILE C 251 -10.24 -0.54 9.47
N ARG C 252 -9.60 -0.83 8.34
CA ARG C 252 -9.57 0.08 7.22
C ARG C 252 -10.89 -0.04 6.47
N LEU C 253 -11.58 1.10 6.33
CA LEU C 253 -12.82 1.18 5.59
C LEU C 253 -12.59 2.15 4.44
N ASP C 254 -12.06 1.63 3.32
CA ASP C 254 -11.49 2.50 2.32
C ASP C 254 -11.71 2.05 0.88
N GLY C 255 -12.48 0.99 0.65
CA GLY C 255 -12.65 0.46 -0.70
C GLY C 255 -11.34 0.00 -1.35
N ALA C 256 -10.39 -0.46 -0.54
CA ALA C 256 -9.12 -1.02 -0.99
C ALA C 256 -8.18 0.04 -1.56
N ILE C 257 -8.38 1.32 -1.22
CA ILE C 257 -7.50 2.36 -1.71
C ILE C 257 -6.19 2.33 -0.95
N ARG C 258 -5.11 2.71 -1.65
CA ARG C 258 -3.84 3.01 -1.05
C ARG C 258 -3.41 4.36 -1.60
N MET C 259 -3.30 5.35 -0.72
CA MET C 259 -3.13 6.73 -1.15
C MET C 259 -1.74 6.93 -1.76
N GLN C 260 -1.72 7.59 -2.91
CA GLN C 260 -0.47 7.94 -3.57
C GLN C 260 0.07 9.24 -2.98
N PRO C 261 1.39 9.51 -3.13
CA PRO C 261 1.94 10.77 -2.61
C PRO C 261 1.31 11.99 -3.28
N SER D 7 29.68 6.37 3.21
CA SER D 7 30.52 6.62 4.41
C SER D 7 30.02 7.87 5.15
N VAL D 8 30.16 7.85 6.47
CA VAL D 8 29.73 8.97 7.30
C VAL D 8 30.88 9.92 7.59
N LYS D 9 32.08 9.67 7.05
CA LYS D 9 33.20 10.55 7.30
C LYS D 9 32.93 11.92 6.69
N GLY D 10 33.12 12.97 7.50
CA GLY D 10 32.91 14.34 7.05
C GLY D 10 31.47 14.81 7.20
N LEU D 11 30.52 13.92 7.51
CA LEU D 11 29.13 14.32 7.68
C LEU D 11 28.96 15.03 9.03
N VAL D 12 27.98 15.94 9.07
CA VAL D 12 27.63 16.62 10.30
C VAL D 12 26.26 16.14 10.75
N ALA D 13 26.20 15.59 11.96
CA ALA D 13 24.98 15.03 12.52
C ALA D 13 24.52 15.88 13.69
N VAL D 14 23.24 16.27 13.66
CA VAL D 14 22.59 16.85 14.82
C VAL D 14 21.83 15.75 15.52
N ILE D 15 22.23 15.46 16.76
CA ILE D 15 21.68 14.34 17.50
C ILE D 15 20.91 14.89 18.69
N THR D 16 19.59 14.73 18.62
CA THR D 16 18.72 15.19 19.68
C THR D 16 18.76 14.22 20.84
N GLY D 17 18.74 14.74 22.06
CA GLY D 17 18.91 13.91 23.24
C GLY D 17 20.28 13.22 23.26
N GLY D 18 21.32 13.90 22.77
CA GLY D 18 22.62 13.29 22.53
C GLY D 18 23.50 13.23 23.77
N ALA D 19 23.04 13.71 24.93
CA ALA D 19 23.85 13.69 26.14
C ALA D 19 23.82 12.35 26.85
N SER D 20 22.89 11.45 26.48
CA SER D 20 22.78 10.17 27.15
C SER D 20 22.06 9.17 26.27
N GLY D 21 22.09 7.90 26.68
CA GLY D 21 21.26 6.87 26.09
C GLY D 21 21.58 6.64 24.61
N LEU D 22 20.53 6.47 23.80
CA LEU D 22 20.68 6.15 22.39
C LEU D 22 21.38 7.29 21.65
N GLY D 23 21.03 8.53 21.98
CA GLY D 23 21.63 9.68 21.33
C GLY D 23 23.13 9.75 21.55
N LEU D 24 23.58 9.51 22.79
CA LEU D 24 25.00 9.56 23.10
C LEU D 24 25.75 8.46 22.37
N ALA D 25 25.21 7.24 22.38
CA ALA D 25 25.87 6.13 21.69
C ALA D 25 25.98 6.43 20.20
N THR D 26 24.95 7.05 19.62
CA THR D 26 24.99 7.43 18.22
C THR D 26 26.11 8.44 17.98
N ALA D 27 26.26 9.41 18.89
CA ALA D 27 27.32 10.41 18.78
C ALA D 27 28.70 9.77 18.86
N GLU D 28 28.89 8.85 19.79
CA GLU D 28 30.19 8.22 19.97
C GLU D 28 30.58 7.44 18.71
N ARG D 29 29.62 6.71 18.12
CA ARG D 29 29.92 5.92 16.93
C ARG D 29 30.26 6.83 15.76
N LEU D 30 29.41 7.82 15.49
CA LEU D 30 29.58 8.67 14.31
C LEU D 30 30.88 9.46 14.43
N VAL D 31 31.17 10.01 15.61
CA VAL D 31 32.40 10.74 15.81
C VAL D 31 33.60 9.80 15.63
N GLY D 32 33.52 8.60 16.17
CA GLY D 32 34.56 7.59 16.00
C GLY D 32 34.77 7.20 14.53
N GLN D 33 33.72 7.33 13.71
CA GLN D 33 33.81 6.99 12.29
C GLN D 33 34.16 8.19 11.44
N GLY D 34 34.46 9.34 12.05
CA GLY D 34 34.97 10.49 11.31
C GLY D 34 33.93 11.58 11.07
N ALA D 35 32.72 11.43 11.62
CA ALA D 35 31.69 12.45 11.46
C ALA D 35 31.80 13.51 12.56
N SER D 36 31.11 14.62 12.35
CA SER D 36 30.96 15.66 13.37
C SER D 36 29.54 15.58 13.94
N ALA D 37 29.44 15.72 15.26
CA ALA D 37 28.18 15.59 15.97
C ALA D 37 27.88 16.86 16.76
N VAL D 38 26.61 17.23 16.79
CA VAL D 38 26.11 18.28 17.66
C VAL D 38 25.14 17.66 18.64
N LEU D 39 25.48 17.71 19.93
CA LEU D 39 24.62 17.15 20.97
C LEU D 39 23.57 18.18 21.33
N LEU D 40 22.33 17.92 20.90
CA LEU D 40 21.19 18.76 21.23
C LEU D 40 20.46 18.10 22.39
N ASP D 41 20.57 18.73 23.56
CA ASP D 41 19.93 18.21 24.76
C ASP D 41 19.66 19.37 25.72
N LEU D 42 18.97 19.07 26.81
CA LEU D 42 18.58 20.09 27.76
C LEU D 42 19.82 20.69 28.43
N PRO D 43 19.76 21.95 28.89
CA PRO D 43 20.88 22.57 29.59
C PRO D 43 21.41 21.79 30.79
N ASN D 44 20.55 21.05 31.48
CA ASN D 44 20.96 20.33 32.68
C ASN D 44 21.31 18.87 32.39
N SER D 45 21.43 18.48 31.12
CA SER D 45 21.62 17.09 30.75
C SER D 45 23.06 16.62 30.91
N GLY D 46 23.99 17.54 31.14
CA GLY D 46 25.40 17.18 31.21
C GLY D 46 26.02 16.95 29.84
N GLY D 47 25.44 17.53 28.79
CA GLY D 47 25.93 17.35 27.44
C GLY D 47 27.28 18.02 27.20
N GLU D 48 27.59 19.08 27.96
CA GLU D 48 28.87 19.76 27.80
C GLU D 48 30.04 18.81 28.11
N ALA D 49 29.91 18.02 29.17
CA ALA D 49 30.96 17.06 29.53
C ALA D 49 31.08 15.98 28.45
N GLN D 50 29.94 15.50 27.92
CA GLN D 50 29.98 14.49 26.88
C GLN D 50 30.63 15.03 25.62
N ALA D 51 30.28 16.27 25.23
CA ALA D 51 30.84 16.86 24.03
C ALA D 51 32.35 17.04 24.17
N LYS D 52 32.81 17.47 25.35
CA LYS D 52 34.24 17.59 25.60
C LYS D 52 34.92 16.23 25.54
N LYS D 53 34.26 15.20 26.05
CA LYS D 53 34.83 13.86 26.05
C LYS D 53 34.99 13.34 24.61
N LEU D 54 34.07 13.70 23.72
CA LEU D 54 34.07 13.17 22.36
C LEU D 54 35.06 13.88 21.46
N GLY D 55 35.63 15.01 21.91
CA GLY D 55 36.69 15.68 21.17
C GLY D 55 36.20 16.90 20.41
N ASN D 56 37.05 17.38 19.49
CA ASN D 56 36.81 18.64 18.80
C ASN D 56 35.69 18.54 17.78
N ASN D 57 35.40 17.33 17.30
CA ASN D 57 34.35 17.14 16.31
C ASN D 57 32.98 16.98 16.96
N CYS D 58 32.85 17.31 18.24
CA CYS D 58 31.58 17.24 18.94
C CYS D 58 31.40 18.51 19.77
N VAL D 59 30.21 19.11 19.66
CA VAL D 59 29.86 20.28 20.45
C VAL D 59 28.49 20.06 21.07
N PHE D 60 28.25 20.74 22.19
CA PHE D 60 26.98 20.66 22.90
C PHE D 60 26.15 21.89 22.57
N ALA D 61 24.92 21.66 22.12
CA ALA D 61 23.97 22.73 21.85
C ALA D 61 22.79 22.59 22.80
N PRO D 62 22.72 23.38 23.88
CA PRO D 62 21.60 23.29 24.80
C PRO D 62 20.32 23.76 24.12
N ALA D 63 19.28 22.93 24.16
CA ALA D 63 18.02 23.27 23.56
C ALA D 63 16.93 22.36 24.11
N ASP D 64 15.71 22.89 24.12
CA ASP D 64 14.50 22.12 24.34
C ASP D 64 13.82 21.91 22.99
N VAL D 65 13.57 20.65 22.63
CA VAL D 65 13.05 20.32 21.32
C VAL D 65 11.63 20.85 21.12
N THR D 66 10.90 21.05 22.22
CA THR D 66 9.55 21.59 22.13
C THR D 66 9.55 23.09 21.79
N SER D 67 10.72 23.74 21.86
CA SER D 67 10.83 25.17 21.63
C SER D 67 11.41 25.44 20.24
N GLU D 68 10.69 26.21 19.43
CA GLU D 68 11.17 26.59 18.11
C GLU D 68 12.45 27.42 18.24
N LYS D 69 12.47 28.37 19.18
CA LYS D 69 13.62 29.25 19.33
C LYS D 69 14.85 28.47 19.78
N ASP D 70 14.68 27.52 20.70
CA ASP D 70 15.79 26.72 21.19
C ASP D 70 16.42 25.91 20.06
N VAL D 71 15.60 25.27 19.23
CA VAL D 71 16.12 24.46 18.14
C VAL D 71 16.79 25.35 17.10
N GLN D 72 16.19 26.51 16.82
CA GLN D 72 16.78 27.45 15.87
C GLN D 72 18.17 27.87 16.34
N THR D 73 18.31 28.16 17.63
CA THR D 73 19.60 28.54 18.19
C THR D 73 20.59 27.38 18.08
N ALA D 74 20.14 26.14 18.37
CA ALA D 74 21.00 24.98 18.29
C ALA D 74 21.48 24.74 16.85
N LEU D 75 20.57 24.87 15.88
CA LEU D 75 20.93 24.66 14.49
C LEU D 75 21.87 25.77 14.01
N ALA D 76 21.67 26.99 14.49
CA ALA D 76 22.58 28.09 14.17
C ALA D 76 23.98 27.80 14.73
N LEU D 77 24.03 27.22 15.94
CA LEU D 77 25.31 26.83 16.53
C LEU D 77 25.96 25.75 15.67
N ALA D 78 25.17 24.77 15.21
CA ALA D 78 25.69 23.70 14.38
C ALA D 78 26.24 24.25 13.07
N LYS D 79 25.50 25.17 12.45
CA LYS D 79 25.94 25.77 11.19
C LYS D 79 27.20 26.59 11.41
N GLY D 80 27.27 27.34 12.52
CA GLY D 80 28.44 28.16 12.80
C GLY D 80 29.70 27.31 13.03
N LYS D 81 29.56 26.21 13.77
CA LYS D 81 30.70 25.39 14.14
C LYS D 81 31.16 24.53 12.97
N PHE D 82 30.23 23.91 12.23
CA PHE D 82 30.58 22.90 11.25
C PHE D 82 30.19 23.25 9.82
N GLY D 83 29.38 24.30 9.62
CA GLY D 83 29.14 24.82 8.28
C GLY D 83 27.89 24.26 7.61
N ARG D 84 27.38 23.13 8.08
CA ARG D 84 26.27 22.47 7.43
C ARG D 84 25.68 21.42 8.38
N VAL D 85 24.51 20.89 7.99
CA VAL D 85 23.92 19.76 8.66
C VAL D 85 23.58 18.72 7.59
N ASP D 86 24.05 17.48 7.79
CA ASP D 86 23.82 16.40 6.85
C ASP D 86 22.86 15.36 7.43
N VAL D 87 22.90 15.14 8.75
CA VAL D 87 22.12 14.09 9.39
C VAL D 87 21.44 14.69 10.61
N ALA D 88 20.17 14.30 10.82
CA ALA D 88 19.47 14.59 12.05
C ALA D 88 19.00 13.27 12.65
N VAL D 89 19.33 13.06 13.93
CA VAL D 89 18.89 11.88 14.65
C VAL D 89 18.07 12.35 15.86
N ASN D 90 16.77 12.03 15.85
CA ASN D 90 15.87 12.41 16.92
C ASN D 90 15.84 11.31 17.97
N CYS D 91 16.53 11.50 19.09
CA CYS D 91 16.56 10.51 20.15
C CYS D 91 16.04 11.06 21.49
N ALA D 92 15.59 12.31 21.54
CA ALA D 92 15.01 12.84 22.76
C ALA D 92 13.63 12.22 22.96
N GLY D 93 13.32 11.89 24.20
CA GLY D 93 12.02 11.31 24.50
C GLY D 93 11.82 11.19 26.00
N ILE D 94 10.56 11.14 26.41
CA ILE D 94 10.20 10.84 27.78
C ILE D 94 9.13 9.76 27.76
N ALA D 95 8.95 9.10 28.91
CA ALA D 95 7.89 8.13 29.08
C ALA D 95 7.17 8.39 30.40
N VAL D 96 5.89 8.02 30.42
CA VAL D 96 5.10 8.02 31.64
C VAL D 96 4.43 6.67 31.76
N ALA D 97 4.37 6.15 32.99
CA ALA D 97 3.65 4.92 33.28
C ALA D 97 2.35 5.29 34.00
N SER D 98 1.24 5.25 33.26
CA SER D 98 -0.05 5.61 33.82
C SER D 98 -1.15 4.92 33.04
N LYS D 99 -2.03 4.20 33.74
CA LYS D 99 -3.17 3.59 33.10
C LYS D 99 -4.16 4.65 32.64
N THR D 100 -4.89 4.35 31.56
CA THR D 100 -5.93 5.24 31.06
C THR D 100 -6.96 5.47 32.18
N TYR D 101 -7.40 4.38 32.81
CA TYR D 101 -8.35 4.48 33.90
C TYR D 101 -8.22 3.22 34.76
N ASN D 102 -8.18 3.43 36.09
CA ASN D 102 -8.11 2.34 37.04
C ASN D 102 -9.41 2.32 37.83
N LEU D 103 -10.24 1.31 37.58
CA LEU D 103 -11.54 1.22 38.23
C LEU D 103 -11.39 1.01 39.74
N LYS D 104 -10.47 0.13 40.14
CA LYS D 104 -10.29 -0.21 41.54
C LYS D 104 -9.89 1.03 42.35
N LYS D 105 -8.92 1.78 41.84
CA LYS D 105 -8.44 2.96 42.55
C LYS D 105 -9.25 4.21 42.20
N GLY D 106 -10.13 4.13 41.20
CA GLY D 106 -10.86 5.31 40.76
C GLY D 106 -9.93 6.40 40.22
N GLN D 107 -8.86 5.98 39.55
CA GLN D 107 -7.82 6.90 39.09
C GLN D 107 -7.90 7.02 37.57
N THR D 108 -7.85 8.27 37.09
CA THR D 108 -7.92 8.56 35.68
C THR D 108 -6.60 9.16 35.23
N HIS D 109 -6.14 8.74 34.05
CA HIS D 109 -4.95 9.31 33.46
C HIS D 109 -5.11 10.82 33.34
N THR D 110 -4.12 11.57 33.79
CA THR D 110 -4.20 13.01 33.69
C THR D 110 -3.93 13.46 32.25
N LEU D 111 -4.66 14.49 31.82
CA LEU D 111 -4.49 15.03 30.48
C LEU D 111 -3.10 15.65 30.31
N GLU D 112 -2.59 16.30 31.36
CA GLU D 112 -1.30 16.97 31.25
C GLU D 112 -0.16 15.97 31.08
N ASP D 113 -0.26 14.81 31.71
CA ASP D 113 0.74 13.76 31.51
C ASP D 113 0.76 13.30 30.06
N PHE D 114 -0.43 13.12 29.47
CA PHE D 114 -0.53 12.76 28.07
C PHE D 114 0.05 13.87 27.19
N GLN D 115 -0.26 15.12 27.51
CA GLN D 115 0.17 16.25 26.70
C GLN D 115 1.69 16.38 26.75
N ARG D 116 2.30 16.22 27.93
CA ARG D 116 3.73 16.41 28.07
C ARG D 116 4.50 15.36 27.27
N VAL D 117 4.03 14.13 27.24
CA VAL D 117 4.66 13.09 26.46
C VAL D 117 4.57 13.39 24.96
N LEU D 118 3.39 13.84 24.50
CA LEU D 118 3.23 14.20 23.10
C LEU D 118 4.15 15.36 22.72
N ASP D 119 4.26 16.36 23.58
CA ASP D 119 5.03 17.55 23.27
C ASP D 119 6.49 17.20 23.01
N VAL D 120 7.07 16.36 23.87
CA VAL D 120 8.48 16.05 23.74
C VAL D 120 8.69 15.01 22.64
N ASN D 121 7.98 13.89 22.72
CA ASN D 121 8.23 12.77 21.84
C ASN D 121 7.81 13.09 20.40
N LEU D 122 6.58 13.60 20.25
CA LEU D 122 5.97 13.74 18.93
C LEU D 122 6.16 15.15 18.37
N MET D 123 5.67 16.15 19.11
CA MET D 123 5.79 17.52 18.63
C MET D 123 7.27 17.93 18.60
N GLY D 124 8.05 17.52 19.58
CA GLY D 124 9.46 17.84 19.61
C GLY D 124 10.20 17.26 18.40
N THR D 125 9.86 16.02 18.03
CA THR D 125 10.47 15.39 16.87
C THR D 125 10.12 16.19 15.61
N PHE D 126 8.85 16.54 15.44
CA PHE D 126 8.43 17.28 14.26
C PHE D 126 9.08 18.66 14.23
N ASN D 127 9.21 19.30 15.40
CA ASN D 127 9.84 20.61 15.48
C ASN D 127 11.27 20.55 14.96
N VAL D 128 12.02 19.52 15.36
CA VAL D 128 13.37 19.36 14.86
C VAL D 128 13.36 19.07 13.37
N ILE D 129 12.47 18.16 12.93
CA ILE D 129 12.43 17.77 11.53
C ILE D 129 12.19 18.98 10.65
N ARG D 130 11.16 19.77 10.96
CA ARG D 130 10.76 20.87 10.09
C ARG D 130 11.85 21.95 10.02
N LEU D 131 12.64 22.10 11.09
CA LEU D 131 13.68 23.12 11.12
C LEU D 131 14.99 22.62 10.51
N VAL D 132 15.35 21.35 10.74
CA VAL D 132 16.57 20.82 10.17
C VAL D 132 16.40 20.62 8.66
N ALA D 133 15.18 20.37 8.20
CA ALA D 133 14.92 20.24 6.77
C ALA D 133 15.30 21.52 6.04
N GLY D 134 14.99 22.68 6.62
CA GLY D 134 15.41 23.95 6.08
C GLY D 134 16.93 24.07 6.03
N GLU D 135 17.61 23.60 7.06
CA GLU D 135 19.07 23.64 7.09
C GLU D 135 19.63 22.68 6.03
N MET D 136 19.08 21.47 5.94
CA MET D 136 19.57 20.51 4.95
C MET D 136 19.23 20.97 3.53
N GLY D 137 18.14 21.72 3.37
CA GLY D 137 17.76 22.23 2.06
C GLY D 137 18.83 23.13 1.45
N GLN D 138 19.65 23.77 2.28
CA GLN D 138 20.71 24.64 1.79
C GLN D 138 21.90 23.84 1.26
N ASN D 139 21.98 22.54 1.55
CA ASN D 139 23.07 21.73 1.07
C ASN D 139 22.99 21.55 -0.44
N GLU D 140 24.13 21.53 -1.10
CA GLU D 140 24.20 21.09 -2.48
C GLU D 140 23.96 19.59 -2.52
N PRO D 141 23.10 19.08 -3.41
CA PRO D 141 22.89 17.63 -3.50
C PRO D 141 24.19 16.91 -3.83
N ASP D 142 24.37 15.72 -3.25
CA ASP D 142 25.56 14.93 -3.48
C ASP D 142 25.42 14.23 -4.85
N GLN D 143 26.30 13.28 -5.13
CA GLN D 143 26.28 12.56 -6.39
C GLN D 143 24.95 11.85 -6.61
N GLY D 144 24.32 11.39 -5.52
CA GLY D 144 23.04 10.71 -5.61
C GLY D 144 21.85 11.65 -5.49
N GLY D 145 22.09 12.97 -5.41
CA GLY D 145 21.00 13.93 -5.29
C GLY D 145 20.53 14.12 -3.85
N GLN D 146 21.24 13.56 -2.87
CA GLN D 146 20.80 13.57 -1.49
C GLN D 146 21.31 14.82 -0.78
N ARG D 147 20.42 15.49 -0.04
CA ARG D 147 20.78 16.65 0.76
C ARG D 147 20.89 16.32 2.25
N GLY D 148 20.24 15.26 2.72
CA GLY D 148 20.37 14.89 4.10
C GLY D 148 19.57 13.64 4.44
N VAL D 149 19.75 13.20 5.68
CA VAL D 149 19.05 12.03 6.21
C VAL D 149 18.51 12.41 7.57
N ILE D 150 17.21 12.13 7.78
CA ILE D 150 16.59 12.31 9.09
C ILE D 150 16.17 10.95 9.62
N ILE D 151 16.62 10.65 10.84
CA ILE D 151 16.31 9.40 11.51
C ILE D 151 15.57 9.72 12.80
N ASN D 152 14.39 9.13 12.95
CA ASN D 152 13.56 9.33 14.13
C ASN D 152 13.57 8.07 14.98
N THR D 153 13.28 8.24 16.26
CA THR D 153 13.19 7.13 17.18
C THR D 153 11.74 6.98 17.63
N ALA D 154 11.08 5.96 17.11
CA ALA D 154 9.79 5.50 17.61
C ALA D 154 10.05 4.47 18.70
N SER D 155 9.09 3.60 18.96
CA SER D 155 9.29 2.47 19.86
C SER D 155 8.45 1.31 19.36
N VAL D 156 8.77 0.12 19.84
CA VAL D 156 7.90 -1.03 19.65
C VAL D 156 6.54 -0.77 20.32
N ALA D 157 6.49 0.17 21.27
CA ALA D 157 5.23 0.56 21.88
C ALA D 157 4.25 1.14 20.85
N ALA D 158 4.76 1.62 19.70
CA ALA D 158 3.88 2.08 18.63
C ALA D 158 3.06 0.93 18.05
N PHE D 159 3.52 -0.32 18.23
CA PHE D 159 2.85 -1.48 17.66
C PHE D 159 2.25 -2.37 18.73
N GLU D 160 3.00 -2.62 19.82
CA GLU D 160 2.48 -3.38 20.95
C GLU D 160 2.72 -2.59 22.23
N GLY D 161 1.87 -1.59 22.48
CA GLY D 161 1.98 -0.80 23.68
C GLY D 161 1.45 -1.57 24.89
N GLN D 162 2.18 -1.46 26.00
CA GLN D 162 1.84 -2.20 27.20
C GLN D 162 0.80 -1.44 28.00
N VAL D 163 0.27 -2.09 29.03
CA VAL D 163 -0.59 -1.42 30.00
C VAL D 163 0.17 -0.26 30.62
N GLY D 164 -0.46 0.91 30.65
CA GLY D 164 0.14 2.11 31.21
C GLY D 164 0.96 2.91 30.19
N GLN D 165 1.02 2.46 28.92
CA GLN D 165 1.85 3.12 27.91
C GLN D 165 1.00 3.84 26.86
N ALA D 166 -0.23 4.22 27.19
CA ALA D 166 -1.11 4.89 26.24
C ALA D 166 -0.45 6.16 25.70
N ALA D 167 0.07 7.02 26.58
CA ALA D 167 0.68 8.27 26.17
C ALA D 167 1.90 8.00 25.31
N TYR D 168 2.75 7.07 25.74
CA TYR D 168 3.97 6.77 25.03
C TYR D 168 3.64 6.16 23.66
N SER D 169 2.69 5.23 23.61
CA SER D 169 2.31 4.57 22.38
C SER D 169 1.72 5.54 21.37
N ALA D 170 0.90 6.49 21.85
CA ALA D 170 0.33 7.51 20.98
C ALA D 170 1.44 8.34 20.32
N SER D 171 2.40 8.79 21.13
CA SER D 171 3.49 9.62 20.62
C SER D 171 4.30 8.84 19.59
N LYS D 172 4.62 7.58 19.90
CA LYS D 172 5.45 6.80 19.00
C LYS D 172 4.66 6.36 17.78
N GLY D 173 3.37 6.06 17.94
CA GLY D 173 2.50 5.78 16.80
C GLY D 173 2.40 7.00 15.87
N GLY D 174 2.44 8.21 16.44
CA GLY D 174 2.45 9.42 15.66
C GLY D 174 3.72 9.55 14.81
N ILE D 175 4.87 9.21 15.40
CA ILE D 175 6.13 9.25 14.66
C ILE D 175 6.10 8.26 13.51
N VAL D 176 5.60 7.05 13.74
CA VAL D 176 5.46 6.06 12.69
C VAL D 176 4.51 6.59 11.61
N GLY D 177 3.40 7.18 12.03
CA GLY D 177 2.39 7.64 11.08
C GLY D 177 2.93 8.73 10.14
N MET D 178 3.73 9.65 10.67
CA MET D 178 4.17 10.78 9.87
C MET D 178 5.49 10.49 9.13
N THR D 179 6.09 9.32 9.32
CA THR D 179 7.35 9.00 8.66
C THR D 179 7.18 9.02 7.14
N LEU D 180 6.18 8.31 6.61
CA LEU D 180 5.97 8.26 5.17
C LEU D 180 5.59 9.63 4.58
N PRO D 181 4.60 10.36 5.13
CA PRO D 181 4.27 11.67 4.54
C PRO D 181 5.44 12.65 4.53
N ILE D 182 6.25 12.66 5.58
CA ILE D 182 7.39 13.56 5.62
C ILE D 182 8.44 13.12 4.59
N ALA D 183 8.64 11.81 4.46
CA ALA D 183 9.53 11.29 3.42
C ALA D 183 9.03 11.72 2.04
N ARG D 184 7.71 11.64 1.82
CA ARG D 184 7.12 12.12 0.59
C ARG D 184 7.27 13.63 0.45
N ASP D 185 7.10 14.37 1.56
CA ASP D 185 7.27 15.81 1.54
C ASP D 185 8.68 16.20 1.09
N LEU D 186 9.70 15.53 1.65
CA LEU D 186 11.09 15.95 1.46
C LEU D 186 11.77 15.20 0.32
N ALA D 187 11.04 14.30 -0.36
CA ALA D 187 11.63 13.55 -1.46
C ALA D 187 12.15 14.48 -2.57
N PRO D 188 11.42 15.51 -3.04
CA PRO D 188 11.99 16.42 -4.04
C PRO D 188 13.28 17.11 -3.60
N ILE D 189 13.43 17.33 -2.30
CA ILE D 189 14.60 18.02 -1.78
C ILE D 189 15.78 17.06 -1.69
N GLY D 190 15.50 15.75 -1.64
CA GLY D 190 16.54 14.76 -1.49
C GLY D 190 16.90 14.52 -0.02
N ILE D 191 15.90 14.57 0.87
CA ILE D 191 16.11 14.26 2.28
C ILE D 191 15.37 12.96 2.59
N ARG D 192 16.12 11.93 2.96
CA ARG D 192 15.52 10.67 3.37
C ARG D 192 15.04 10.78 4.82
N VAL D 193 13.88 10.17 5.09
CA VAL D 193 13.31 10.16 6.42
C VAL D 193 13.07 8.71 6.81
N MET D 194 13.68 8.30 7.93
CA MET D 194 13.62 6.93 8.39
C MET D 194 13.31 6.94 9.88
N THR D 195 12.74 5.83 10.36
CA THR D 195 12.39 5.69 11.75
C THR D 195 12.91 4.35 12.26
N ILE D 196 13.49 4.37 13.45
CA ILE D 196 13.89 3.17 14.17
C ILE D 196 12.92 2.98 15.33
N ALA D 197 12.43 1.75 15.47
CA ALA D 197 11.56 1.41 16.58
C ALA D 197 12.29 0.45 17.52
N PRO D 198 13.06 0.97 18.49
CA PRO D 198 13.80 0.08 19.39
C PRO D 198 12.87 -0.63 20.35
N GLY D 199 13.34 -1.78 20.88
CA GLY D 199 12.62 -2.41 21.98
C GLY D 199 13.53 -2.83 23.13
N LEU D 200 13.31 -2.30 24.32
CA LEU D 200 14.01 -2.74 25.52
C LEU D 200 15.53 -2.63 25.38
N PHE D 201 16.00 -1.39 25.43
CA PHE D 201 17.42 -1.10 25.41
C PHE D 201 17.92 -0.75 26.80
N GLY D 202 19.22 -0.98 27.01
CA GLY D 202 19.85 -0.70 28.29
C GLY D 202 20.09 0.80 28.49
N THR D 203 19.04 1.60 28.35
CA THR D 203 19.14 3.02 28.58
C THR D 203 18.81 3.31 30.04
N PRO D 204 19.23 4.48 30.58
CA PRO D 204 18.84 4.86 31.94
C PRO D 204 17.33 4.87 32.17
N LEU D 205 16.53 5.09 31.13
CA LEU D 205 15.08 5.07 31.24
C LEU D 205 14.62 3.69 31.69
N LEU D 206 15.14 2.64 31.05
CA LEU D 206 14.71 1.28 31.37
C LEU D 206 15.30 0.80 32.69
N THR D 207 16.48 1.30 33.05
CA THR D 207 17.09 0.94 34.33
C THR D 207 16.34 1.60 35.49
N SER D 208 15.61 2.69 35.22
CA SER D 208 14.81 3.34 36.24
C SER D 208 13.67 2.42 36.72
N LEU D 209 13.29 1.43 35.88
CA LEU D 209 12.34 0.42 36.30
C LEU D 209 12.95 -0.45 37.40
N PRO D 210 12.12 -1.13 38.22
CA PRO D 210 12.64 -2.07 39.19
C PRO D 210 13.51 -3.14 38.53
N GLU D 211 14.56 -3.54 39.25
CA GLU D 211 15.55 -4.47 38.70
C GLU D 211 14.89 -5.79 38.31
N LYS D 212 13.92 -6.24 39.11
CA LYS D 212 13.24 -7.50 38.83
C LYS D 212 12.48 -7.43 37.51
N VAL D 213 11.80 -6.30 37.26
CA VAL D 213 11.01 -6.15 36.05
C VAL D 213 11.93 -6.11 34.83
N CYS D 214 12.99 -5.31 34.91
CA CYS D 214 13.87 -5.15 33.75
C CYS D 214 14.62 -6.44 33.46
N ASN D 215 15.10 -7.12 34.52
CA ASN D 215 15.81 -8.39 34.36
C ASN D 215 14.90 -9.45 33.74
N PHE D 216 13.64 -9.48 34.18
CA PHE D 216 12.65 -10.36 33.56
C PHE D 216 12.45 -9.98 32.09
N LEU D 217 12.38 -8.67 31.79
CA LEU D 217 12.21 -8.20 30.44
C LEU D 217 13.37 -8.64 29.56
N ALA D 218 14.59 -8.65 30.08
CA ALA D 218 15.76 -9.11 29.35
C ALA D 218 15.59 -10.58 28.92
N SER D 219 15.05 -11.41 29.81
CA SER D 219 14.81 -12.81 29.49
C SER D 219 13.66 -12.96 28.50
N GLN D 220 12.82 -11.93 28.34
CA GLN D 220 11.68 -12.02 27.44
C GLN D 220 12.05 -11.72 25.98
N VAL D 221 13.25 -11.17 25.73
CA VAL D 221 13.71 -10.99 24.38
C VAL D 221 14.10 -12.34 23.81
N PRO D 222 13.48 -12.81 22.69
CA PRO D 222 13.78 -14.13 22.15
C PRO D 222 15.26 -14.37 21.92
N PHE D 223 15.90 -13.55 21.09
CA PHE D 223 17.34 -13.65 20.91
C PHE D 223 17.89 -12.35 20.31
N PRO D 224 18.98 -11.78 20.86
CA PRO D 224 19.63 -12.24 22.09
C PRO D 224 18.81 -11.90 23.33
N SER D 225 18.80 -12.81 24.32
CA SER D 225 17.99 -12.64 25.51
C SER D 225 18.70 -11.67 26.47
N ARG D 226 18.75 -10.41 26.05
CA ARG D 226 19.36 -9.36 26.84
C ARG D 226 18.76 -8.05 26.38
N LEU D 227 18.96 -7.01 27.19
CA LEU D 227 18.54 -5.68 26.80
C LEU D 227 19.38 -5.23 25.61
N GLY D 228 18.75 -4.41 24.77
CA GLY D 228 19.46 -3.86 23.63
C GLY D 228 20.65 -2.98 24.06
N ASP D 229 21.79 -3.19 23.40
CA ASP D 229 22.95 -2.35 23.62
C ASP D 229 22.78 -1.05 22.82
N PRO D 230 22.89 0.13 23.45
CA PRO D 230 22.78 1.39 22.70
C PRO D 230 23.71 1.49 21.50
N ALA D 231 24.88 0.84 21.56
CA ALA D 231 25.77 0.80 20.40
C ALA D 231 25.11 0.11 19.21
N GLU D 232 24.23 -0.86 19.46
CA GLU D 232 23.51 -1.53 18.38
C GLU D 232 22.54 -0.57 17.71
N TYR D 233 21.94 0.32 18.48
CA TYR D 233 21.12 1.37 17.90
C TYR D 233 21.99 2.27 17.02
N ALA D 234 23.18 2.65 17.53
CA ALA D 234 24.10 3.49 16.78
C ALA D 234 24.52 2.83 15.47
N HIS D 235 24.76 1.52 15.51
CA HIS D 235 25.14 0.79 14.32
C HIS D 235 24.05 0.87 13.25
N LEU D 236 22.78 0.70 13.66
CA LEU D 236 21.68 0.78 12.71
C LEU D 236 21.58 2.18 12.14
N VAL D 237 21.78 3.21 12.97
CA VAL D 237 21.73 4.58 12.49
C VAL D 237 22.76 4.78 11.38
N GLN D 238 23.99 4.32 11.59
CA GLN D 238 25.00 4.43 10.57
C GLN D 238 24.63 3.68 9.30
N ALA D 239 24.05 2.48 9.45
CA ALA D 239 23.61 1.71 8.29
C ALA D 239 22.57 2.49 7.48
N ILE D 240 21.64 3.16 8.17
CA ILE D 240 20.63 3.94 7.49
C ILE D 240 21.26 5.11 6.73
N ILE D 241 22.22 5.78 7.39
CA ILE D 241 22.89 6.91 6.76
C ILE D 241 23.62 6.44 5.50
N GLU D 242 24.31 5.31 5.58
CA GLU D 242 25.14 4.84 4.48
C GLU D 242 24.31 4.28 3.32
N ASN D 243 23.13 3.74 3.58
CA ASN D 243 22.36 3.07 2.56
C ASN D 243 21.45 4.08 1.87
N PRO D 244 21.68 4.43 0.59
CA PRO D 244 20.90 5.47 -0.07
C PRO D 244 19.45 5.13 -0.37
N PHE D 245 19.06 3.86 -0.21
CA PHE D 245 17.77 3.44 -0.73
C PHE D 245 16.77 3.12 0.39
N LEU D 246 17.18 3.32 1.65
CA LEU D 246 16.30 3.19 2.80
C LEU D 246 15.57 4.51 2.97
N ASN D 247 14.25 4.50 2.82
CA ASN D 247 13.47 5.72 2.96
C ASN D 247 12.03 5.38 3.33
N GLY D 248 11.44 6.20 4.20
CA GLY D 248 10.03 6.11 4.51
C GLY D 248 9.64 4.84 5.23
N GLU D 249 10.57 4.25 6.00
CA GLU D 249 10.35 2.94 6.59
C GLU D 249 10.66 2.99 8.08
N VAL D 250 9.98 2.11 8.83
CA VAL D 250 10.24 1.91 10.24
C VAL D 250 10.94 0.57 10.41
N ILE D 251 12.10 0.58 11.07
CA ILE D 251 12.85 -0.63 11.34
C ILE D 251 12.74 -0.96 12.83
N ARG D 252 12.17 -2.12 13.14
CA ARG D 252 12.11 -2.60 14.51
C ARG D 252 13.47 -3.18 14.90
N LEU D 253 14.03 -2.64 15.98
CA LEU D 253 15.29 -3.11 16.52
C LEU D 253 15.00 -3.61 17.93
N ASP D 254 14.60 -4.89 18.03
CA ASP D 254 14.00 -5.35 19.28
C ASP D 254 14.35 -6.79 19.65
N GLY D 255 15.26 -7.43 18.91
CA GLY D 255 15.59 -8.83 19.16
C GLY D 255 14.37 -9.76 19.05
N ALA D 256 13.41 -9.41 18.19
CA ALA D 256 12.22 -10.23 17.91
C ALA D 256 11.24 -10.28 19.06
N ILE D 257 11.26 -9.29 19.96
CA ILE D 257 10.31 -9.29 21.07
C ILE D 257 8.96 -8.75 20.58
N ARG D 258 7.89 -9.27 21.18
CA ARG D 258 6.55 -8.73 21.02
C ARG D 258 5.97 -8.53 22.42
N MET D 259 5.72 -7.27 22.78
CA MET D 259 5.39 -6.93 24.15
C MET D 259 4.00 -7.44 24.52
N GLN D 260 3.92 -8.06 25.70
CA GLN D 260 2.67 -8.53 26.27
C GLN D 260 2.05 -7.43 27.14
N PRO D 261 0.75 -7.52 27.48
CA PRO D 261 0.12 -6.50 28.34
C PRO D 261 0.84 -6.27 29.67
N ALA E 23 16.97 33.37 -52.55
CA ALA E 23 16.57 33.07 -53.95
C ALA E 23 15.77 34.23 -54.53
N ALA E 24 15.17 34.00 -55.70
CA ALA E 24 14.31 35.01 -56.33
C ALA E 24 12.95 35.07 -55.64
N THR E 25 12.56 33.99 -54.94
CA THR E 25 11.25 33.92 -54.31
C THR E 25 11.08 35.01 -53.25
N ARG E 26 12.19 35.39 -52.60
CA ARG E 26 12.14 36.41 -51.54
C ARG E 26 11.60 37.72 -52.10
N GLU E 27 12.07 38.13 -53.29
CA GLU E 27 11.56 39.32 -53.95
C GLU E 27 10.22 39.02 -54.64
N PHE E 28 10.03 37.79 -55.11
CA PHE E 28 8.84 37.44 -55.88
C PHE E 28 7.57 37.58 -55.04
N ILE E 29 7.63 37.19 -53.76
CA ILE E 29 6.48 37.29 -52.88
C ILE E 29 6.12 38.74 -52.59
N GLU E 30 7.08 39.67 -52.71
CA GLU E 30 6.87 41.05 -52.32
C GLU E 30 5.73 41.69 -53.12
N MET E 31 5.70 41.42 -54.43
CA MET E 31 4.69 42.00 -55.30
C MET E 31 3.29 41.43 -54.99
N TRP E 32 3.23 40.17 -54.54
CA TRP E 32 1.95 39.55 -54.21
C TRP E 32 1.26 40.28 -53.07
N ARG E 33 2.04 40.83 -52.13
CA ARG E 33 1.48 41.57 -51.01
C ARG E 33 0.76 42.82 -51.49
N LEU E 34 1.34 43.52 -52.47
CA LEU E 34 0.78 44.77 -52.96
C LEU E 34 -0.60 44.57 -53.59
N LEU E 35 -0.87 43.38 -54.12
CA LEU E 35 -2.16 43.09 -54.74
C LEU E 35 -3.23 42.71 -53.69
N GLY E 36 -2.82 42.55 -52.43
CA GLY E 36 -3.77 42.23 -51.37
C GLY E 36 -4.38 40.85 -51.55
N ARG E 37 -3.54 39.86 -51.85
CA ARG E 37 -3.99 38.50 -52.07
C ARG E 37 -3.92 37.67 -50.79
N GLU E 38 -4.49 38.21 -49.70
CA GLU E 38 -4.60 37.49 -48.43
C GLU E 38 -3.27 36.84 -48.05
N VAL E 39 -2.26 37.70 -47.83
CA VAL E 39 -0.90 37.26 -47.61
C VAL E 39 -0.48 37.71 -46.23
N PRO E 40 0.27 36.90 -45.46
CA PRO E 40 0.75 37.33 -44.15
C PRO E 40 1.83 38.39 -44.26
N GLU E 41 1.96 39.19 -43.20
CA GLU E 41 2.99 40.22 -43.14
C GLU E 41 4.37 39.58 -42.98
N HIS E 42 4.50 38.64 -42.05
CA HIS E 42 5.78 38.03 -41.73
C HIS E 42 5.77 36.55 -42.12
N ILE E 43 6.78 36.15 -42.90
CA ILE E 43 6.93 34.77 -43.34
C ILE E 43 8.36 34.34 -43.04
N THR E 44 8.51 33.33 -42.17
CA THR E 44 9.83 32.85 -41.78
C THR E 44 10.49 32.10 -42.94
N GLU E 45 11.81 31.94 -42.84
CA GLU E 45 12.59 31.32 -43.90
C GLU E 45 12.15 29.88 -44.13
N GLU E 46 11.90 29.13 -43.05
CA GLU E 46 11.47 27.75 -43.18
C GLU E 46 10.12 27.65 -43.89
N GLU E 47 9.32 28.72 -43.83
CA GLU E 47 8.07 28.75 -44.57
C GLU E 47 8.31 29.02 -46.06
N LEU E 48 9.37 29.77 -46.40
CA LEU E 48 9.73 29.98 -47.80
C LEU E 48 10.13 28.67 -48.46
N LYS E 49 10.82 27.80 -47.72
CA LYS E 49 11.20 26.49 -48.24
C LYS E 49 9.97 25.65 -48.56
N THR E 50 8.93 25.72 -47.73
CA THR E 50 7.69 25.00 -48.01
C THR E 50 6.97 25.57 -49.22
N LEU E 51 7.19 26.86 -49.52
CA LEU E 51 6.61 27.47 -50.71
C LEU E 51 7.24 26.90 -51.97
N MET E 52 8.43 26.30 -51.88
CA MET E 52 9.04 25.64 -53.03
C MET E 52 8.21 24.44 -53.48
N GLU E 53 7.66 23.69 -52.52
CA GLU E 53 6.87 22.51 -52.84
C GLU E 53 5.61 22.88 -53.63
N CYS E 54 5.09 24.10 -53.41
CA CYS E 54 3.91 24.57 -54.11
C CYS E 54 4.28 24.85 -55.57
N VAL E 55 3.91 23.93 -56.47
CA VAL E 55 4.34 24.03 -57.87
C VAL E 55 3.32 24.76 -58.73
N SER E 56 2.22 25.25 -58.15
CA SER E 56 1.18 25.91 -58.91
C SER E 56 0.74 27.19 -58.22
N ASN E 57 0.10 28.08 -59.00
CA ASN E 57 -0.42 29.33 -58.47
C ASN E 57 -1.47 29.04 -57.39
N THR E 58 -2.36 28.09 -57.65
CA THR E 58 -3.39 27.73 -56.69
C THR E 58 -2.77 27.14 -55.44
N ALA E 59 -1.76 26.28 -55.61
CA ALA E 59 -1.09 25.66 -54.46
C ALA E 59 -0.44 26.72 -53.58
N LYS E 60 0.24 27.70 -54.19
CA LYS E 60 0.79 28.82 -53.44
C LYS E 60 -0.32 29.61 -52.75
N LYS E 61 -1.41 29.88 -53.48
CA LYS E 61 -2.51 30.66 -52.95
C LYS E 61 -3.08 30.02 -51.68
N LYS E 62 -3.22 28.69 -51.68
CA LYS E 62 -3.77 27.99 -50.53
C LYS E 62 -2.82 28.04 -49.34
N TYR E 63 -1.50 28.02 -49.61
CA TYR E 63 -0.52 28.01 -48.54
C TYR E 63 -0.41 29.38 -47.88
N LEU E 64 -0.38 30.45 -48.68
CA LEU E 64 -0.35 31.81 -48.16
C LEU E 64 -1.61 32.11 -47.36
N LYS E 65 -2.78 31.69 -47.87
CA LYS E 65 -4.03 31.89 -47.14
C LYS E 65 -3.95 31.18 -45.78
N TYR E 66 -3.30 30.02 -45.74
CA TYR E 66 -3.08 29.32 -44.49
C TYR E 66 -2.16 30.13 -43.56
N LEU E 67 -1.09 30.71 -44.11
CA LEU E 67 -0.18 31.50 -43.29
C LEU E 67 -0.86 32.77 -42.81
N TYR E 68 -1.73 33.35 -43.64
CA TYR E 68 -2.46 34.56 -43.29
C TYR E 68 -3.37 34.30 -42.09
N THR E 69 -4.16 33.23 -42.15
CA THR E 69 -5.13 32.95 -41.10
C THR E 69 -4.44 32.44 -39.83
N LYS E 70 -3.23 31.88 -39.97
CA LYS E 70 -2.50 31.38 -38.81
C LYS E 70 -2.09 32.54 -37.91
N GLU E 71 -1.45 33.56 -38.48
CA GLU E 71 -0.98 34.69 -37.66
C GLU E 71 -2.15 35.54 -37.19
N LYS E 72 -3.22 35.58 -37.98
CA LYS E 72 -4.38 36.39 -37.62
C LYS E 72 -5.04 35.86 -36.34
N VAL E 73 -5.12 34.53 -36.19
CA VAL E 73 -5.68 33.96 -34.99
C VAL E 73 -4.66 34.01 -33.85
N LYS E 74 -3.37 34.02 -34.20
CA LYS E 74 -2.32 34.23 -33.20
C LYS E 74 -2.44 35.66 -32.64
N LYS E 75 -2.57 36.65 -33.52
CA LYS E 75 -2.71 38.03 -33.10
C LYS E 75 -3.99 38.22 -32.29
N ALA E 76 -5.10 37.63 -32.77
CA ALA E 76 -6.38 37.79 -32.09
C ALA E 76 -6.33 37.19 -30.68
N ARG E 77 -5.73 36.01 -30.53
CA ARG E 77 -5.63 35.39 -29.23
C ARG E 77 -4.61 36.12 -28.35
N GLN E 78 -3.53 36.63 -28.96
CA GLN E 78 -2.53 37.36 -28.21
C GLN E 78 -3.11 38.68 -27.68
N ILE E 79 -3.86 39.41 -28.53
CA ILE E 79 -4.50 40.64 -28.09
C ILE E 79 -5.46 40.34 -26.94
N LYS E 80 -6.18 39.22 -27.04
CA LYS E 80 -7.05 38.78 -25.95
C LYS E 80 -6.24 38.31 -24.73
N LYS E 81 -4.92 38.15 -24.88
CA LYS E 81 -4.10 37.73 -23.75
C LYS E 81 -3.69 38.92 -22.89
N GLU E 82 -3.24 40.01 -23.52
CA GLU E 82 -2.95 41.23 -22.78
C GLU E 82 -4.23 41.77 -22.12
N MET E 83 -5.37 41.65 -22.80
CA MET E 83 -6.65 42.02 -22.23
C MET E 83 -6.96 41.15 -21.01
N LYS E 84 -6.75 39.83 -21.14
CA LYS E 84 -6.99 38.93 -20.03
C LYS E 84 -6.00 39.21 -18.89
N ALA E 85 -4.73 39.46 -19.23
CA ALA E 85 -3.71 39.73 -18.23
C ALA E 85 -4.01 41.05 -17.50
N ALA E 86 -4.42 42.07 -18.25
CA ALA E 86 -4.72 43.37 -17.65
C ALA E 86 -5.93 43.27 -16.73
N ALA E 87 -6.95 42.50 -17.12
CA ALA E 87 -8.15 42.36 -16.30
C ALA E 87 -7.85 41.58 -15.03
N ARG E 88 -6.83 40.71 -15.06
CA ARG E 88 -6.50 39.92 -13.88
C ARG E 88 -5.83 40.78 -12.81
N GLU E 89 -4.90 41.65 -13.22
CA GLU E 89 -4.14 42.43 -12.25
C GLU E 89 -5.03 43.49 -11.58
N GLU E 90 -5.96 44.07 -12.34
CA GLU E 90 -6.85 45.08 -11.76
C GLU E 90 -7.76 44.46 -10.70
N ALA E 91 -8.10 43.17 -10.86
CA ALA E 91 -8.99 42.50 -9.92
C ALA E 91 -8.30 42.31 -8.55
N LYS E 92 -7.02 41.93 -8.57
CA LYS E 92 -6.31 41.62 -7.33
C LYS E 92 -6.01 42.90 -6.55
N ASN E 93 -5.74 44.00 -7.26
CA ASN E 93 -5.46 45.27 -6.60
C ASN E 93 -6.68 45.78 -5.85
N ILE E 94 -7.88 45.56 -6.40
CA ILE E 94 -9.11 45.95 -5.73
C ILE E 94 -9.25 45.17 -4.42
N LYS E 95 -8.97 43.87 -4.46
CA LYS E 95 -9.07 43.02 -3.29
C LYS E 95 -7.87 43.28 -2.35
N LYS E 106 -7.52 28.26 7.56
CA LYS E 106 -8.64 27.36 7.19
C LYS E 106 -8.15 25.92 7.11
N ASN E 107 -9.08 24.98 7.26
CA ASN E 107 -8.76 23.56 7.34
C ASN E 107 -9.02 22.90 5.98
N PHE E 108 -7.97 22.30 5.42
CA PHE E 108 -8.05 21.54 4.18
C PHE E 108 -7.50 20.14 4.42
N LEU E 109 -8.00 19.17 3.66
CA LEU E 109 -7.48 17.81 3.74
C LEU E 109 -6.36 17.58 2.73
N PHE E 110 -6.42 18.28 1.58
CA PHE E 110 -5.45 18.10 0.53
C PHE E 110 -4.89 19.45 0.09
N LEU E 111 -3.60 19.46 -0.27
CA LEU E 111 -3.04 20.55 -1.04
C LEU E 111 -3.57 20.47 -2.46
N ARG E 112 -3.66 21.62 -3.12
CA ARG E 112 -4.12 21.68 -4.50
C ARG E 112 -3.00 21.22 -5.42
N LEU E 113 -2.93 19.90 -5.65
CA LEU E 113 -1.95 19.30 -6.53
C LEU E 113 -2.61 18.32 -7.51
N TRP E 114 -3.84 18.66 -7.95
CA TRP E 114 -4.68 17.67 -8.63
C TRP E 114 -4.16 17.32 -10.02
N ASP E 115 -3.73 18.32 -10.77
CA ASP E 115 -3.24 18.09 -12.12
C ASP E 115 -2.04 17.14 -12.10
N ARG E 116 -1.12 17.36 -11.15
CA ARG E 116 0.02 16.48 -10.99
C ARG E 116 -0.44 15.09 -10.56
N ASN E 117 -1.36 15.03 -9.61
CA ASN E 117 -1.83 13.76 -9.09
C ASN E 117 -2.56 12.97 -10.18
N MET E 118 -3.38 13.65 -10.97
CA MET E 118 -4.10 12.99 -12.05
C MET E 118 -3.13 12.42 -13.08
N ASP E 119 -2.05 13.16 -13.39
CA ASP E 119 -1.03 12.66 -14.31
C ASP E 119 -0.37 11.40 -13.76
N ILE E 120 -0.08 11.37 -12.46
CA ILE E 120 0.53 10.20 -11.86
C ILE E 120 -0.42 9.02 -11.94
N ALA E 121 -1.71 9.25 -11.62
CA ALA E 121 -2.69 8.18 -11.62
C ALA E 121 -2.83 7.57 -13.02
N MET E 122 -2.83 8.42 -14.05
CA MET E 122 -2.90 7.94 -15.42
C MET E 122 -1.67 7.09 -15.76
N GLY E 123 -0.49 7.48 -15.28
CA GLY E 123 0.73 6.73 -15.55
C GLY E 123 0.66 5.31 -14.99
N TRP E 124 0.17 5.19 -13.76
CA TRP E 124 -0.01 3.87 -13.17
C TRP E 124 -0.97 3.02 -13.99
N LYS E 125 -2.08 3.61 -14.43
CA LYS E 125 -3.02 2.90 -15.28
C LYS E 125 -2.38 2.57 -16.63
N GLY E 126 -1.58 3.50 -17.17
CA GLY E 126 -0.87 3.26 -18.41
C GLY E 126 0.11 2.10 -18.27
N ALA E 127 0.86 2.06 -17.16
CA ALA E 127 1.80 0.99 -16.91
C ALA E 127 1.07 -0.35 -16.86
N GLN E 128 -0.09 -0.39 -16.18
CA GLN E 128 -0.88 -1.60 -16.12
C GLN E 128 -1.39 -1.97 -17.50
N ALA E 129 -1.79 -0.99 -18.31
CA ALA E 129 -2.31 -1.26 -19.64
C ALA E 129 -1.24 -1.85 -20.55
N MET E 130 0.01 -1.42 -20.42
CA MET E 130 1.06 -1.96 -21.29
C MET E 130 1.36 -3.43 -20.97
N GLN E 131 0.95 -3.91 -19.79
CA GLN E 131 1.17 -5.31 -19.41
C GLN E 131 -0.08 -6.17 -19.63
N PHE E 132 -1.29 -5.61 -19.44
CA PHE E 132 -2.49 -6.42 -19.49
C PHE E 132 -3.57 -5.84 -20.41
N GLY E 133 -3.37 -4.65 -20.96
CA GLY E 133 -4.41 -4.02 -21.76
C GLY E 133 -4.57 -4.70 -23.11
N GLN E 134 -5.73 -4.49 -23.72
CA GLN E 134 -5.98 -4.97 -25.06
C GLN E 134 -5.17 -4.14 -26.04
N PRO E 135 -4.42 -4.75 -26.98
CA PRO E 135 -3.67 -3.98 -27.95
C PRO E 135 -4.58 -3.27 -28.93
N LEU E 136 -4.21 -2.03 -29.25
CA LEU E 136 -4.82 -1.28 -30.33
C LEU E 136 -3.68 -0.71 -31.18
N VAL E 137 -3.74 -0.98 -32.49
CA VAL E 137 -2.65 -0.66 -33.38
C VAL E 137 -3.03 0.53 -34.24
N PHE E 138 -2.15 1.54 -34.24
CA PHE E 138 -2.21 2.62 -35.21
C PHE E 138 -1.15 2.33 -36.26
N ASP E 139 -1.60 2.00 -37.49
CA ASP E 139 -0.69 1.62 -38.54
C ASP E 139 -0.13 2.88 -39.20
N MET E 140 1.19 3.09 -39.08
CA MET E 140 1.83 4.30 -39.57
C MET E 140 2.47 4.08 -40.96
N ALA E 141 1.89 3.18 -41.76
CA ALA E 141 2.45 2.84 -43.07
C ALA E 141 1.85 3.69 -44.19
N TYR E 142 1.41 4.92 -43.89
CA TYR E 142 0.71 5.74 -44.88
C TYR E 142 1.45 7.05 -45.17
N GLU E 143 2.75 7.11 -44.88
CA GLU E 143 3.50 8.35 -45.08
C GLU E 143 3.57 8.69 -46.57
N ASN E 144 3.68 7.66 -47.42
CA ASN E 144 3.84 7.85 -48.86
C ASN E 144 2.57 8.41 -49.50
N TYR E 145 1.42 8.20 -48.89
CA TYR E 145 0.15 8.61 -49.48
C TYR E 145 -0.30 9.99 -48.98
N MET E 146 0.50 10.64 -48.11
CA MET E 146 0.06 11.88 -47.48
C MET E 146 1.02 13.01 -47.83
N LYS E 147 0.47 14.20 -48.07
CA LYS E 147 1.25 15.41 -48.25
C LYS E 147 1.63 15.98 -46.89
N ARG E 148 2.33 17.12 -46.91
CA ARG E 148 2.78 17.77 -45.69
C ARG E 148 1.59 18.09 -44.79
N LYS E 149 0.58 18.74 -45.34
CA LYS E 149 -0.60 19.17 -44.59
C LYS E 149 -1.31 17.97 -43.95
N GLU E 150 -1.53 16.91 -44.71
CA GLU E 150 -2.23 15.74 -44.22
C GLU E 150 -1.43 15.05 -43.12
N LEU E 151 -0.10 14.99 -43.27
CA LEU E 151 0.74 14.36 -42.26
C LEU E 151 0.70 15.15 -40.95
N GLN E 152 0.65 16.47 -41.03
CA GLN E 152 0.53 17.32 -39.86
C GLN E 152 -0.77 17.00 -39.11
N ASN E 153 -1.89 16.90 -39.84
CA ASN E 153 -3.17 16.65 -39.21
C ASN E 153 -3.22 15.24 -38.63
N THR E 154 -2.51 14.29 -39.24
CA THR E 154 -2.48 12.93 -38.72
C THR E 154 -1.89 12.93 -37.31
N VAL E 155 -0.80 13.66 -37.11
CA VAL E 155 -0.16 13.71 -35.81
C VAL E 155 -1.06 14.39 -34.77
N SER E 156 -1.76 15.45 -35.19
CA SER E 156 -2.72 16.12 -34.31
C SER E 156 -3.79 15.15 -33.82
N GLN E 157 -4.34 14.35 -34.75
CA GLN E 157 -5.34 13.37 -34.40
C GLN E 157 -4.76 12.28 -33.50
N LEU E 158 -3.50 11.90 -33.75
CA LEU E 158 -2.85 10.89 -32.91
C LEU E 158 -2.64 11.43 -31.50
N LEU E 159 -2.24 12.70 -31.38
CA LEU E 159 -2.10 13.32 -30.06
C LEU E 159 -3.42 13.27 -29.30
N GLU E 160 -4.52 13.64 -29.95
CA GLU E 160 -5.82 13.61 -29.30
C GLU E 160 -6.23 12.18 -28.95
N SER E 161 -6.02 11.24 -29.89
CA SER E 161 -6.40 9.85 -29.68
C SER E 161 -5.70 9.26 -28.47
N GLU E 162 -4.39 9.49 -28.36
CA GLU E 162 -3.62 8.97 -27.24
C GLU E 162 -4.12 9.60 -25.93
N GLY E 163 -4.49 10.88 -25.97
CA GLY E 163 -4.98 11.56 -24.79
C GLY E 163 -6.27 10.93 -24.26
N TRP E 164 -7.20 10.62 -25.17
CA TRP E 164 -8.45 10.00 -24.76
C TRP E 164 -8.21 8.60 -24.18
N ASN E 165 -7.27 7.85 -24.78
CA ASN E 165 -6.91 6.55 -24.26
C ASN E 165 -6.30 6.68 -22.86
N ARG E 166 -5.41 7.66 -22.68
CA ARG E 166 -4.68 7.81 -21.43
C ARG E 166 -5.64 8.08 -20.28
N ARG E 167 -6.66 8.91 -20.50
CA ARG E 167 -7.59 9.29 -19.46
C ARG E 167 -8.69 8.25 -19.22
N ASN E 168 -8.77 7.22 -20.06
CA ASN E 168 -9.88 6.28 -19.98
C ASN E 168 -9.76 5.41 -18.72
N VAL E 169 -10.91 4.91 -18.26
CA VAL E 169 -10.96 4.01 -17.11
C VAL E 169 -10.27 2.68 -17.43
N ASP E 170 -10.30 2.25 -18.70
CA ASP E 170 -9.65 1.02 -19.13
C ASP E 170 -8.87 1.27 -20.42
N PRO E 171 -7.68 1.88 -20.34
CA PRO E 171 -6.94 2.25 -21.54
C PRO E 171 -6.56 1.03 -22.38
N PHE E 172 -6.50 1.23 -23.70
CA PHE E 172 -5.86 0.27 -24.59
C PHE E 172 -4.36 0.26 -24.37
N HIS E 173 -3.70 -0.84 -24.76
CA HIS E 173 -2.26 -0.86 -24.93
C HIS E 173 -1.99 -0.42 -26.37
N ILE E 174 -1.78 0.88 -26.57
CA ILE E 174 -1.64 1.42 -27.91
C ILE E 174 -0.32 1.00 -28.52
N TYR E 175 -0.38 0.52 -29.77
CA TYR E 175 0.82 0.21 -30.54
C TYR E 175 0.90 1.16 -31.73
N PHE E 176 2.07 1.77 -31.91
CA PHE E 176 2.40 2.50 -33.12
C PHE E 176 3.26 1.59 -33.99
N CYS E 177 2.63 0.97 -34.99
CA CYS E 177 3.30 0.02 -35.86
C CYS E 177 3.68 0.65 -37.19
N ASN E 178 4.70 0.08 -37.84
CA ASN E 178 5.21 0.56 -39.11
C ASN E 178 5.65 2.02 -39.01
N LEU E 179 6.21 2.39 -37.86
CA LEU E 179 6.68 3.74 -37.62
C LEU E 179 8.18 3.80 -37.89
N LYS E 180 8.56 4.34 -39.04
CA LYS E 180 9.97 4.50 -39.38
C LYS E 180 10.61 5.52 -38.45
N ILE E 181 11.81 5.21 -37.96
CA ILE E 181 12.49 6.07 -37.00
C ILE E 181 12.81 7.43 -37.62
N ASP E 182 13.32 7.45 -38.85
CA ASP E 182 13.73 8.70 -39.46
C ASP E 182 12.60 9.34 -40.28
N GLY E 183 11.40 8.72 -40.29
CA GLY E 183 10.32 9.17 -41.13
C GLY E 183 9.75 10.52 -40.67
N ALA E 184 8.98 11.13 -41.56
CA ALA E 184 8.37 12.42 -41.29
C ALA E 184 7.37 12.30 -40.13
N LEU E 185 6.60 11.20 -40.11
CA LEU E 185 5.59 11.01 -39.08
C LEU E 185 6.27 10.91 -37.71
N HIS E 186 7.37 10.19 -37.62
CA HIS E 186 8.10 10.06 -36.36
C HIS E 186 8.69 11.39 -35.94
N ARG E 187 9.24 12.15 -36.89
CA ARG E 187 9.85 13.44 -36.59
C ARG E 187 8.82 14.42 -36.04
N GLU E 188 7.63 14.46 -36.67
CA GLU E 188 6.57 15.33 -36.21
C GLU E 188 6.07 14.92 -34.83
N LEU E 189 5.98 13.61 -34.59
CA LEU E 189 5.55 13.11 -33.29
C LEU E 189 6.52 13.56 -32.20
N VAL E 190 7.83 13.49 -32.50
CA VAL E 190 8.84 13.91 -31.54
C VAL E 190 8.74 15.41 -31.31
N LYS E 191 8.47 16.18 -32.37
CA LYS E 191 8.36 17.62 -32.24
C LYS E 191 7.20 18.01 -31.34
N ARG E 192 6.02 17.40 -31.56
CA ARG E 192 4.85 17.77 -30.79
C ARG E 192 4.99 17.31 -29.33
N TYR E 193 5.60 16.15 -29.10
CA TYR E 193 5.67 15.59 -27.76
C TYR E 193 6.90 16.08 -26.99
N GLN E 194 7.99 16.42 -27.68
CA GLN E 194 9.23 16.85 -27.06
C GLN E 194 9.78 15.72 -26.20
N GLU E 195 10.11 15.97 -24.93
CA GLU E 195 10.68 14.94 -24.08
C GLU E 195 9.63 13.94 -23.60
N LYS E 196 8.34 14.27 -23.74
CA LYS E 196 7.28 13.34 -23.36
C LYS E 196 7.30 12.07 -24.22
N TRP E 197 7.85 12.17 -25.44
CA TRP E 197 7.78 11.07 -26.40
C TRP E 197 8.38 9.79 -25.85
N ASP E 198 9.53 9.88 -25.19
CA ASP E 198 10.19 8.71 -24.65
C ASP E 198 9.44 8.17 -23.42
N LYS E 199 8.55 8.96 -22.84
CA LYS E 199 7.84 8.56 -21.63
C LYS E 199 6.40 8.12 -21.90
N LEU E 200 5.94 8.20 -23.15
CA LEU E 200 4.57 7.79 -23.47
C LEU E 200 4.44 6.29 -23.22
N LEU E 201 3.38 5.89 -22.50
CA LEU E 201 3.17 4.49 -22.19
C LEU E 201 2.43 3.82 -23.33
N LEU E 202 3.12 3.77 -24.47
CA LEU E 202 2.67 3.07 -25.66
C LEU E 202 3.88 2.40 -26.29
N THR E 203 3.61 1.42 -27.15
CA THR E 203 4.67 0.70 -27.85
C THR E 203 4.76 1.24 -29.27
N SER E 204 5.89 1.88 -29.59
CA SER E 204 6.16 2.35 -30.94
C SER E 204 7.26 1.49 -31.55
N THR E 205 6.99 0.89 -32.71
CA THR E 205 7.94 -0.01 -33.33
C THR E 205 7.94 0.21 -34.83
N GLU E 206 9.09 -0.12 -35.45
CA GLU E 206 9.21 -0.15 -36.90
C GLU E 206 8.51 -1.38 -37.48
N LYS E 207 8.27 -2.41 -36.66
CA LYS E 207 7.71 -3.65 -37.15
C LYS E 207 6.22 -3.51 -37.41
N SER E 208 5.72 -4.34 -38.33
CA SER E 208 4.30 -4.37 -38.66
C SER E 208 3.52 -5.08 -37.56
N HIS E 209 2.21 -4.87 -37.57
CA HIS E 209 1.32 -5.53 -36.64
C HIS E 209 1.28 -7.04 -36.88
N VAL E 210 1.50 -7.48 -38.11
CA VAL E 210 1.50 -8.91 -38.41
C VAL E 210 2.68 -9.61 -37.73
N ASP E 211 3.77 -8.87 -37.47
CA ASP E 211 4.95 -9.43 -36.83
C ASP E 211 4.80 -9.50 -35.30
N LEU E 212 3.80 -8.83 -34.73
CA LEU E 212 3.64 -8.77 -33.28
C LEU E 212 2.45 -9.59 -32.79
N PHE E 213 1.45 -9.80 -33.65
CA PHE E 213 0.23 -10.47 -33.22
C PHE E 213 -0.11 -11.59 -34.21
N PRO E 214 -0.79 -12.66 -33.74
CA PRO E 214 -1.29 -13.68 -34.65
C PRO E 214 -2.25 -13.07 -35.67
N LYS E 215 -2.18 -13.56 -36.91
CA LYS E 215 -2.98 -12.98 -37.98
C LYS E 215 -4.47 -13.20 -37.77
N ASP E 216 -4.84 -14.32 -37.14
CA ASP E 216 -6.24 -14.61 -36.90
C ASP E 216 -6.84 -13.64 -35.88
N SER E 217 -6.00 -13.02 -35.05
CA SER E 217 -6.47 -12.11 -34.00
C SER E 217 -6.59 -10.68 -34.50
N ILE E 218 -6.11 -10.38 -35.71
CA ILE E 218 -6.06 -9.03 -36.23
C ILE E 218 -7.34 -8.72 -37.00
N ILE E 219 -7.97 -7.59 -36.67
CA ILE E 219 -9.08 -7.05 -37.44
C ILE E 219 -8.68 -5.67 -37.89
N TYR E 220 -8.58 -5.47 -39.20
CA TYR E 220 -8.20 -4.19 -39.77
C TYR E 220 -9.45 -3.36 -40.05
N LEU E 221 -9.62 -2.25 -39.33
CA LEU E 221 -10.79 -1.41 -39.47
C LEU E 221 -10.62 -0.52 -40.70
N THR E 222 -11.67 -0.48 -41.53
CA THR E 222 -11.69 0.39 -42.69
C THR E 222 -13.14 0.53 -43.14
N ALA E 223 -13.53 1.75 -43.51
CA ALA E 223 -14.89 2.02 -43.95
C ALA E 223 -15.21 1.31 -45.26
N ASP E 224 -14.20 0.93 -46.04
CA ASP E 224 -14.42 0.26 -47.31
C ASP E 224 -14.63 -1.24 -47.14
N SER E 225 -14.50 -1.76 -45.93
CA SER E 225 -14.61 -3.19 -45.69
C SER E 225 -16.01 -3.67 -46.04
N PRO E 226 -16.17 -4.88 -46.64
CA PRO E 226 -17.50 -5.43 -46.86
C PRO E 226 -18.16 -6.00 -45.60
N ASN E 227 -17.36 -6.33 -44.57
CA ASN E 227 -17.88 -6.91 -43.36
C ASN E 227 -18.22 -5.80 -42.35
N VAL E 228 -19.48 -5.77 -41.91
CA VAL E 228 -19.93 -4.77 -40.97
C VAL E 228 -19.69 -5.28 -39.55
N MET E 229 -19.01 -4.47 -38.74
CA MET E 229 -18.74 -4.84 -37.35
C MET E 229 -20.07 -4.87 -36.58
N THR E 230 -20.28 -5.96 -35.83
CA THR E 230 -21.50 -6.14 -35.04
C THR E 230 -21.21 -5.96 -33.55
N THR E 231 -20.12 -6.55 -33.06
CA THR E 231 -19.79 -6.47 -31.65
C THR E 231 -18.30 -6.22 -31.49
N PHE E 232 -17.95 -5.59 -30.38
CA PHE E 232 -16.55 -5.39 -30.01
C PHE E 232 -16.03 -6.66 -29.38
N ARG E 233 -14.91 -7.17 -29.91
CA ARG E 233 -14.32 -8.41 -29.43
C ARG E 233 -13.05 -8.07 -28.65
N HIS E 234 -12.99 -8.55 -27.41
CA HIS E 234 -11.88 -8.25 -26.51
C HIS E 234 -10.65 -9.10 -26.80
N ASP E 235 -10.81 -10.18 -27.56
CA ASP E 235 -9.70 -11.07 -27.89
C ASP E 235 -9.09 -10.71 -29.24
N LYS E 236 -9.55 -9.62 -29.86
CA LYS E 236 -9.07 -9.22 -31.18
C LYS E 236 -8.18 -7.99 -31.08
N VAL E 237 -7.27 -7.86 -32.03
CA VAL E 237 -6.40 -6.70 -32.13
C VAL E 237 -6.88 -5.85 -33.30
N TYR E 238 -7.52 -4.73 -32.98
CA TYR E 238 -8.00 -3.83 -34.00
C TYR E 238 -6.87 -2.94 -34.50
N VAL E 239 -6.89 -2.68 -35.81
CA VAL E 239 -5.85 -1.90 -36.45
C VAL E 239 -6.53 -0.70 -37.10
N ILE E 240 -6.01 0.49 -36.80
CA ILE E 240 -6.50 1.73 -37.38
C ILE E 240 -5.39 2.31 -38.24
N GLY E 241 -5.75 2.68 -39.47
CA GLY E 241 -4.80 3.32 -40.36
C GLY E 241 -4.59 4.78 -40.02
N SER E 242 -3.34 5.14 -39.70
CA SER E 242 -2.99 6.53 -39.44
C SER E 242 -2.87 7.28 -40.76
N PHE E 243 -4.03 7.63 -41.33
CA PHE E 243 -4.09 8.11 -42.69
C PHE E 243 -5.19 9.15 -42.79
N VAL E 244 -4.79 10.43 -42.82
CA VAL E 244 -5.72 11.52 -43.04
C VAL E 244 -5.68 11.86 -44.53
N ASP E 245 -6.64 11.33 -45.29
CA ASP E 245 -6.69 11.54 -46.73
C ASP E 245 -7.71 12.62 -47.06
N LYS E 246 -7.33 13.88 -46.92
CA LYS E 246 -8.16 14.99 -47.39
C LYS E 246 -8.35 14.86 -48.90
N SER E 247 -7.26 14.53 -49.62
CA SER E 247 -7.34 14.06 -50.99
C SER E 247 -7.71 12.58 -50.94
N MET E 248 -9.02 12.30 -51.00
CA MET E 248 -9.55 10.98 -50.71
C MET E 248 -8.95 9.93 -51.64
N GLN E 249 -8.49 8.82 -51.03
CA GLN E 249 -7.92 7.69 -51.75
C GLN E 249 -8.62 6.43 -51.27
N PRO E 250 -9.84 6.15 -51.78
CA PRO E 250 -10.61 4.99 -51.31
C PRO E 250 -9.89 3.68 -51.61
N GLY E 251 -10.00 2.74 -50.67
CA GLY E 251 -9.52 1.38 -50.86
C GLY E 251 -8.04 1.21 -50.53
N THR E 252 -7.32 2.29 -50.20
CA THR E 252 -5.91 2.18 -49.87
C THR E 252 -5.75 1.34 -48.60
N SER E 253 -6.56 1.65 -47.59
CA SER E 253 -6.52 0.94 -46.32
C SER E 253 -6.93 -0.52 -46.52
N LEU E 254 -7.99 -0.75 -47.31
CA LEU E 254 -8.46 -2.11 -47.60
C LEU E 254 -7.40 -2.91 -48.37
N ALA E 255 -6.67 -2.25 -49.26
CA ALA E 255 -5.65 -2.93 -50.06
C ALA E 255 -4.52 -3.45 -49.17
N LYS E 256 -4.14 -2.69 -48.15
CA LYS E 256 -3.10 -3.12 -47.23
C LYS E 256 -3.53 -4.38 -46.48
N ALA E 257 -4.82 -4.44 -46.10
CA ALA E 257 -5.35 -5.59 -45.39
C ALA E 257 -5.61 -6.77 -46.31
N LYS E 258 -5.49 -6.59 -47.63
CA LYS E 258 -5.63 -7.70 -48.57
C LYS E 258 -4.27 -8.19 -49.06
N ARG E 259 -3.27 -7.32 -49.09
CA ARG E 259 -1.92 -7.74 -49.45
C ARG E 259 -1.42 -8.79 -48.45
N LEU E 260 -1.65 -8.53 -47.16
CA LEU E 260 -1.49 -9.52 -46.12
C LEU E 260 -2.88 -9.92 -45.64
N ASN E 261 -3.18 -11.21 -45.67
CA ASN E 261 -4.56 -11.69 -45.60
C ASN E 261 -5.13 -11.45 -44.21
N LEU E 262 -5.59 -10.21 -43.98
CA LEU E 262 -6.12 -9.79 -42.69
C LEU E 262 -7.62 -9.58 -42.82
N ALA E 263 -8.35 -9.94 -41.77
CA ALA E 263 -9.78 -9.66 -41.71
C ALA E 263 -10.01 -8.15 -41.62
N THR E 264 -11.11 -7.70 -42.22
CA THR E 264 -11.49 -6.29 -42.22
C THR E 264 -12.90 -6.15 -41.68
N GLU E 265 -13.15 -5.00 -41.06
CA GLU E 265 -14.48 -4.66 -40.57
C GLU E 265 -14.69 -3.16 -40.75
N CYS E 266 -15.97 -2.77 -40.88
CA CYS E 266 -16.36 -1.38 -40.95
C CYS E 266 -17.38 -1.09 -39.86
N LEU E 267 -17.41 0.16 -39.42
CA LEU E 267 -18.39 0.58 -38.45
C LEU E 267 -19.79 0.47 -39.05
N PRO E 268 -20.80 0.05 -38.26
CA PRO E 268 -22.18 0.00 -38.72
C PRO E 268 -22.88 1.36 -38.75
N LEU E 269 -22.30 2.29 -39.51
CA LEU E 269 -22.82 3.65 -39.56
C LEU E 269 -24.20 3.67 -40.22
N ASP E 270 -24.36 2.92 -41.31
CA ASP E 270 -25.63 2.88 -42.01
C ASP E 270 -26.68 2.13 -41.20
N LYS E 271 -26.25 1.11 -40.44
CA LYS E 271 -27.18 0.30 -39.68
C LYS E 271 -27.85 1.11 -38.57
N TYR E 272 -27.10 2.02 -37.94
CA TYR E 272 -27.61 2.71 -36.77
C TYR E 272 -27.93 4.19 -37.03
N LEU E 273 -27.28 4.82 -38.01
CA LEU E 273 -27.40 6.26 -38.20
C LEU E 273 -28.05 6.54 -39.55
N GLN E 274 -28.93 7.55 -39.56
CA GLN E 274 -29.51 8.07 -40.79
C GLN E 274 -28.53 9.06 -41.39
N TRP E 275 -27.62 8.55 -42.21
CA TRP E 275 -26.55 9.37 -42.76
C TRP E 275 -27.12 10.41 -43.73
N GLU E 276 -26.62 11.64 -43.64
CA GLU E 276 -27.03 12.71 -44.54
C GLU E 276 -25.89 13.18 -45.44
N ILE E 277 -24.79 13.65 -44.84
CA ILE E 277 -23.69 14.24 -45.61
C ILE E 277 -22.36 13.75 -45.05
N GLY E 278 -21.31 14.06 -45.81
CA GLY E 278 -19.95 13.95 -45.32
C GLY E 278 -19.36 12.56 -45.53
N ASN E 279 -18.04 12.50 -45.38
CA ASN E 279 -17.28 11.28 -45.55
C ASN E 279 -17.65 10.31 -44.42
N LYS E 280 -17.72 9.03 -44.75
CA LYS E 280 -17.94 7.99 -43.76
C LYS E 280 -16.63 7.52 -43.12
N ASN E 281 -15.50 8.06 -43.56
CA ASN E 281 -14.22 7.81 -42.92
C ASN E 281 -14.03 8.80 -41.78
N LEU E 282 -14.18 8.32 -40.54
CA LEU E 282 -14.09 9.16 -39.37
C LEU E 282 -12.63 9.42 -38.99
N THR E 283 -12.42 10.41 -38.13
CA THR E 283 -11.08 10.78 -37.70
C THR E 283 -10.56 9.76 -36.68
N LEU E 284 -9.25 9.82 -36.41
CA LEU E 284 -8.62 8.90 -35.49
C LEU E 284 -9.18 9.07 -34.07
N ASP E 285 -9.33 10.31 -33.63
CA ASP E 285 -9.81 10.58 -32.28
C ASP E 285 -11.25 10.07 -32.12
N GLN E 286 -12.07 10.20 -33.16
CA GLN E 286 -13.43 9.69 -33.11
C GLN E 286 -13.42 8.16 -33.05
N MET E 287 -12.52 7.53 -33.80
CA MET E 287 -12.47 6.07 -33.85
C MET E 287 -12.11 5.50 -32.47
N ILE E 288 -11.09 6.06 -31.82
CA ILE E 288 -10.66 5.49 -30.55
C ILE E 288 -11.71 5.69 -29.47
N ARG E 289 -12.42 6.82 -29.52
CA ARG E 289 -13.49 7.08 -28.57
C ARG E 289 -14.65 6.11 -28.78
N ILE E 290 -14.97 5.80 -30.04
CA ILE E 290 -15.98 4.80 -30.35
C ILE E 290 -15.53 3.44 -29.80
N LEU E 291 -14.29 3.06 -30.07
CA LEU E 291 -13.77 1.78 -29.61
C LEU E 291 -13.68 1.72 -28.09
N LEU E 292 -13.27 2.83 -27.46
CA LEU E 292 -13.18 2.88 -26.01
C LEU E 292 -14.55 2.69 -25.37
N CYS E 293 -15.57 3.30 -25.95
CA CYS E 293 -16.93 3.16 -25.44
C CYS E 293 -17.39 1.71 -25.59
N LEU E 294 -17.12 1.10 -26.76
CA LEU E 294 -17.52 -0.27 -26.99
C LEU E 294 -16.79 -1.24 -26.05
N LYS E 295 -15.49 -1.01 -25.83
CA LYS E 295 -14.73 -1.87 -24.95
C LYS E 295 -15.28 -1.83 -23.53
N ASN E 296 -15.83 -0.68 -23.11
CA ASN E 296 -16.35 -0.51 -21.77
C ASN E 296 -17.84 -0.86 -21.70
N ASN E 297 -18.29 -1.79 -22.55
CA ASN E 297 -19.63 -2.36 -22.50
C ASN E 297 -20.71 -1.36 -22.92
N GLY E 298 -20.31 -0.26 -23.55
CA GLY E 298 -21.28 0.64 -24.15
C GLY E 298 -21.91 0.01 -25.40
N ASN E 299 -23.14 0.40 -25.68
CA ASN E 299 -23.84 -0.09 -26.86
C ASN E 299 -23.54 0.83 -28.03
N TRP E 300 -24.07 0.47 -29.20
CA TRP E 300 -23.78 1.20 -30.42
C TRP E 300 -24.37 2.61 -30.39
N GLN E 301 -25.42 2.84 -29.60
CA GLN E 301 -26.01 4.17 -29.53
C GLN E 301 -25.10 5.11 -28.75
N GLU E 302 -24.51 4.64 -27.66
CA GLU E 302 -23.57 5.46 -26.91
C GLU E 302 -22.26 5.63 -27.69
N ALA E 303 -21.78 4.53 -28.30
CA ALA E 303 -20.50 4.56 -29.01
C ALA E 303 -20.55 5.52 -30.19
N LEU E 304 -21.67 5.54 -30.92
CA LEU E 304 -21.78 6.35 -32.12
C LEU E 304 -22.12 7.81 -31.80
N GLN E 305 -22.16 8.19 -30.53
CA GLN E 305 -22.30 9.59 -30.17
C GLN E 305 -21.10 10.40 -30.65
N PHE E 306 -19.93 9.76 -30.80
CA PHE E 306 -18.73 10.46 -31.22
C PHE E 306 -18.66 10.66 -32.72
N VAL E 307 -19.59 10.07 -33.48
CA VAL E 307 -19.72 10.42 -34.88
C VAL E 307 -20.21 11.86 -34.95
N PRO E 308 -19.60 12.74 -35.79
CA PRO E 308 -20.04 14.13 -35.87
C PRO E 308 -21.53 14.24 -36.18
N LYS E 309 -22.22 15.08 -35.40
CA LYS E 309 -23.67 15.24 -35.54
C LYS E 309 -24.03 15.81 -36.90
N ARG E 310 -23.13 16.58 -37.51
CA ARG E 310 -23.41 17.22 -38.78
C ARG E 310 -23.57 16.20 -39.90
N LYS E 311 -23.13 14.96 -39.70
CA LYS E 311 -23.10 13.97 -40.77
C LYS E 311 -24.36 13.12 -40.82
N HIS E 312 -25.22 13.18 -39.81
CA HIS E 312 -26.42 12.36 -39.77
C HIS E 312 -27.57 13.11 -39.11
N THR E 313 -28.78 12.55 -39.24
CA THR E 313 -29.98 13.15 -38.69
C THR E 313 -30.53 12.34 -37.51
N GLY E 314 -29.71 11.44 -36.95
CA GLY E 314 -30.09 10.77 -35.73
C GLY E 314 -29.97 9.25 -35.83
N PHE E 315 -30.36 8.57 -34.75
CA PHE E 315 -30.22 7.13 -34.63
C PHE E 315 -31.51 6.45 -35.09
N LEU E 316 -31.45 5.78 -36.24
CA LEU E 316 -32.61 5.09 -36.77
C LEU E 316 -32.78 3.71 -36.11
#